data_9MN5
#
_entry.id   9MN5
#
_cell.length_a   1.00
_cell.length_b   1.00
_cell.length_c   1.00
_cell.angle_alpha   90.00
_cell.angle_beta   90.00
_cell.angle_gamma   90.00
#
_symmetry.space_group_name_H-M   'P 1'
#
loop_
_entity.id
_entity.type
_entity.pdbx_description
1 polymer 'Transcription factor A, mitochondrial'
2 polymer 'Dimethyladenosine transferase 2, mitochondrial'
3 polymer 'DNA-directed RNA polymerase, mitochondrial'
4 polymer 'Non-Template strand'
5 polymer 'Template strand'
#
loop_
_entity_poly.entity_id
_entity_poly.type
_entity_poly.pdbx_seq_one_letter_code
_entity_poly.pdbx_strand_id
1 'polypeptide(L)'
;MAFLRSMWGVLSALGRSGAELCTGCGSRLRSPFSFVYLPRWFSSVLASSPKKPVSSYLRFSKEQLPIFKAQNPDAKTTEL
IRRIAQRWRELPDSKKKIYQDAYRAEWQVYKEEISRFKEQLTPSQIMSLEKEIMDKHLKRKAMTKKKELTLLGKPKRPRS
AYNVYVAERFQEAKGDSPQEKLKTVKENWKNLSDSEKELYIQHAKEDETRYHNEMKSWEEQMIEVGRKDLLRRTIKKQRK
YGAEEC
;
A
2 'polypeptide(L)'
;MWIPVVGLPRRLRLSALAGAGRFCILGSEAATRKHLPARNHCGLSDSSPQLWPEPDFRNPPRKASKASLDFKRYVTDRRL
AETLAQIYLGKPSRPPHLLLECNPGPGILTQALLEAGAKVVALESDKTFIPHLESLGKNLDGKLRVIHCDFFKLDPRSGG
VIKPPAMSSRGLFKNLGIEAVPWTADIPLKVVGMFPSRGEKRALWKLAYDLYSCTSIYKFGRIEVNMFIGEKEFQKLMAD
PGNPDLYHVLSVIWQLACEIKVLHMEPWSSFDIYTRKGPLENPKRRELLDQLQQKLYLIQMIPRQNLFTKNLTPMNYNIF
FHLLKHCFGRRSATVIDHLRSLTPLDARDILMQIGKQEDEKVVNMHPQDFKTLFETIERSKDCAYKWLYDETLEDR
;
B
3 'polypeptide(L)'
;MSALCWGRGAAGLKRALRPCGRPGLPGKEGTAGGVCGPRRSSSASPQEQDQDRRKDWGHVELLEVLQARVRQLQAESVSE
VVVNRVDVARLPECGSGDGSLQPPRKVQMGAKDATPVPCGRWAKILEKDKRTQQMRMQRLKAKLQMPFQSGEFKALTRRL
QVEPRLLSKQMAGCLEDCTRQAPESPWEEQLARLLQEAPGKLSLDVEQAPSGQHSQAQLSGQQQRLLAFFKCCLLTDQLP
LAHHLLVVHHGQRQKRKLLTLDMYNAVMLGWARQGAFKELVYVLFMVKDAGLTPDLLSYAAALQCMGRQDQDAGTIERCL
EQMSQEGLKLQALFTAVLLSEEDRATVLKAVHKVKPTFSLPPQLPPPVNTSKLLRDVYAKDGRVSYPKLHLPLKTLQCLF
EKQLHMELASRVCVVSVEKPTLPSKEVKHARKTLKTLRDQWEKALCRALRETKNRLEREVYEGRFSLYPFLCLLDEREVV
RMLLQVLQALPAQGESFTTLARELSARTFSRHVVQRQRVSGQVQALQNHYRKYLCLLASDAEVPEPCLPRQYWEELGAPE
ALREQPWPLPVQMELGKLLAEMLVQATQMPCSLDKPHRSSRLVPVLYHVYSFRNVQQIGILKPHPAYVQLLEKAAEPTLT
FEAVDVPMLCPPLPWTSPHSGAFLLSPTKLMRTVEGATQHQELLETCPPTALHGALDALTQLGNCAWRVNGRVLDLVLQL
FQAKGCPQLGVPAPPSEAPQPPEAHLPHSAAPARKAELRRELAHCQKVAREMHSLRAEALYRLSLAQHLRDRVFWLPHNM
DFRGRTYPCPPHFNHLGSDVARALLEFAQGRPLGPHGLDWLKIHLVNLTGLKKREPLRKRLAFAEEVMDDILDSADQPLT
GRKWWMGAEEPWQTLACCMEVANAVRASDPAAYVSHLPVHQDGSCNGLQHYAALGRDSVGAASVNLEPSDVPQDVYSGVA
AQVEVFRRQDAQRGMRVAQVLEGFITRKVVKQTVMTVVYGVTRYGGRLQIEKRLRELSDFPQEFVWEASHYLVRQVFKSL
QEMFSGTRAIQHWLTESARLISHMGSVVEWVTPLGVPVIQPYRLDSKVKQIGGGIQSITYTHNGDISRKPNTRKQKNGFP
PNFIHSLDSSHMMLTALHCYRKGLTFVSVHDCYWTHAADVSVMNQVCREQFVRLHSEPILQDLSRFLVKRFCSEPQKILE
ASQLKETLQAVPKPGAFDLEQVKRSTYFFS
;
E
4 'polydeoxyribonucleotide'
;(DG)(DA)(DA)(DA)(DA)(DT)(DA)(DA)(DT)(DG)(DT)(DG)(DT)(DT)(DA)(DG)(DT)(DT)(DG)(DG)
(DG)(DG)(DG)(DG)(DT)(DG)(DA)(DC)(DT)(DG)(DT)(DT)(DA)(DA)(DA)(DA)(DG)(DT)(DG)(DC)
(DA)(DT)(DA)(DC)(DC)(DG)(DC)(DC)(DA)(DA)(DA)(DA)(DG)(DA)(DT)(DA)(DG)(DG)(DC)(DC)
;
N
5 'polydeoxyribonucleotide'
;(DG)(DG)(DC)(DC)(DT)(DA)(DT)(DC)(DT)(DC)(DC)(DC)(DA)(DG)(DC)(DG)(DG)(DT)(DA)(DT)
(DG)(DC)(DA)(DC)(DT)(DT)(DT)(DT)(DA)(DA)(DC)(DA)(DG)(DT)(DC)(DA)(DC)(DC)(DC)(DC)
(DC)(DC)(DA)(DA)(DC)(DT)(DA)(DA)(DC)(DA)(DC)(DA)(DT)(DT)(DA)(DT)(DT)(DT)(DT)(DC)
;
T
#
loop_
_chem_comp.id
_chem_comp.type
_chem_comp.name
_chem_comp.formula
DA DNA linking 2'-DEOXYADENOSINE-5'-MONOPHOSPHATE 'C10 H14 N5 O6 P'
DC DNA linking 2'-DEOXYCYTIDINE-5'-MONOPHOSPHATE 'C9 H14 N3 O7 P'
DG DNA linking 2'-DEOXYGUANOSINE-5'-MONOPHOSPHATE 'C10 H14 N5 O7 P'
DT DNA linking THYMIDINE-5'-MONOPHOSPHATE 'C10 H15 N2 O8 P'
#
# COMPACT_ATOMS: atom_id res chain seq x y z
N SER A 43 -57.95 -13.14 4.63
CA SER A 43 -57.14 -14.32 4.90
C SER A 43 -55.74 -14.17 4.33
N SER A 44 -55.47 -13.01 3.73
CA SER A 44 -54.18 -12.71 3.12
C SER A 44 -53.51 -11.57 3.89
N VAL A 45 -52.22 -11.74 4.17
CA VAL A 45 -51.47 -10.70 4.87
C VAL A 45 -51.33 -9.45 4.01
N LEU A 46 -51.24 -9.62 2.68
CA LEU A 46 -51.10 -8.51 1.76
C LEU A 46 -52.34 -7.62 1.77
N ALA A 47 -52.20 -6.43 1.16
CA ALA A 47 -53.26 -5.43 1.17
C ALA A 47 -54.45 -5.81 0.30
N SER A 48 -54.37 -6.90 -0.46
CA SER A 48 -55.49 -7.31 -1.29
C SER A 48 -56.69 -7.71 -0.45
N SER A 49 -56.46 -8.47 0.63
CA SER A 49 -57.58 -8.93 1.46
C SER A 49 -58.33 -7.81 2.18
N PRO A 50 -57.69 -6.77 2.76
CA PRO A 50 -58.48 -5.64 3.27
C PRO A 50 -58.85 -4.71 2.11
N LYS A 51 -59.58 -3.65 2.45
CA LYS A 51 -59.98 -2.64 1.49
C LYS A 51 -59.05 -1.45 1.60
N LYS A 52 -58.31 -1.17 0.53
CA LYS A 52 -57.43 -0.01 0.54
C LYS A 52 -58.16 1.23 0.04
N PRO A 53 -58.10 2.35 0.74
CA PRO A 53 -58.81 3.56 0.28
C PRO A 53 -58.12 4.16 -0.94
N VAL A 54 -58.90 4.36 -2.00
CA VAL A 54 -58.39 5.03 -3.18
C VAL A 54 -58.17 6.51 -2.86
N SER A 55 -57.11 7.09 -3.41
CA SER A 55 -56.79 8.49 -3.16
C SER A 55 -57.90 9.39 -3.71
N SER A 56 -58.17 10.48 -2.99
CA SER A 56 -59.31 11.34 -3.28
C SER A 56 -59.25 11.97 -4.67
N TYR A 57 -58.09 12.55 -5.03
CA TYR A 57 -57.90 13.01 -6.40
C TYR A 57 -57.97 11.85 -7.37
N LEU A 58 -57.35 10.73 -6.99
CA LEU A 58 -57.35 9.54 -7.82
C LEU A 58 -58.77 9.00 -7.99
N ARG A 59 -59.58 9.08 -6.94
CA ARG A 59 -60.99 8.76 -7.04
C ARG A 59 -61.76 9.72 -7.93
N PHE A 60 -61.41 11.01 -7.93
CA PHE A 60 -62.02 11.96 -8.86
C PHE A 60 -61.72 11.58 -10.31
N SER A 61 -60.44 11.33 -10.61
CA SER A 61 -60.06 10.91 -11.96
C SER A 61 -60.65 9.56 -12.33
N LYS A 62 -60.88 8.70 -11.33
CA LYS A 62 -61.50 7.41 -11.58
C LYS A 62 -62.99 7.57 -11.89
N GLU A 63 -63.69 8.42 -11.13
CA GLU A 63 -65.13 8.55 -11.27
C GLU A 63 -65.52 9.38 -12.49
N GLN A 64 -64.63 10.26 -12.97
CA GLN A 64 -64.95 10.98 -14.19
C GLN A 64 -64.94 10.07 -15.41
N LEU A 65 -64.21 8.95 -15.37
CA LEU A 65 -64.13 8.07 -16.53
C LEU A 65 -65.48 7.45 -16.92
N PRO A 66 -66.28 6.85 -16.02
CA PRO A 66 -67.60 6.37 -16.46
C PRO A 66 -68.52 7.48 -16.93
N ILE A 67 -68.34 8.70 -16.43
CA ILE A 67 -69.21 9.81 -16.83
C ILE A 67 -69.03 10.11 -18.31
N PHE A 68 -67.79 10.29 -18.76
CA PHE A 68 -67.55 10.53 -20.18
C PHE A 68 -67.63 9.26 -21.00
N LYS A 69 -67.57 8.08 -20.35
CA LYS A 69 -67.89 6.85 -21.08
C LYS A 69 -69.37 6.80 -21.44
N ALA A 70 -70.24 7.23 -20.53
CA ALA A 70 -71.67 7.25 -20.80
C ALA A 70 -72.04 8.40 -21.73
N GLN A 71 -71.38 9.55 -21.59
CA GLN A 71 -71.64 10.67 -22.48
C GLN A 71 -71.23 10.34 -23.91
N ASN A 72 -70.11 9.64 -24.08
CA ASN A 72 -69.60 9.24 -25.40
C ASN A 72 -69.48 7.72 -25.42
N PRO A 73 -70.57 7.02 -25.75
CA PRO A 73 -70.51 5.55 -25.79
C PRO A 73 -69.62 5.05 -26.92
N ASP A 74 -68.91 3.95 -26.64
CA ASP A 74 -68.01 3.26 -27.55
C ASP A 74 -66.86 4.15 -28.05
N ALA A 75 -66.65 5.31 -27.45
CA ALA A 75 -65.54 6.16 -27.84
C ALA A 75 -64.26 5.69 -27.18
N LYS A 76 -63.13 6.13 -27.74
CA LYS A 76 -61.83 5.77 -27.20
C LYS A 76 -61.58 6.53 -25.90
N THR A 77 -61.14 5.81 -24.86
CA THR A 77 -60.78 6.46 -23.61
C THR A 77 -59.49 7.27 -23.73
N THR A 78 -58.76 7.13 -24.84
CA THR A 78 -57.59 7.91 -25.18
C THR A 78 -57.86 9.40 -25.07
N GLU A 79 -59.04 9.83 -25.54
CA GLU A 79 -59.40 11.24 -25.47
C GLU A 79 -60.22 11.54 -24.21
N LEU A 80 -60.90 10.54 -23.65
CA LEU A 80 -61.63 10.72 -22.39
C LEU A 80 -60.70 11.11 -21.25
N ILE A 81 -59.59 10.38 -21.11
CA ILE A 81 -58.64 10.70 -20.05
C ILE A 81 -57.94 12.01 -20.34
N ARG A 82 -57.71 12.32 -21.62
CA ARG A 82 -57.13 13.63 -21.97
C ARG A 82 -58.06 14.77 -21.56
N ARG A 83 -59.37 14.60 -21.77
CA ARG A 83 -60.34 15.57 -21.30
C ARG A 83 -60.35 15.67 -19.78
N ILE A 84 -60.20 14.54 -19.10
CA ILE A 84 -60.13 14.53 -17.64
C ILE A 84 -58.91 15.31 -17.16
N ALA A 85 -57.76 15.11 -17.81
CA ALA A 85 -56.54 15.80 -17.43
C ALA A 85 -56.63 17.29 -17.71
N GLN A 86 -57.26 17.66 -18.83
CA GLN A 86 -57.47 19.07 -19.14
C GLN A 86 -58.39 19.71 -18.09
N ARG A 87 -59.43 19.00 -17.68
CA ARG A 87 -60.32 19.48 -16.62
C ARG A 87 -59.58 19.67 -15.32
N TRP A 88 -58.71 18.72 -14.95
CA TRP A 88 -57.97 18.82 -13.70
C TRP A 88 -56.94 19.94 -13.74
N ARG A 89 -56.32 20.16 -14.89
CA ARG A 89 -55.36 21.26 -15.01
C ARG A 89 -56.06 22.60 -15.01
N GLU A 90 -57.28 22.67 -15.54
CA GLU A 90 -57.99 23.94 -15.61
C GLU A 90 -58.60 24.36 -14.27
N LEU A 91 -59.03 23.40 -13.45
CA LEU A 91 -59.72 23.74 -12.21
C LEU A 91 -58.75 24.34 -11.18
N PRO A 92 -59.24 25.22 -10.31
CA PRO A 92 -58.36 25.86 -9.33
C PRO A 92 -57.96 24.91 -8.22
N ASP A 93 -57.04 25.40 -7.37
CA ASP A 93 -56.40 24.58 -6.35
C ASP A 93 -57.22 24.42 -5.08
N SER A 94 -58.36 25.11 -4.95
CA SER A 94 -59.18 24.95 -3.75
C SER A 94 -59.76 23.54 -3.65
N LYS A 95 -60.22 23.00 -4.78
CA LYS A 95 -60.70 21.63 -4.79
C LYS A 95 -59.58 20.64 -4.50
N LYS A 96 -58.37 20.95 -4.99
CA LYS A 96 -57.21 20.12 -4.63
C LYS A 96 -56.94 20.18 -3.14
N LYS A 97 -57.12 21.34 -2.51
CA LYS A 97 -56.89 21.45 -1.07
C LYS A 97 -57.92 20.68 -0.27
N ILE A 98 -59.20 20.78 -0.65
CA ILE A 98 -60.22 20.05 0.10
C ILE A 98 -60.09 18.55 -0.13
N TYR A 99 -59.65 18.14 -1.33
CA TYR A 99 -59.40 16.73 -1.57
C TYR A 99 -58.16 16.26 -0.81
N GLN A 100 -57.20 17.16 -0.58
CA GLN A 100 -56.07 16.85 0.29
C GLN A 100 -56.53 16.60 1.71
N ASP A 101 -57.46 17.42 2.19
CA ASP A 101 -58.01 17.21 3.53
C ASP A 101 -58.74 15.89 3.63
N ALA A 102 -59.53 15.56 2.59
CA ALA A 102 -60.24 14.28 2.57
C ALA A 102 -59.27 13.11 2.55
N TYR A 103 -58.24 13.19 1.70
CA TYR A 103 -57.24 12.12 1.64
C TYR A 103 -56.42 12.05 2.92
N ARG A 104 -56.27 13.17 3.63
CA ARG A 104 -55.61 13.14 4.92
C ARG A 104 -56.45 12.39 5.95
N ALA A 105 -57.77 12.60 5.93
CA ALA A 105 -58.65 11.83 6.80
C ALA A 105 -58.58 10.33 6.48
N GLU A 106 -58.59 10.00 5.18
CA GLU A 106 -58.45 8.59 4.80
C GLU A 106 -57.07 8.05 5.15
N TRP A 107 -56.04 8.90 5.14
CA TRP A 107 -54.71 8.47 5.55
C TRP A 107 -54.68 8.16 7.05
N GLN A 108 -55.39 8.96 7.84
CA GLN A 108 -55.47 8.68 9.28
C GLN A 108 -56.22 7.38 9.55
N VAL A 109 -57.34 7.15 8.85
CA VAL A 109 -58.06 5.91 9.09
C VAL A 109 -57.27 4.71 8.54
N TYR A 110 -56.51 4.89 7.46
CA TYR A 110 -55.62 3.84 6.99
C TYR A 110 -54.51 3.59 7.99
N LYS A 111 -54.03 4.64 8.65
CA LYS A 111 -52.99 4.49 9.67
C LYS A 111 -53.50 3.67 10.84
N GLU A 112 -54.72 3.95 11.30
CA GLU A 112 -55.23 3.15 12.42
C GLU A 112 -55.56 1.72 11.99
N GLU A 113 -55.98 1.52 10.73
CA GLU A 113 -56.16 0.16 10.22
C GLU A 113 -54.84 -0.61 10.17
N ILE A 114 -53.77 0.04 9.72
CA ILE A 114 -52.46 -0.59 9.70
C ILE A 114 -51.96 -0.84 11.13
N SER A 115 -52.29 0.05 12.06
CA SER A 115 -51.89 -0.16 13.45
C SER A 115 -52.57 -1.39 14.04
N ARG A 116 -53.89 -1.52 13.84
CA ARG A 116 -54.57 -2.71 14.37
C ARG A 116 -54.16 -3.97 13.62
N PHE A 117 -53.82 -3.85 12.34
CA PHE A 117 -53.29 -5.00 11.60
C PHE A 117 -51.95 -5.45 12.16
N LYS A 118 -51.06 -4.49 12.46
CA LYS A 118 -49.77 -4.82 13.07
C LYS A 118 -49.95 -5.41 14.46
N GLU A 119 -50.98 -4.98 15.19
CA GLU A 119 -51.33 -5.66 16.43
C GLU A 119 -51.75 -7.09 16.16
N GLN A 120 -52.47 -7.32 15.05
CA GLN A 120 -52.84 -8.67 14.65
C GLN A 120 -51.65 -9.45 14.07
N LEU A 121 -50.71 -8.77 13.42
CA LEU A 121 -49.61 -9.45 12.75
C LEU A 121 -48.66 -10.11 13.74
N THR A 122 -47.99 -11.16 13.26
CA THR A 122 -46.96 -11.89 13.95
C THR A 122 -45.68 -11.85 13.12
N PRO A 123 -44.50 -12.02 13.73
CA PRO A 123 -43.26 -12.05 12.92
C PRO A 123 -43.22 -13.13 11.86
N SER A 124 -43.83 -14.29 12.12
CA SER A 124 -43.97 -15.30 11.08
C SER A 124 -44.84 -14.80 9.94
N GLN A 125 -45.91 -14.05 10.28
CA GLN A 125 -46.74 -13.44 9.24
C GLN A 125 -45.99 -12.37 8.48
N ILE A 126 -45.08 -11.63 9.14
CA ILE A 126 -44.24 -10.67 8.44
C ILE A 126 -43.30 -11.38 7.46
N MET A 127 -42.72 -12.51 7.89
CA MET A 127 -41.86 -13.28 7.01
C MET A 127 -42.64 -13.82 5.81
N SER A 128 -43.87 -14.29 6.05
CA SER A 128 -44.71 -14.76 4.95
C SER A 128 -45.07 -13.62 4.01
N LEU A 129 -45.32 -12.43 4.54
CA LEU A 129 -45.60 -11.25 3.72
C LEU A 129 -44.41 -10.91 2.84
N GLU A 130 -43.20 -10.94 3.41
CA GLU A 130 -42.00 -10.68 2.62
C GLU A 130 -41.82 -11.72 1.54
N LYS A 131 -42.10 -12.99 1.86
CA LYS A 131 -42.01 -14.05 0.86
C LYS A 131 -43.01 -13.83 -0.27
N GLU A 132 -44.22 -13.39 0.06
CA GLU A 132 -45.21 -13.08 -0.96
C GLU A 132 -44.76 -11.90 -1.82
N ILE A 133 -44.10 -10.90 -1.21
CA ILE A 133 -43.58 -9.78 -1.98
C ILE A 133 -42.51 -10.23 -2.97
N MET A 134 -41.59 -11.10 -2.52
CA MET A 134 -40.58 -11.63 -3.43
C MET A 134 -41.21 -12.47 -4.54
N ASP A 135 -42.23 -13.25 -4.22
CA ASP A 135 -42.93 -14.04 -5.24
C ASP A 135 -43.62 -13.14 -6.25
N LYS A 136 -44.22 -12.04 -5.77
CA LYS A 136 -44.84 -11.06 -6.68
C LYS A 136 -43.80 -10.42 -7.58
N HIS A 137 -42.62 -10.10 -7.03
CA HIS A 137 -41.55 -9.54 -7.85
C HIS A 137 -41.09 -10.52 -8.92
N LEU A 138 -40.94 -11.80 -8.56
CA LEU A 138 -40.56 -12.81 -9.54
C LEU A 138 -41.63 -12.96 -10.62
N LYS A 139 -42.90 -12.95 -10.22
CA LYS A 139 -44.00 -13.10 -11.18
C LYS A 139 -44.05 -11.92 -12.15
N ARG A 140 -43.90 -10.70 -11.63
CA ARG A 140 -43.94 -9.54 -12.52
C ARG A 140 -42.70 -9.47 -13.40
N LYS A 141 -41.54 -9.93 -12.90
CA LYS A 141 -40.35 -9.99 -13.74
C LYS A 141 -40.55 -10.99 -14.87
N ALA A 142 -41.12 -12.15 -14.57
CA ALA A 142 -41.38 -13.15 -15.61
C ALA A 142 -42.38 -12.62 -16.64
N MET A 143 -43.44 -11.97 -16.18
CA MET A 143 -44.43 -11.42 -17.10
C MET A 143 -43.82 -10.32 -17.97
N THR A 144 -42.99 -9.46 -17.38
CA THR A 144 -42.34 -8.39 -18.14
C THR A 144 -41.38 -8.95 -19.18
N LYS A 145 -40.57 -9.95 -18.82
CA LYS A 145 -39.64 -10.49 -19.80
C LYS A 145 -40.36 -11.26 -20.90
N LYS A 146 -41.46 -11.94 -20.56
CA LYS A 146 -42.25 -12.61 -21.58
C LYS A 146 -42.89 -11.60 -22.54
N LYS A 147 -43.38 -10.47 -22.00
CA LYS A 147 -43.95 -9.44 -22.86
C LYS A 147 -42.88 -8.80 -23.75
N GLU A 148 -41.67 -8.59 -23.21
CA GLU A 148 -40.59 -8.07 -24.04
C GLU A 148 -40.19 -9.06 -25.13
N LEU A 149 -40.19 -10.36 -24.82
CA LEU A 149 -39.90 -11.35 -25.85
C LEU A 149 -40.97 -11.37 -26.93
N THR A 150 -42.25 -11.32 -26.54
CA THR A 150 -43.33 -11.47 -27.51
C THR A 150 -43.49 -10.22 -28.37
N LEU A 151 -43.47 -9.03 -27.75
CA LEU A 151 -43.67 -7.79 -28.50
C LEU A 151 -42.53 -7.55 -29.48
N LEU A 152 -41.30 -7.81 -29.05
CA LEU A 152 -40.16 -7.71 -29.94
C LEU A 152 -40.05 -8.98 -30.78
N GLY A 153 -39.07 -8.99 -31.69
CA GLY A 153 -38.80 -10.16 -32.51
C GLY A 153 -38.40 -11.36 -31.67
N LYS A 154 -39.06 -12.49 -31.91
CA LYS A 154 -38.88 -13.68 -31.08
C LYS A 154 -38.74 -14.88 -32.00
N PRO A 155 -37.86 -15.84 -31.67
CA PRO A 155 -37.85 -17.11 -32.40
C PRO A 155 -39.16 -17.87 -32.25
N LYS A 156 -39.73 -18.25 -33.38
CA LYS A 156 -40.75 -19.28 -33.42
C LYS A 156 -40.16 -20.47 -34.17
N ARG A 157 -39.74 -21.48 -33.41
CA ARG A 157 -38.94 -22.56 -33.94
C ARG A 157 -39.78 -23.42 -34.89
N PRO A 158 -39.13 -24.19 -35.79
CA PRO A 158 -39.89 -24.88 -36.83
C PRO A 158 -40.83 -25.94 -36.30
N ARG A 159 -41.92 -26.15 -37.03
CA ARG A 159 -42.84 -27.24 -36.74
C ARG A 159 -42.29 -28.53 -37.33
N SER A 160 -42.27 -29.59 -36.53
CA SER A 160 -41.78 -30.88 -37.00
C SER A 160 -42.79 -31.52 -37.94
N ALA A 161 -42.46 -32.72 -38.42
CA ALA A 161 -43.34 -33.44 -39.34
C ALA A 161 -44.68 -33.76 -38.67
N TYR A 162 -44.65 -34.24 -37.43
CA TYR A 162 -45.88 -34.45 -36.68
C TYR A 162 -46.60 -33.15 -36.37
N ASN A 163 -45.84 -32.07 -36.13
CA ASN A 163 -46.47 -30.77 -35.89
C ASN A 163 -47.19 -30.26 -37.14
N VAL A 164 -46.57 -30.44 -38.32
CA VAL A 164 -47.23 -30.08 -39.57
C VAL A 164 -48.47 -30.95 -39.79
N TYR A 165 -48.36 -32.25 -39.47
CA TYR A 165 -49.50 -33.14 -39.60
C TYR A 165 -50.65 -32.71 -38.69
N VAL A 166 -50.34 -32.29 -37.47
CA VAL A 166 -51.36 -31.80 -36.55
C VAL A 166 -51.97 -30.51 -37.09
N ALA A 167 -51.13 -29.58 -37.56
CA ALA A 167 -51.63 -28.30 -38.03
C ALA A 167 -52.47 -28.45 -39.30
N GLU A 168 -52.27 -29.52 -40.05
CA GLU A 168 -53.04 -29.72 -41.28
C GLU A 168 -54.30 -30.54 -41.05
N ARG A 169 -54.21 -31.65 -40.31
CA ARG A 169 -55.28 -32.63 -40.24
C ARG A 169 -56.00 -32.63 -38.89
N PHE A 170 -55.93 -31.54 -38.13
CA PHE A 170 -56.67 -31.50 -36.87
C PHE A 170 -58.17 -31.37 -37.10
N GLN A 171 -58.56 -30.57 -38.10
CA GLN A 171 -59.99 -30.34 -38.34
C GLN A 171 -60.68 -31.57 -38.91
N GLU A 172 -59.94 -32.39 -39.68
CA GLU A 172 -60.53 -33.59 -40.27
C GLU A 172 -60.89 -34.62 -39.20
N ALA A 173 -60.08 -34.73 -38.15
CA ALA A 173 -60.36 -35.67 -37.07
C ALA A 173 -61.59 -35.24 -36.29
N LYS A 174 -62.38 -36.22 -35.86
CA LYS A 174 -63.62 -35.98 -35.14
C LYS A 174 -63.54 -36.59 -33.75
N GLY A 175 -63.94 -35.83 -32.74
CA GLY A 175 -63.94 -36.33 -31.38
C GLY A 175 -64.83 -35.49 -30.49
N ASP A 176 -65.24 -36.09 -29.37
CA ASP A 176 -66.08 -35.38 -28.41
C ASP A 176 -65.30 -34.28 -27.69
N SER A 177 -64.03 -34.52 -27.40
CA SER A 177 -63.18 -33.56 -26.71
C SER A 177 -61.92 -33.33 -27.52
N PRO A 178 -61.30 -32.15 -27.41
CA PRO A 178 -60.05 -31.90 -28.17
C PRO A 178 -58.93 -32.85 -27.82
N GLN A 179 -58.84 -33.31 -26.57
CA GLN A 179 -57.81 -34.28 -26.20
C GLN A 179 -58.01 -35.59 -26.95
N GLU A 180 -59.27 -36.02 -27.11
CA GLU A 180 -59.56 -37.22 -27.91
C GLU A 180 -59.16 -37.01 -29.36
N LYS A 181 -59.38 -35.81 -29.91
CA LYS A 181 -58.96 -35.53 -31.28
C LYS A 181 -57.45 -35.59 -31.43
N LEU A 182 -56.71 -35.02 -30.46
CA LEU A 182 -55.25 -35.13 -30.50
C LEU A 182 -54.79 -36.57 -30.36
N LYS A 183 -55.46 -37.37 -29.53
CA LYS A 183 -55.10 -38.78 -29.41
C LYS A 183 -55.33 -39.53 -30.72
N THR A 184 -56.44 -39.26 -31.40
CA THR A 184 -56.71 -39.90 -32.69
C THR A 184 -55.69 -39.47 -33.74
N VAL A 185 -55.32 -38.18 -33.75
CA VAL A 185 -54.31 -37.70 -34.69
C VAL A 185 -52.96 -38.37 -34.41
N LYS A 186 -52.62 -38.52 -33.13
CA LYS A 186 -51.36 -39.18 -32.77
C LYS A 186 -51.37 -40.65 -33.20
N GLU A 187 -52.49 -41.35 -32.99
CA GLU A 187 -52.58 -42.74 -33.40
C GLU A 187 -52.49 -42.89 -34.91
N ASN A 188 -53.14 -41.97 -35.66
CA ASN A 188 -53.05 -42.01 -37.11
C ASN A 188 -51.63 -41.72 -37.58
N TRP A 189 -50.95 -40.76 -36.93
CA TRP A 189 -49.57 -40.45 -37.28
C TRP A 189 -48.64 -41.63 -37.04
N LYS A 190 -48.84 -42.34 -35.92
CA LYS A 190 -48.09 -43.57 -35.70
C LYS A 190 -48.43 -44.65 -36.71
N ASN A 191 -49.68 -44.64 -37.21
CA ASN A 191 -50.07 -45.61 -38.23
C ASN A 191 -49.52 -45.23 -39.61
N LEU A 192 -49.13 -43.98 -39.82
CA LEU A 192 -48.61 -43.57 -41.12
C LEU A 192 -47.23 -44.17 -41.38
N SER A 193 -47.00 -44.56 -42.63
CA SER A 193 -45.70 -45.08 -43.05
C SER A 193 -44.79 -43.93 -43.46
N ASP A 194 -43.51 -44.28 -43.70
CA ASP A 194 -42.52 -43.27 -44.04
C ASP A 194 -42.74 -42.67 -45.42
N SER A 195 -43.44 -43.38 -46.31
CA SER A 195 -43.69 -42.86 -47.66
C SER A 195 -44.53 -41.59 -47.61
N GLU A 196 -45.58 -41.59 -46.79
CA GLU A 196 -46.36 -40.38 -46.60
C GLU A 196 -45.64 -39.37 -45.70
N LYS A 197 -44.74 -39.85 -44.84
CA LYS A 197 -44.01 -38.97 -43.93
C LYS A 197 -42.87 -38.23 -44.60
N GLU A 198 -42.47 -38.64 -45.81
CA GLU A 198 -41.38 -37.97 -46.51
C GLU A 198 -41.74 -36.53 -46.84
N LEU A 199 -42.97 -36.28 -47.29
CA LEU A 199 -43.40 -34.92 -47.58
C LEU A 199 -43.43 -34.06 -46.33
N TYR A 200 -43.89 -34.62 -45.21
CA TYR A 200 -43.91 -33.88 -43.95
C TYR A 200 -42.50 -33.55 -43.47
N ILE A 201 -41.56 -34.50 -43.64
CA ILE A 201 -40.17 -34.24 -43.29
C ILE A 201 -39.57 -33.17 -44.19
N GLN A 202 -39.94 -33.17 -45.47
CA GLN A 202 -39.47 -32.14 -46.40
C GLN A 202 -40.00 -30.76 -45.99
N HIS A 203 -41.28 -30.68 -45.62
CA HIS A 203 -41.84 -29.42 -45.16
C HIS A 203 -41.18 -28.96 -43.86
N ALA A 204 -40.88 -29.90 -42.96
CA ALA A 204 -40.18 -29.56 -41.72
C ALA A 204 -38.78 -29.03 -42.02
N LYS A 205 -38.08 -29.62 -42.99
CA LYS A 205 -36.75 -29.14 -43.36
C LYS A 205 -36.82 -27.75 -44.00
N GLU A 206 -37.82 -27.52 -44.85
CA GLU A 206 -37.99 -26.19 -45.44
C GLU A 206 -38.29 -25.14 -44.38
N ASP A 207 -39.12 -25.49 -43.40
CA ASP A 207 -39.43 -24.55 -42.33
C ASP A 207 -38.21 -24.35 -41.41
N GLU A 208 -37.37 -25.38 -41.28
CA GLU A 208 -36.10 -25.22 -40.58
C GLU A 208 -35.19 -24.24 -41.30
N THR A 209 -35.13 -24.33 -42.63
CA THR A 209 -34.32 -23.40 -43.41
C THR A 209 -34.83 -21.97 -43.27
N ARG A 210 -36.15 -21.78 -43.36
CA ARG A 210 -36.69 -20.43 -43.22
C ARG A 210 -36.49 -19.90 -41.81
N TYR A 211 -36.58 -20.78 -40.80
CA TYR A 211 -36.33 -20.37 -39.43
C TYR A 211 -34.88 -19.96 -39.24
N HIS A 212 -33.95 -20.69 -39.85
CA HIS A 212 -32.53 -20.37 -39.70
C HIS A 212 -32.21 -19.03 -40.36
N ASN A 213 -32.75 -18.80 -41.56
CA ASN A 213 -32.54 -17.52 -42.22
C ASN A 213 -33.17 -16.37 -41.44
N GLU A 214 -34.40 -16.57 -40.97
CA GLU A 214 -35.07 -15.56 -40.16
C GLU A 214 -34.32 -15.33 -38.85
N MET A 215 -33.63 -16.35 -38.35
CA MET A 215 -32.87 -16.24 -37.13
C MET A 215 -31.60 -15.41 -37.31
N LYS A 216 -30.89 -15.63 -38.42
CA LYS A 216 -29.74 -14.78 -38.71
C LYS A 216 -30.18 -13.33 -38.95
N SER A 217 -31.29 -13.14 -39.67
CA SER A 217 -31.79 -11.79 -39.88
C SER A 217 -32.22 -11.16 -38.57
N TRP A 218 -32.81 -11.94 -37.66
CA TRP A 218 -33.27 -11.41 -36.39
C TRP A 218 -32.09 -11.02 -35.51
N GLU A 219 -31.03 -11.84 -35.50
CA GLU A 219 -29.88 -11.49 -34.65
C GLU A 219 -29.13 -10.29 -35.22
N GLU A 220 -29.08 -10.15 -36.54
CA GLU A 220 -28.52 -8.93 -37.13
C GLU A 220 -29.37 -7.70 -36.76
N GLN A 221 -30.69 -7.82 -36.92
CA GLN A 221 -31.58 -6.71 -36.57
C GLN A 221 -31.52 -6.39 -35.09
N MET A 222 -31.28 -7.39 -34.24
CA MET A 222 -31.30 -7.16 -32.81
C MET A 222 -29.95 -6.65 -32.30
N ILE A 223 -28.87 -6.95 -33.04
CA ILE A 223 -27.63 -6.21 -32.88
C ILE A 223 -27.85 -4.75 -33.24
N GLU A 224 -28.58 -4.50 -34.33
CA GLU A 224 -28.97 -3.12 -34.66
C GLU A 224 -29.89 -2.49 -33.61
N VAL A 225 -30.62 -3.31 -32.85
CA VAL A 225 -31.45 -2.81 -31.74
C VAL A 225 -30.70 -2.88 -30.42
N GLY A 226 -29.76 -3.82 -30.27
CA GLY A 226 -28.85 -3.80 -29.14
C GLY A 226 -29.20 -4.68 -27.97
N ARG A 227 -30.14 -5.61 -28.12
CA ARG A 227 -30.44 -6.59 -27.07
C ARG A 227 -29.30 -7.61 -27.00
N LYS A 228 -28.22 -7.20 -26.33
CA LYS A 228 -27.06 -8.08 -26.19
C LYS A 228 -27.39 -9.34 -25.41
N ASP A 229 -28.39 -9.28 -24.53
CA ASP A 229 -28.88 -10.48 -23.87
C ASP A 229 -29.56 -11.42 -24.86
N LEU A 230 -30.14 -10.88 -25.94
CA LEU A 230 -30.84 -11.68 -26.93
C LEU A 230 -29.91 -12.09 -28.07
N LEU A 231 -28.83 -12.76 -27.69
CA LEU A 231 -27.94 -13.41 -28.65
C LEU A 231 -27.57 -14.79 -28.12
N ARG A 232 -26.97 -15.59 -28.98
CA ARG A 232 -26.39 -16.84 -28.53
C ARG A 232 -25.16 -16.57 -27.67
N ARG A 233 -25.00 -17.35 -26.60
CA ARG A 233 -23.91 -17.11 -25.65
C ARG A 233 -22.55 -17.30 -26.28
N THR A 234 -22.41 -18.33 -27.11
CA THR A 234 -21.14 -18.61 -27.77
C THR A 234 -21.15 -18.14 -29.22
N PHE B 71 -6.11 12.93 40.61
CA PHE B 71 -7.30 12.23 40.13
C PHE B 71 -7.52 10.92 40.85
N LYS B 72 -7.44 10.96 42.18
CA LYS B 72 -7.70 9.80 43.02
C LYS B 72 -8.75 10.17 44.06
N ARG B 73 -9.30 9.15 44.70
CA ARG B 73 -10.40 9.32 45.65
C ARG B 73 -10.34 8.21 46.71
N TYR B 74 -10.83 8.53 47.91
CA TYR B 74 -10.79 7.63 49.06
C TYR B 74 -12.08 7.80 49.86
N VAL B 75 -12.09 7.25 51.08
CA VAL B 75 -13.21 7.42 52.00
C VAL B 75 -12.71 8.10 53.26
N THR B 76 -13.33 9.23 53.61
CA THR B 76 -12.91 10.02 54.77
C THR B 76 -14.01 10.21 55.81
N ASP B 77 -15.22 9.72 55.57
CA ASP B 77 -16.32 9.88 56.52
C ASP B 77 -16.30 8.71 57.52
N ARG B 78 -17.20 8.75 58.49
CA ARG B 78 -17.26 7.71 59.51
C ARG B 78 -18.46 6.80 59.37
N ARG B 79 -19.63 7.33 59.04
CA ARG B 79 -20.80 6.48 58.82
C ARG B 79 -20.63 5.60 57.58
N LEU B 80 -20.12 6.18 56.48
CA LEU B 80 -19.89 5.40 55.28
C LEU B 80 -18.80 4.37 55.50
N ALA B 81 -17.74 4.75 56.22
CA ALA B 81 -16.72 3.79 56.60
C ALA B 81 -17.30 2.68 57.46
N GLU B 82 -18.24 3.02 58.35
CA GLU B 82 -18.86 2.02 59.21
C GLU B 82 -19.66 1.00 58.40
N THR B 83 -20.50 1.46 57.48
CA THR B 83 -21.31 0.52 56.72
C THR B 83 -20.45 -0.29 55.76
N LEU B 84 -19.40 0.31 55.19
CA LEU B 84 -18.48 -0.45 54.37
C LEU B 84 -17.75 -1.51 55.19
N ALA B 85 -17.40 -1.18 56.43
CA ALA B 85 -16.73 -2.15 57.30
C ALA B 85 -17.67 -3.30 57.65
N GLN B 86 -18.96 -3.01 57.84
CA GLN B 86 -19.90 -4.07 58.16
C GLN B 86 -20.20 -4.95 56.96
N ILE B 87 -20.24 -4.38 55.75
CA ILE B 87 -20.54 -5.20 54.58
C ILE B 87 -19.30 -5.90 54.04
N TYR B 88 -18.10 -5.46 54.44
CA TYR B 88 -16.88 -6.11 53.95
C TYR B 88 -16.68 -7.47 54.62
N LEU B 89 -17.08 -7.61 55.88
CA LEU B 89 -16.90 -8.85 56.62
C LEU B 89 -18.26 -9.37 57.06
N GLY B 90 -18.57 -10.61 56.69
CA GLY B 90 -19.79 -11.27 57.13
C GLY B 90 -19.56 -12.00 58.44
N LYS B 91 -20.65 -12.26 59.16
CA LYS B 91 -20.59 -12.97 60.44
C LYS B 91 -20.04 -14.40 60.35
N PRO B 92 -20.48 -15.27 59.43
CA PRO B 92 -19.88 -16.62 59.39
C PRO B 92 -18.42 -16.65 58.97
N SER B 93 -17.98 -15.64 58.22
CA SER B 93 -16.61 -15.64 57.71
C SER B 93 -15.60 -15.45 58.84
N ARG B 94 -14.41 -16.01 58.66
CA ARG B 94 -13.38 -15.97 59.68
C ARG B 94 -12.81 -14.55 59.80
N PRO B 95 -12.81 -13.96 60.99
CA PRO B 95 -12.24 -12.61 61.16
C PRO B 95 -10.74 -12.52 60.85
N PRO B 96 -9.90 -13.51 61.22
CA PRO B 96 -8.48 -13.37 60.84
C PRO B 96 -8.18 -13.57 59.37
N HIS B 97 -9.20 -13.70 58.51
CA HIS B 97 -8.98 -13.80 57.07
C HIS B 97 -8.34 -12.50 56.58
N LEU B 98 -7.21 -12.64 55.89
CA LEU B 98 -6.43 -11.47 55.50
C LEU B 98 -7.17 -10.64 54.46
N LEU B 99 -7.33 -9.35 54.75
CA LEU B 99 -8.02 -8.41 53.88
C LEU B 99 -7.00 -7.42 53.35
N LEU B 100 -6.83 -7.38 52.03
CA LEU B 100 -5.84 -6.52 51.38
C LEU B 100 -6.54 -5.28 50.86
N GLU B 101 -6.16 -4.12 51.39
CA GLU B 101 -6.73 -2.85 50.94
C GLU B 101 -5.78 -2.24 49.91
N CYS B 102 -6.30 -1.97 48.71
CA CYS B 102 -5.44 -1.63 47.58
C CYS B 102 -4.95 -0.19 47.65
N ASN B 103 -5.62 0.66 48.43
CA ASN B 103 -5.15 2.01 48.70
C ASN B 103 -5.79 2.53 49.99
N PRO B 104 -5.11 2.48 51.13
CA PRO B 104 -5.70 3.05 52.36
C PRO B 104 -5.89 4.55 52.29
N GLY B 105 -5.04 5.25 51.53
CA GLY B 105 -5.13 6.69 51.43
C GLY B 105 -4.64 7.37 52.69
N PRO B 106 -5.21 8.54 53.00
CA PRO B 106 -4.85 9.21 54.26
C PRO B 106 -5.19 8.40 55.50
N GLY B 107 -6.31 7.68 55.48
CA GLY B 107 -6.71 6.90 56.64
C GLY B 107 -8.21 6.75 56.69
N ILE B 108 -8.74 6.88 57.92
CA ILE B 108 -10.17 6.86 58.24
C ILE B 108 -10.78 5.48 57.99
N LEU B 109 -10.69 4.99 56.76
CA LEU B 109 -11.28 3.69 56.42
C LEU B 109 -10.57 2.56 57.15
N THR B 110 -9.25 2.62 57.24
CA THR B 110 -8.49 1.54 57.85
C THR B 110 -8.76 1.45 59.35
N GLN B 111 -9.01 2.59 60.00
CA GLN B 111 -9.39 2.57 61.40
C GLN B 111 -10.72 1.85 61.60
N ALA B 112 -11.68 2.09 60.71
CA ALA B 112 -12.95 1.37 60.77
C ALA B 112 -12.76 -0.13 60.56
N LEU B 113 -11.89 -0.50 59.62
CA LEU B 113 -11.62 -1.92 59.39
C LEU B 113 -10.95 -2.57 60.60
N LEU B 114 -10.04 -1.86 61.25
CA LEU B 114 -9.42 -2.38 62.47
C LEU B 114 -10.44 -2.54 63.59
N GLU B 115 -11.33 -1.55 63.75
CA GLU B 115 -12.34 -1.64 64.80
C GLU B 115 -13.39 -2.71 64.50
N ALA B 116 -13.53 -3.09 63.22
CA ALA B 116 -14.45 -4.17 62.88
C ALA B 116 -14.03 -5.50 63.51
N GLY B 117 -12.74 -5.77 63.58
CA GLY B 117 -12.22 -6.98 64.18
C GLY B 117 -11.30 -7.80 63.30
N ALA B 118 -11.21 -7.51 62.01
CA ALA B 118 -10.36 -8.27 61.11
C ALA B 118 -8.99 -7.63 60.98
N LYS B 119 -8.05 -8.40 60.43
CA LYS B 119 -6.70 -7.89 60.19
C LYS B 119 -6.70 -7.08 58.89
N VAL B 120 -5.55 -6.48 58.58
CA VAL B 120 -5.41 -5.64 57.39
C VAL B 120 -4.00 -5.85 56.87
N VAL B 121 -3.87 -5.87 55.55
CA VAL B 121 -2.60 -5.63 54.88
C VAL B 121 -2.77 -4.41 54.00
N ALA B 122 -1.97 -3.38 54.26
CA ALA B 122 -2.12 -2.09 53.60
C ALA B 122 -1.16 -1.96 52.43
N LEU B 123 -1.68 -1.48 51.31
CA LEU B 123 -0.93 -1.32 50.07
C LEU B 123 -1.14 0.11 49.58
N GLU B 124 -0.13 0.96 49.77
CA GLU B 124 -0.27 2.39 49.46
C GLU B 124 0.73 2.75 48.37
N SER B 125 0.23 3.38 47.31
CA SER B 125 1.08 3.70 46.17
C SER B 125 2.01 4.87 46.47
N ASP B 126 1.51 5.90 47.14
CA ASP B 126 2.28 7.10 47.41
C ASP B 126 3.02 6.95 48.72
N LYS B 127 4.33 7.25 48.71
CA LYS B 127 5.14 7.14 49.90
C LYS B 127 4.80 8.23 50.91
N THR B 128 4.16 9.32 50.46
CA THR B 128 3.87 10.46 51.32
C THR B 128 3.00 10.08 52.51
N PHE B 129 2.06 9.14 52.30
CA PHE B 129 1.19 8.70 53.39
C PHE B 129 1.82 7.67 54.29
N ILE B 130 3.03 7.20 53.98
CA ILE B 130 3.60 6.07 54.73
C ILE B 130 3.95 6.38 56.18
N PRO B 131 4.25 7.64 56.59
CA PRO B 131 4.40 7.85 58.05
C PRO B 131 3.10 7.70 58.82
N HIS B 132 2.04 8.37 58.38
CA HIS B 132 0.78 8.37 59.12
C HIS B 132 0.22 6.94 59.20
N LEU B 133 0.28 6.21 58.08
CA LEU B 133 -0.15 4.81 58.09
C LEU B 133 0.71 3.97 59.02
N GLU B 134 1.98 4.32 59.19
CA GLU B 134 2.81 3.63 60.17
C GLU B 134 2.51 4.06 61.59
N SER B 135 1.95 5.26 61.77
CA SER B 135 1.69 5.79 63.11
C SER B 135 0.68 4.92 63.86
N LEU B 136 -0.37 4.48 63.19
CA LEU B 136 -1.31 3.55 63.79
C LEU B 136 -0.67 2.16 63.90
N GLY B 137 -1.35 1.27 64.63
CA GLY B 137 -0.83 -0.06 64.84
C GLY B 137 0.44 -0.10 65.66
N LYS B 138 0.50 0.70 66.74
CA LYS B 138 1.67 0.66 67.62
C LYS B 138 1.76 -0.66 68.36
N ASN B 139 0.65 -1.38 68.48
CA ASN B 139 0.68 -2.72 69.04
C ASN B 139 1.49 -3.65 68.16
N LEU B 140 2.20 -4.58 68.80
CA LEU B 140 3.07 -5.52 68.12
C LEU B 140 2.33 -6.74 67.59
N ASP B 141 1.00 -6.66 67.44
CA ASP B 141 0.22 -7.79 66.97
C ASP B 141 0.42 -8.05 65.48
N GLY B 142 0.93 -7.07 64.74
CA GLY B 142 1.08 -7.22 63.30
C GLY B 142 -0.20 -7.12 62.51
N LYS B 143 -1.24 -6.51 63.08
CA LYS B 143 -2.54 -6.47 62.43
C LYS B 143 -2.56 -5.48 61.28
N LEU B 144 -1.71 -4.45 61.33
CA LEU B 144 -1.77 -3.40 60.31
C LEU B 144 -0.92 -3.74 59.10
N ARG B 145 0.40 -3.91 59.28
CA ARG B 145 1.31 -4.46 58.28
C ARG B 145 1.29 -3.63 56.98
N VAL B 146 1.76 -2.38 57.08
CA VAL B 146 1.76 -1.50 55.92
C VAL B 146 2.92 -1.85 54.98
N ILE B 147 2.62 -1.96 53.69
CA ILE B 147 3.62 -2.20 52.66
C ILE B 147 3.41 -1.19 51.53
N HIS B 148 4.50 -0.85 50.84
CA HIS B 148 4.49 0.13 49.77
C HIS B 148 4.55 -0.59 48.43
N CYS B 149 3.44 -0.57 47.69
CA CYS B 149 3.37 -1.06 46.32
C CYS B 149 2.05 -0.60 45.72
N ASP B 150 1.87 -0.91 44.44
CA ASP B 150 0.65 -0.59 43.72
C ASP B 150 0.03 -1.87 43.20
N PHE B 151 -1.29 -2.00 43.37
CA PHE B 151 -1.97 -3.25 43.05
C PHE B 151 -2.02 -3.50 41.55
N PHE B 152 -2.35 -2.48 40.77
CA PHE B 152 -2.57 -2.69 39.34
C PHE B 152 -1.26 -2.84 38.58
N LYS B 153 -0.17 -2.29 39.12
CA LYS B 153 1.16 -2.56 38.57
C LYS B 153 1.83 -3.68 39.38
N LEU B 154 1.24 -4.87 39.27
CA LEU B 154 1.80 -6.09 39.82
C LEU B 154 2.17 -7.01 38.68
N ASP B 155 3.38 -7.56 38.74
CA ASP B 155 3.99 -8.30 37.65
C ASP B 155 3.92 -7.52 36.32
N PRO B 156 4.71 -6.46 36.17
CA PRO B 156 4.69 -5.71 34.92
C PRO B 156 5.24 -6.53 33.77
N ARG B 157 4.46 -6.63 32.70
CA ARG B 157 4.88 -7.42 31.54
C ARG B 157 6.01 -6.74 30.78
N SER B 158 6.01 -5.40 30.75
CA SER B 158 7.06 -4.67 30.06
C SER B 158 8.37 -4.81 30.83
N GLY B 159 9.46 -5.04 30.09
CA GLY B 159 10.76 -5.17 30.72
C GLY B 159 11.26 -3.83 31.25
N GLY B 160 11.97 -3.90 32.36
CA GLY B 160 12.51 -2.71 32.99
C GLY B 160 12.80 -2.94 34.45
N VAL B 161 13.47 -1.96 35.05
CA VAL B 161 13.79 -2.04 36.47
C VAL B 161 12.53 -1.83 37.30
N ILE B 162 12.30 -2.74 38.24
CA ILE B 162 11.12 -2.70 39.09
C ILE B 162 11.31 -1.60 40.14
N LYS B 163 10.76 -0.43 39.87
CA LYS B 163 10.75 0.69 40.81
C LYS B 163 9.87 0.35 42.00
N PRO B 164 10.05 1.03 43.13
CA PRO B 164 9.30 0.66 44.37
C PRO B 164 7.78 0.68 44.22
N PRO B 165 7.17 1.50 43.35
CA PRO B 165 5.74 1.26 43.07
C PRO B 165 5.44 -0.10 42.46
N ALA B 166 6.34 -0.63 41.64
CA ALA B 166 6.09 -1.92 41.01
C ALA B 166 6.73 -3.06 41.81
N MET B 167 6.00 -4.16 41.94
CA MET B 167 6.52 -5.31 42.66
C MET B 167 6.10 -6.58 41.94
N SER B 168 6.65 -7.69 42.40
CA SER B 168 6.25 -9.02 41.96
C SER B 168 5.31 -9.62 43.00
N SER B 169 4.33 -10.37 42.54
CA SER B 169 3.37 -11.00 43.44
C SER B 169 4.04 -12.05 44.31
N ARG B 170 5.05 -12.74 43.77
CA ARG B 170 5.74 -13.81 44.50
C ARG B 170 6.40 -13.28 45.76
N GLY B 171 7.18 -12.19 45.63
CA GLY B 171 7.85 -11.64 46.79
C GLY B 171 6.90 -11.07 47.81
N LEU B 172 5.85 -10.38 47.36
CA LEU B 172 4.90 -9.79 48.28
C LEU B 172 4.15 -10.86 49.08
N PHE B 173 3.70 -11.91 48.40
CA PHE B 173 2.99 -12.98 49.11
C PHE B 173 3.92 -13.92 49.85
N LYS B 174 5.23 -13.87 49.58
CA LYS B 174 6.19 -14.53 50.45
C LYS B 174 6.39 -13.74 51.74
N ASN B 175 6.49 -12.41 51.64
CA ASN B 175 6.62 -11.59 52.83
C ASN B 175 5.37 -11.65 53.69
N LEU B 176 4.18 -11.68 53.07
CA LEU B 176 2.95 -11.78 53.84
C LEU B 176 2.84 -13.09 54.59
N GLY B 177 3.48 -14.15 54.08
CA GLY B 177 3.37 -15.46 54.67
C GLY B 177 2.25 -16.32 54.14
N ILE B 178 1.63 -15.94 53.02
CA ILE B 178 0.53 -16.72 52.48
C ILE B 178 1.07 -17.71 51.45
N GLU B 179 0.39 -18.86 51.33
CA GLU B 179 0.87 -19.90 50.44
C GLU B 179 -0.17 -20.31 49.41
N ALA B 180 0.11 -21.36 48.65
CA ALA B 180 -0.73 -21.80 47.56
C ALA B 180 -1.84 -22.73 48.06
N VAL B 181 -3.00 -22.61 47.44
CA VAL B 181 -4.18 -23.42 47.73
C VAL B 181 -4.75 -23.84 46.38
N PRO B 182 -5.18 -25.08 46.19
CA PRO B 182 -5.66 -25.51 44.87
C PRO B 182 -6.97 -24.82 44.49
N TRP B 183 -7.29 -24.93 43.19
CA TRP B 183 -8.44 -24.21 42.63
C TRP B 183 -9.75 -24.67 43.25
N THR B 184 -9.92 -25.98 43.43
CA THR B 184 -11.16 -26.53 43.97
C THR B 184 -11.09 -26.56 45.50
N ALA B 185 -11.04 -25.37 46.07
CA ALA B 185 -10.92 -25.22 47.52
C ALA B 185 -11.41 -23.84 47.92
N ASP B 186 -11.40 -23.60 49.23
CA ASP B 186 -11.90 -22.34 49.77
C ASP B 186 -10.97 -21.19 49.44
N ILE B 187 -11.49 -19.98 49.59
CA ILE B 187 -10.78 -18.79 49.12
C ILE B 187 -9.61 -18.48 50.05
N PRO B 188 -8.42 -18.17 49.51
CA PRO B 188 -7.30 -17.76 50.38
C PRO B 188 -7.48 -16.38 51.01
N LEU B 189 -7.73 -15.34 50.23
CA LEU B 189 -7.69 -13.96 50.72
C LEU B 189 -8.99 -13.24 50.37
N LYS B 190 -9.03 -11.94 50.61
CA LYS B 190 -10.09 -11.09 50.13
C LYS B 190 -9.52 -9.70 49.90
N VAL B 191 -9.88 -9.08 48.78
CA VAL B 191 -9.30 -7.81 48.37
C VAL B 191 -10.40 -6.76 48.29
N VAL B 192 -10.22 -5.65 49.01
CA VAL B 192 -11.06 -4.48 48.90
C VAL B 192 -10.22 -3.37 48.30
N GLY B 193 -10.86 -2.52 47.51
CA GLY B 193 -10.13 -1.51 46.78
C GLY B 193 -11.06 -0.70 45.91
N MET B 194 -10.48 -0.14 44.85
CA MET B 194 -11.19 0.77 43.96
C MET B 194 -10.50 0.83 42.60
N PHE B 195 -11.30 1.02 41.55
CA PHE B 195 -10.76 1.02 40.20
C PHE B 195 -10.25 2.42 39.82
N PRO B 196 -9.32 2.51 38.87
CA PRO B 196 -8.82 3.82 38.46
C PRO B 196 -9.88 4.65 37.76
N SER B 197 -9.72 5.98 37.82
CA SER B 197 -10.66 6.89 37.20
C SER B 197 -10.65 6.76 35.67
N ARG B 198 -9.46 6.64 35.09
CA ARG B 198 -9.31 6.42 33.67
C ARG B 198 -8.74 5.02 33.43
N GLY B 199 -9.11 4.45 32.29
CA GLY B 199 -8.64 3.12 31.94
C GLY B 199 -9.19 2.00 32.78
N GLU B 200 -10.51 1.99 33.02
CA GLU B 200 -11.14 0.83 33.66
C GLU B 200 -11.13 -0.38 32.73
N LYS B 201 -11.25 -0.13 31.42
CA LYS B 201 -11.17 -1.21 30.44
C LYS B 201 -9.82 -1.90 30.48
N ARG B 202 -8.74 -1.12 30.58
CA ARG B 202 -7.40 -1.70 30.61
C ARG B 202 -7.17 -2.52 31.86
N ALA B 203 -7.65 -2.03 33.01
CA ALA B 203 -7.51 -2.78 34.25
C ALA B 203 -8.31 -4.08 34.21
N LEU B 204 -9.54 -4.02 33.69
CA LEU B 204 -10.34 -5.25 33.55
C LEU B 204 -9.70 -6.24 32.58
N TRP B 205 -9.13 -5.75 31.48
CA TRP B 205 -8.45 -6.61 30.53
C TRP B 205 -7.22 -7.28 31.16
N LYS B 206 -6.44 -6.52 31.93
CA LYS B 206 -5.28 -7.09 32.59
C LYS B 206 -5.69 -8.14 33.64
N LEU B 207 -6.75 -7.87 34.39
CA LEU B 207 -7.25 -8.87 35.33
C LEU B 207 -7.75 -10.12 34.61
N ALA B 208 -8.40 -9.96 33.46
CA ALA B 208 -8.85 -11.13 32.70
C ALA B 208 -7.67 -11.95 32.19
N TYR B 209 -6.61 -11.28 31.73
CA TYR B 209 -5.41 -11.98 31.31
C TYR B 209 -4.75 -12.71 32.47
N ASP B 210 -4.76 -12.10 33.66
CA ASP B 210 -4.19 -12.77 34.83
C ASP B 210 -5.08 -13.91 35.31
N LEU B 211 -6.37 -13.87 35.01
CA LEU B 211 -7.28 -14.90 35.51
C LEU B 211 -7.30 -16.12 34.59
N TYR B 212 -7.42 -15.90 33.28
CA TYR B 212 -7.52 -17.03 32.36
C TYR B 212 -6.23 -17.85 32.33
N SER B 213 -5.09 -17.17 32.35
CA SER B 213 -3.79 -17.81 32.51
C SER B 213 -3.29 -17.46 33.91
N CYS B 214 -3.14 -18.48 34.77
CA CYS B 214 -2.94 -18.23 36.19
C CYS B 214 -1.58 -17.61 36.44
N THR B 215 -1.55 -16.28 36.56
CA THR B 215 -0.33 -15.52 36.79
C THR B 215 -0.65 -14.41 37.78
N SER B 216 0.40 -13.73 38.23
CA SER B 216 0.32 -12.57 39.14
C SER B 216 -0.40 -13.00 40.41
N ILE B 217 -1.52 -12.37 40.76
CA ILE B 217 -2.23 -12.71 42.00
C ILE B 217 -2.80 -14.12 41.94
N TYR B 218 -3.40 -14.48 40.82
CA TYR B 218 -4.23 -15.68 40.72
C TYR B 218 -3.43 -16.97 40.70
N LYS B 219 -2.10 -16.90 40.84
CA LYS B 219 -1.30 -18.12 40.88
C LYS B 219 -1.62 -18.96 42.12
N PHE B 220 -1.96 -18.30 43.23
CA PHE B 220 -2.28 -18.98 44.47
C PHE B 220 -3.79 -18.91 44.71
N GLY B 221 -4.49 -20.00 44.45
CA GLY B 221 -5.89 -20.08 44.81
C GLY B 221 -6.80 -19.26 43.93
N ARG B 222 -7.86 -18.71 44.56
CA ARG B 222 -9.00 -18.10 43.87
C ARG B 222 -9.43 -16.83 44.62
N ILE B 223 -8.88 -15.68 44.23
CA ILE B 223 -8.99 -14.44 44.99
C ILE B 223 -10.25 -13.70 44.55
N GLU B 224 -10.95 -13.03 45.46
CA GLU B 224 -12.02 -12.11 45.07
C GLU B 224 -11.50 -10.68 44.99
N VAL B 225 -12.26 -9.83 44.32
CA VAL B 225 -12.05 -8.39 44.35
C VAL B 225 -13.39 -7.74 44.68
N ASN B 226 -13.36 -6.66 45.45
CA ASN B 226 -14.56 -5.94 45.86
C ASN B 226 -14.39 -4.46 45.58
N MET B 227 -14.00 -4.13 44.36
CA MET B 227 -13.69 -2.76 43.97
C MET B 227 -14.96 -2.02 43.57
N PHE B 228 -14.79 -0.76 43.17
CA PHE B 228 -15.88 0.10 42.74
C PHE B 228 -15.76 0.30 41.24
N ILE B 229 -16.89 0.59 40.59
CA ILE B 229 -16.92 0.76 39.14
C ILE B 229 -17.93 1.84 38.78
N GLY B 230 -17.75 2.44 37.60
CA GLY B 230 -18.69 3.45 37.14
C GLY B 230 -19.90 2.84 36.46
N GLU B 231 -20.91 3.67 36.22
CA GLU B 231 -22.17 3.17 35.68
C GLU B 231 -22.04 2.77 34.22
N LYS B 232 -21.20 3.47 33.46
CA LYS B 232 -21.04 3.13 32.05
C LYS B 232 -20.35 1.78 31.89
N GLU B 233 -19.23 1.57 32.60
CA GLU B 233 -18.54 0.29 32.54
C GLU B 233 -19.38 -0.82 33.18
N PHE B 234 -20.19 -0.48 34.19
CA PHE B 234 -21.09 -1.47 34.78
C PHE B 234 -22.15 -1.92 33.78
N GLN B 235 -22.68 -0.97 33.01
CA GLN B 235 -23.72 -1.30 32.05
C GLN B 235 -23.15 -2.06 30.86
N LYS B 236 -21.90 -1.75 30.47
CA LYS B 236 -21.28 -2.50 29.38
C LYS B 236 -20.95 -3.93 29.81
N LEU B 237 -20.55 -4.11 31.07
CA LEU B 237 -20.55 -5.45 31.64
C LEU B 237 -21.98 -5.87 31.95
N MET B 238 -22.14 -7.15 32.33
CA MET B 238 -23.42 -7.71 32.76
C MET B 238 -24.52 -7.63 31.71
N ALA B 239 -24.19 -7.26 30.48
CA ALA B 239 -25.17 -7.11 29.42
C ALA B 239 -25.37 -8.42 28.68
N ASP B 240 -26.52 -8.55 28.05
CA ASP B 240 -26.93 -9.81 27.44
C ASP B 240 -27.81 -9.51 26.23
N PRO B 241 -28.24 -10.51 25.46
CA PRO B 241 -29.40 -10.30 24.59
C PRO B 241 -30.60 -9.88 25.43
N GLY B 242 -31.29 -8.83 24.98
CA GLY B 242 -32.10 -8.04 25.86
C GLY B 242 -31.22 -6.92 26.35
N ASN B 243 -31.52 -5.69 25.94
CA ASN B 243 -30.52 -4.64 25.75
C ASN B 243 -29.38 -5.15 24.85
N PRO B 244 -29.63 -5.35 23.55
CA PRO B 244 -28.61 -5.94 22.68
C PRO B 244 -27.49 -5.00 22.26
N ASP B 245 -27.65 -3.70 22.42
CA ASP B 245 -26.77 -2.71 21.81
C ASP B 245 -25.41 -2.65 22.50
N LEU B 246 -25.34 -2.89 23.81
CA LEU B 246 -24.11 -2.76 24.57
C LEU B 246 -23.37 -4.07 24.73
N TYR B 247 -23.82 -5.14 24.09
CA TYR B 247 -23.25 -6.47 24.31
C TYR B 247 -21.94 -6.62 23.55
N HIS B 248 -20.87 -6.95 24.27
CA HIS B 248 -19.54 -6.95 23.68
C HIS B 248 -18.69 -8.05 24.33
N VAL B 249 -17.41 -8.08 23.96
CA VAL B 249 -16.53 -9.22 24.27
C VAL B 249 -16.19 -9.27 25.75
N LEU B 250 -15.87 -8.12 26.36
CA LEU B 250 -15.43 -8.09 27.75
C LEU B 250 -16.53 -8.57 28.67
N SER B 251 -17.78 -8.29 28.32
CA SER B 251 -18.93 -8.81 29.05
C SER B 251 -18.94 -10.33 29.04
N VAL B 252 -18.70 -10.93 27.88
CA VAL B 252 -18.73 -12.39 27.77
C VAL B 252 -17.62 -13.01 28.60
N ILE B 253 -16.41 -12.48 28.49
CA ILE B 253 -15.29 -13.10 29.21
C ILE B 253 -15.46 -12.94 30.71
N TRP B 254 -16.03 -11.82 31.18
CA TRP B 254 -16.20 -11.66 32.62
C TRP B 254 -17.37 -12.47 33.15
N GLN B 255 -18.44 -12.63 32.36
CA GLN B 255 -19.57 -13.41 32.83
C GLN B 255 -19.28 -14.90 32.82
N LEU B 256 -18.43 -15.38 31.91
CA LEU B 256 -17.95 -16.75 32.03
C LEU B 256 -16.95 -16.89 33.17
N ALA B 257 -16.09 -15.89 33.35
CA ALA B 257 -14.93 -16.04 34.23
C ALA B 257 -15.33 -16.19 35.69
N CYS B 258 -16.30 -15.40 36.16
CA CYS B 258 -16.60 -15.35 37.58
C CYS B 258 -18.09 -15.13 37.80
N GLU B 259 -18.45 -15.03 39.07
CA GLU B 259 -19.80 -14.72 39.54
C GLU B 259 -19.81 -13.27 40.00
N ILE B 260 -20.80 -12.53 39.53
CA ILE B 260 -20.87 -11.07 39.70
C ILE B 260 -22.09 -10.76 40.54
N LYS B 261 -21.90 -9.99 41.61
CA LYS B 261 -23.02 -9.49 42.41
C LYS B 261 -22.78 -8.02 42.71
N VAL B 262 -23.87 -7.33 43.08
CA VAL B 262 -23.83 -5.90 43.39
C VAL B 262 -24.13 -5.75 44.88
N LEU B 263 -23.28 -4.98 45.57
CA LEU B 263 -23.42 -4.84 47.01
C LEU B 263 -23.95 -3.46 47.42
N HIS B 264 -23.40 -2.39 46.86
CA HIS B 264 -23.76 -1.06 47.31
C HIS B 264 -23.51 -0.06 46.20
N MET B 265 -24.34 0.98 46.17
CA MET B 265 -24.23 2.06 45.19
C MET B 265 -24.26 3.40 45.90
N GLU B 266 -23.38 4.31 45.48
CA GLU B 266 -23.33 5.66 46.07
C GLU B 266 -23.04 6.73 45.03
N PRO B 267 -23.51 7.96 45.24
CA PRO B 267 -23.08 9.07 44.39
C PRO B 267 -21.61 9.41 44.64
N TRP B 268 -21.03 10.13 43.68
CA TRP B 268 -19.61 10.47 43.77
C TRP B 268 -19.35 11.62 44.73
N SER B 269 -20.38 12.37 45.15
CA SER B 269 -20.16 13.52 46.00
C SER B 269 -19.72 13.11 47.40
N SER B 270 -20.11 11.91 47.83
CA SER B 270 -19.78 11.45 49.18
C SER B 270 -18.28 11.20 49.33
N PHE B 271 -17.62 10.80 48.24
CA PHE B 271 -16.21 10.48 48.30
C PHE B 271 -15.37 11.77 48.24
N ASP B 272 -14.19 11.72 48.86
CA ASP B 272 -13.27 12.84 48.73
C ASP B 272 -12.63 12.83 47.35
N ILE B 273 -11.99 13.94 47.01
CA ILE B 273 -11.30 14.11 45.73
C ILE B 273 -9.89 14.62 46.00
N TYR B 274 -8.92 14.11 45.24
CA TYR B 274 -7.51 14.25 45.54
C TYR B 274 -6.72 14.47 44.26
N THR B 275 -5.66 15.29 44.35
CA THR B 275 -4.78 15.55 43.23
C THR B 275 -3.32 15.46 43.66
N ARG B 276 -2.44 15.66 42.67
CA ARG B 276 -1.00 15.51 42.90
C ARG B 276 -0.47 16.59 43.84
N LYS B 277 -0.98 17.82 43.73
CA LYS B 277 -0.49 18.91 44.56
C LYS B 277 -0.94 18.75 46.01
N GLY B 278 -2.19 18.34 46.21
CA GLY B 278 -2.71 18.08 47.53
C GLY B 278 -4.09 17.48 47.46
N PRO B 279 -4.72 17.24 48.61
CA PRO B 279 -6.14 16.89 48.61
C PRO B 279 -6.94 18.01 47.96
N LEU B 280 -7.65 17.66 46.89
CA LEU B 280 -8.15 18.60 45.89
C LEU B 280 -8.99 19.71 46.54
N GLU B 281 -8.47 20.93 46.47
CA GLU B 281 -9.02 22.07 47.21
C GLU B 281 -10.06 22.84 46.41
N ASN B 282 -10.25 22.51 45.14
CA ASN B 282 -11.21 23.24 44.32
C ASN B 282 -12.63 22.86 44.74
N PRO B 283 -13.43 23.82 45.22
CA PRO B 283 -14.80 23.48 45.63
C PRO B 283 -15.78 23.45 44.46
N LYS B 284 -15.44 24.17 43.39
CA LYS B 284 -16.20 24.05 42.15
C LYS B 284 -15.96 22.72 41.47
N ARG B 285 -14.94 21.97 41.89
CA ARG B 285 -14.78 20.61 41.39
C ARG B 285 -15.89 19.71 41.92
N ARG B 286 -16.46 20.05 43.07
CA ARG B 286 -17.70 19.39 43.49
C ARG B 286 -18.85 19.71 42.53
N GLU B 287 -18.90 20.95 42.04
CA GLU B 287 -19.85 21.30 41.01
C GLU B 287 -19.59 20.53 39.71
N LEU B 288 -18.31 20.24 39.41
CA LEU B 288 -18.02 19.36 38.28
C LEU B 288 -18.45 17.92 38.55
N LEU B 289 -18.35 17.48 39.80
CA LEU B 289 -18.86 16.16 40.17
C LEU B 289 -20.36 16.06 39.98
N ASP B 290 -21.10 17.12 40.32
CA ASP B 290 -22.53 17.15 40.05
C ASP B 290 -22.83 17.36 38.56
N GLN B 291 -21.94 18.02 37.83
CA GLN B 291 -22.14 18.21 36.39
C GLN B 291 -21.92 16.90 35.65
N LEU B 292 -21.10 16.00 36.20
CA LEU B 292 -20.95 14.67 35.61
C LEU B 292 -22.04 13.75 36.11
N GLN B 293 -22.47 13.93 37.37
CA GLN B 293 -23.54 13.16 38.01
C GLN B 293 -23.27 11.66 38.00
N GLN B 294 -22.00 11.29 38.19
CA GLN B 294 -21.61 9.89 38.09
C GLN B 294 -21.99 9.14 39.37
N LYS B 295 -22.45 7.90 39.18
CA LYS B 295 -22.85 7.03 40.27
C LYS B 295 -21.92 5.83 40.28
N LEU B 296 -21.50 5.42 41.48
CA LEU B 296 -20.49 4.39 41.66
C LEU B 296 -21.14 3.14 42.24
N TYR B 297 -20.70 1.98 41.75
CA TYR B 297 -21.25 0.69 42.15
C TYR B 297 -20.17 -0.14 42.81
N LEU B 298 -20.58 -0.97 43.76
CA LEU B 298 -19.71 -1.94 44.41
C LEU B 298 -20.00 -3.32 43.86
N ILE B 299 -18.95 -4.00 43.41
CA ILE B 299 -19.09 -5.25 42.67
C ILE B 299 -18.32 -6.33 43.42
N GLN B 300 -18.95 -7.50 43.56
CA GLN B 300 -18.29 -8.68 44.10
C GLN B 300 -18.07 -9.64 42.94
N MET B 301 -16.81 -10.05 42.77
CA MET B 301 -16.38 -10.88 41.65
C MET B 301 -15.69 -12.11 42.21
N ILE B 302 -16.39 -13.24 42.25
CA ILE B 302 -15.88 -14.48 42.83
C ILE B 302 -15.65 -15.46 41.68
N PRO B 303 -14.41 -15.89 41.43
CA PRO B 303 -14.17 -16.75 40.26
C PRO B 303 -14.86 -18.10 40.39
N ARG B 304 -15.26 -18.63 39.23
CA ARG B 304 -16.08 -19.83 39.16
C ARG B 304 -15.21 -21.08 39.23
N GLN B 305 -15.78 -22.12 39.82
CA GLN B 305 -15.02 -23.35 40.04
C GLN B 305 -14.80 -24.13 38.75
N ASN B 306 -15.82 -24.21 37.90
CA ASN B 306 -15.78 -25.02 36.69
C ASN B 306 -15.47 -24.21 35.43
N LEU B 307 -14.67 -23.15 35.56
CA LEU B 307 -14.33 -22.35 34.39
C LEU B 307 -13.36 -23.07 33.47
N PHE B 308 -12.33 -23.68 34.04
CA PHE B 308 -11.25 -24.27 33.25
C PHE B 308 -11.64 -25.69 32.85
N THR B 309 -12.48 -25.76 31.82
CA THR B 309 -12.89 -27.02 31.21
C THR B 309 -11.70 -27.60 30.44
N LYS B 310 -11.74 -28.91 30.16
CA LYS B 310 -10.66 -29.58 29.44
C LYS B 310 -10.38 -28.92 28.09
N ASN B 311 -11.39 -28.30 27.48
CA ASN B 311 -11.18 -27.63 26.19
C ASN B 311 -10.70 -26.21 26.38
N LEU B 312 -11.24 -25.48 27.36
CA LEU B 312 -10.82 -24.12 27.65
C LEU B 312 -9.81 -24.14 28.79
N THR B 313 -8.53 -24.08 28.46
CA THR B 313 -7.44 -24.22 29.40
C THR B 313 -6.59 -22.95 29.36
N PRO B 314 -5.64 -22.75 30.28
CA PRO B 314 -4.74 -21.59 30.17
C PRO B 314 -3.87 -21.58 28.92
N MET B 315 -3.78 -22.69 28.19
CA MET B 315 -3.00 -22.71 26.96
C MET B 315 -3.87 -22.36 25.74
N ASN B 316 -5.19 -22.40 25.89
CA ASN B 316 -6.10 -22.22 24.76
C ASN B 316 -6.91 -20.92 24.84
N TYR B 317 -6.59 -20.00 25.74
CA TYR B 317 -7.47 -18.87 25.97
C TYR B 317 -7.35 -17.81 24.88
N ASN B 318 -6.19 -17.71 24.24
CA ASN B 318 -5.98 -16.69 23.23
C ASN B 318 -6.83 -16.95 21.99
N ILE B 319 -7.05 -18.22 21.63
CA ILE B 319 -7.92 -18.54 20.49
C ILE B 319 -9.35 -18.13 20.80
N PHE B 320 -9.81 -18.36 22.04
CA PHE B 320 -11.14 -17.94 22.45
C PHE B 320 -11.30 -16.43 22.39
N PHE B 321 -10.27 -15.69 22.85
CA PHE B 321 -10.32 -14.24 22.75
C PHE B 321 -10.35 -13.78 21.30
N HIS B 322 -9.58 -14.43 20.43
CA HIS B 322 -9.60 -14.09 19.01
C HIS B 322 -10.97 -14.34 18.39
N LEU B 323 -11.60 -15.47 18.74
CA LEU B 323 -12.93 -15.76 18.20
C LEU B 323 -13.95 -14.73 18.66
N LEU B 324 -13.89 -14.33 19.93
CA LEU B 324 -14.84 -13.35 20.44
C LEU B 324 -14.62 -11.99 19.79
N LYS B 325 -13.36 -11.58 19.61
CA LYS B 325 -13.09 -10.29 18.97
C LYS B 325 -13.47 -10.32 17.49
N HIS B 326 -13.28 -11.45 16.83
CA HIS B 326 -13.67 -11.59 15.43
C HIS B 326 -15.19 -11.54 15.27
N CYS B 327 -15.92 -12.20 16.18
CA CYS B 327 -17.37 -12.22 16.08
C CYS B 327 -17.97 -10.86 16.40
N PHE B 328 -17.45 -10.18 17.42
CA PHE B 328 -18.05 -8.91 17.81
C PHE B 328 -17.58 -7.78 16.91
N GLY B 329 -16.50 -8.00 16.17
CA GLY B 329 -16.30 -7.24 14.95
C GLY B 329 -17.26 -7.70 13.87
N ARG B 330 -17.80 -6.75 13.11
CA ARG B 330 -18.87 -7.00 12.13
C ARG B 330 -20.06 -7.65 12.84
N ARG B 331 -20.72 -6.84 13.69
CA ARG B 331 -21.77 -7.34 14.57
C ARG B 331 -22.97 -7.86 13.79
N SER B 332 -23.38 -7.17 12.73
CA SER B 332 -24.65 -7.47 12.07
C SER B 332 -24.62 -8.79 11.30
N ALA B 333 -23.46 -9.40 11.12
CA ALA B 333 -23.37 -10.63 10.34
C ALA B 333 -23.89 -11.82 11.14
N THR B 334 -24.06 -12.94 10.45
CA THR B 334 -24.46 -14.17 11.11
C THR B 334 -23.24 -14.93 11.64
N VAL B 335 -23.52 -16.01 12.37
CA VAL B 335 -22.44 -16.82 12.93
C VAL B 335 -21.73 -17.60 11.83
N ILE B 336 -22.48 -18.08 10.84
CA ILE B 336 -21.90 -18.88 9.76
C ILE B 336 -20.89 -18.08 8.96
N ASP B 337 -21.19 -16.79 8.71
CA ASP B 337 -20.29 -15.96 7.93
C ASP B 337 -18.95 -15.78 8.63
N HIS B 338 -18.97 -15.61 9.94
CA HIS B 338 -17.73 -15.50 10.69
C HIS B 338 -17.01 -16.84 10.78
N LEU B 339 -17.76 -17.94 10.89
CA LEU B 339 -17.14 -19.25 10.97
C LEU B 339 -16.50 -19.65 9.65
N ARG B 340 -16.96 -19.06 8.54
CA ARG B 340 -16.30 -19.29 7.26
C ARG B 340 -14.86 -18.76 7.29
N SER B 341 -14.64 -17.60 7.91
CA SER B 341 -13.29 -17.06 8.03
C SER B 341 -12.51 -17.77 9.12
N LEU B 342 -13.18 -18.11 10.23
CA LEU B 342 -12.46 -18.63 11.39
C LEU B 342 -11.98 -20.06 11.17
N THR B 343 -12.82 -20.93 10.65
CA THR B 343 -12.50 -22.35 10.62
C THR B 343 -12.70 -22.93 9.23
N PRO B 344 -11.93 -23.95 8.86
CA PRO B 344 -12.19 -24.65 7.59
C PRO B 344 -13.36 -25.61 7.65
N LEU B 345 -13.79 -26.01 8.84
CA LEU B 345 -14.87 -26.97 8.96
C LEU B 345 -16.21 -26.34 8.61
N ASP B 346 -17.23 -27.19 8.44
CA ASP B 346 -18.54 -26.73 8.02
C ASP B 346 -19.25 -26.02 9.18
N ALA B 347 -19.77 -24.82 8.91
CA ALA B 347 -20.44 -24.05 9.95
C ALA B 347 -21.85 -24.57 10.22
N ARG B 348 -22.52 -25.10 9.19
CA ARG B 348 -23.87 -25.64 9.37
C ARG B 348 -23.86 -26.82 10.33
N ASP B 349 -22.86 -27.70 10.20
CA ASP B 349 -22.70 -28.82 11.11
C ASP B 349 -22.55 -28.35 12.55
N ILE B 350 -21.71 -27.34 12.78
CA ILE B 350 -21.46 -26.85 14.13
C ILE B 350 -22.73 -26.24 14.73
N LEU B 351 -23.41 -25.39 13.95
CA LEU B 351 -24.57 -24.70 14.51
C LEU B 351 -25.77 -25.61 14.67
N MET B 352 -25.89 -26.67 13.87
CA MET B 352 -26.95 -27.63 14.14
C MET B 352 -26.56 -28.54 15.30
N GLN B 353 -25.25 -28.75 15.49
CA GLN B 353 -24.78 -29.59 16.58
C GLN B 353 -25.03 -28.93 17.94
N ILE B 354 -24.79 -27.62 18.04
CA ILE B 354 -25.09 -26.95 19.30
C ILE B 354 -26.59 -26.73 19.48
N GLY B 355 -27.37 -26.83 18.41
CA GLY B 355 -28.81 -26.77 18.50
C GLY B 355 -29.41 -25.43 18.15
N LYS B 356 -28.83 -24.72 17.19
CA LYS B 356 -29.30 -23.38 16.89
C LYS B 356 -29.41 -23.22 15.38
N GLN B 357 -29.78 -22.04 14.89
CA GLN B 357 -30.18 -21.90 13.49
C GLN B 357 -29.22 -20.98 12.74
N GLU B 358 -29.33 -21.02 11.41
CA GLU B 358 -28.37 -20.31 10.55
C GLU B 358 -28.63 -18.81 10.56
N ASP B 359 -29.89 -18.40 10.60
CA ASP B 359 -30.25 -16.99 10.53
C ASP B 359 -29.89 -16.24 11.81
N GLU B 360 -29.45 -16.95 12.84
CA GLU B 360 -29.05 -16.36 14.11
C GLU B 360 -27.93 -15.34 13.92
N LYS B 361 -28.06 -14.20 14.57
CA LYS B 361 -26.99 -13.21 14.61
C LYS B 361 -26.11 -13.43 15.83
N VAL B 362 -24.90 -12.89 15.79
CA VAL B 362 -23.97 -13.04 16.91
C VAL B 362 -24.43 -12.21 18.10
N VAL B 363 -25.31 -11.23 17.88
CA VAL B 363 -25.76 -10.37 18.96
C VAL B 363 -26.66 -11.13 19.93
N ASN B 364 -27.58 -11.92 19.41
CA ASN B 364 -28.58 -12.61 20.22
C ASN B 364 -28.11 -13.99 20.71
N MET B 365 -26.81 -14.18 20.82
CA MET B 365 -26.22 -15.45 21.25
C MET B 365 -25.71 -15.30 22.68
N HIS B 366 -26.19 -16.16 23.58
CA HIS B 366 -25.81 -16.09 24.99
C HIS B 366 -24.35 -16.53 25.18
N PRO B 367 -23.71 -16.08 26.28
CA PRO B 367 -22.30 -16.41 26.50
C PRO B 367 -22.01 -17.90 26.62
N GLN B 368 -22.92 -18.67 27.22
CA GLN B 368 -22.68 -20.11 27.34
C GLN B 368 -22.70 -20.80 25.99
N ASP B 369 -23.47 -20.29 25.03
CA ASP B 369 -23.37 -20.83 23.67
C ASP B 369 -22.06 -20.46 23.01
N PHE B 370 -21.46 -19.32 23.37
CA PHE B 370 -20.12 -19.02 22.88
C PHE B 370 -19.12 -20.05 23.40
N LYS B 371 -19.19 -20.36 24.71
CA LYS B 371 -18.30 -21.39 25.25
C LYS B 371 -18.57 -22.76 24.63
N THR B 372 -19.84 -23.10 24.43
CA THR B 372 -20.20 -24.39 23.83
C THR B 372 -19.72 -24.48 22.39
N LEU B 373 -19.80 -23.38 21.63
CA LEU B 373 -19.29 -23.34 20.27
C LEU B 373 -17.79 -23.60 20.24
N PHE B 374 -17.05 -22.91 21.13
CA PHE B 374 -15.61 -23.11 21.18
C PHE B 374 -15.25 -24.54 21.55
N GLU B 375 -15.95 -25.11 22.53
CA GLU B 375 -15.66 -26.48 22.94
C GLU B 375 -16.06 -27.48 21.86
N THR B 376 -17.13 -27.20 21.12
CA THR B 376 -17.55 -28.08 20.03
C THR B 376 -16.53 -28.09 18.91
N ILE B 377 -15.97 -26.93 18.56
CA ILE B 377 -14.88 -26.90 17.59
C ILE B 377 -13.66 -27.65 18.14
N GLU B 378 -13.33 -27.43 19.41
CA GLU B 378 -12.09 -27.95 19.95
C GLU B 378 -12.13 -29.47 20.12
N ARG B 379 -13.30 -30.03 20.42
CA ARG B 379 -13.37 -31.45 20.74
C ARG B 379 -13.15 -32.34 19.51
N SER B 380 -13.39 -31.82 18.31
CA SER B 380 -13.24 -32.64 17.11
C SER B 380 -11.78 -32.99 16.87
N LYS B 381 -11.53 -34.27 16.59
CA LYS B 381 -10.18 -34.78 16.35
C LYS B 381 -10.03 -35.38 14.96
N ASP B 382 -11.02 -35.22 14.08
CA ASP B 382 -10.92 -35.80 12.75
C ASP B 382 -9.96 -35.03 11.86
N CYS B 383 -9.91 -33.71 11.99
CA CYS B 383 -9.14 -32.86 11.11
C CYS B 383 -7.84 -32.40 11.77
N ALA B 384 -6.82 -32.18 10.94
CA ALA B 384 -5.53 -31.73 11.46
C ALA B 384 -5.54 -30.23 11.75
N TYR B 385 -6.30 -29.46 10.98
CA TYR B 385 -6.34 -28.01 11.12
C TYR B 385 -7.77 -27.58 11.45
N LYS B 386 -7.94 -26.94 12.60
CA LYS B 386 -9.25 -26.46 13.02
C LYS B 386 -9.30 -24.96 13.22
N TRP B 387 -8.19 -24.25 13.09
CA TRP B 387 -8.14 -22.85 13.42
C TRP B 387 -7.27 -22.12 12.40
N LEU B 388 -7.54 -20.83 12.23
CA LEU B 388 -6.71 -19.94 11.44
C LEU B 388 -6.14 -18.82 12.29
N TYR B 389 -5.76 -19.16 13.52
CA TYR B 389 -5.10 -18.23 14.43
C TYR B 389 -3.74 -18.82 14.79
N ASP B 390 -2.69 -18.23 14.25
CA ASP B 390 -1.32 -18.51 14.66
C ASP B 390 -0.83 -17.30 15.47
N GLU B 391 0.30 -17.46 16.15
CA GLU B 391 0.87 -16.36 16.92
C GLU B 391 1.39 -15.23 16.04
N THR B 392 1.42 -15.43 14.72
CA THR B 392 1.72 -14.35 13.80
C THR B 392 0.69 -13.21 13.92
N LEU B 393 -0.58 -13.58 14.11
CA LEU B 393 -1.65 -12.59 14.18
C LEU B 393 -1.49 -11.66 15.37
N GLU B 394 -0.74 -12.08 16.37
CA GLU B 394 -0.47 -11.25 17.54
C GLU B 394 0.38 -10.04 17.17
N TRP C 122 -52.75 -24.37 -44.95
CA TRP C 122 -51.40 -23.88 -44.70
C TRP C 122 -51.22 -22.43 -45.18
N ALA C 123 -52.07 -22.03 -46.14
CA ALA C 123 -52.01 -20.67 -46.65
C ALA C 123 -52.38 -19.65 -45.58
N LYS C 124 -53.41 -19.96 -44.78
CA LYS C 124 -53.87 -19.02 -43.75
C LYS C 124 -52.81 -18.83 -42.66
N ILE C 125 -52.17 -19.91 -42.23
CA ILE C 125 -51.14 -19.81 -41.19
C ILE C 125 -49.95 -19.00 -41.69
N LEU C 126 -49.54 -19.24 -42.94
CA LEU C 126 -48.46 -18.46 -43.52
C LEU C 126 -48.83 -16.99 -43.65
N GLU C 127 -50.08 -16.71 -44.04
CA GLU C 127 -50.53 -15.32 -44.14
C GLU C 127 -50.52 -14.63 -42.78
N LYS C 128 -50.99 -15.31 -41.74
CA LYS C 128 -50.95 -14.74 -40.39
C LYS C 128 -49.52 -14.49 -39.94
N ASP C 129 -48.61 -15.42 -40.26
CA ASP C 129 -47.20 -15.24 -39.96
C ASP C 129 -46.65 -14.02 -40.68
N LYS C 130 -47.05 -13.81 -41.94
CA LYS C 130 -46.59 -12.64 -42.68
C LYS C 130 -47.11 -11.33 -42.09
N ARG C 131 -48.38 -11.31 -41.65
CA ARG C 131 -48.92 -10.10 -41.03
C ARG C 131 -48.18 -9.78 -39.73
N THR C 132 -47.94 -10.80 -38.90
CA THR C 132 -47.17 -10.57 -37.67
C THR C 132 -45.75 -10.13 -37.98
N GLN C 133 -45.15 -10.69 -39.04
CA GLN C 133 -43.78 -10.32 -39.41
C GLN C 133 -43.70 -8.86 -39.84
N GLN C 134 -44.64 -8.41 -40.69
CA GLN C 134 -44.68 -7.01 -41.09
C GLN C 134 -44.95 -6.10 -39.90
N MET C 135 -45.76 -6.57 -38.94
CA MET C 135 -45.94 -5.81 -37.70
C MET C 135 -44.63 -5.67 -36.94
N ARG C 136 -43.80 -6.72 -36.93
CA ARG C 136 -42.51 -6.64 -36.24
C ARG C 136 -41.54 -5.71 -36.96
N MET C 137 -41.56 -5.68 -38.30
CA MET C 137 -40.79 -4.67 -39.02
C MET C 137 -41.29 -3.25 -38.73
N GLN C 138 -42.61 -3.06 -38.64
CA GLN C 138 -43.11 -1.75 -38.24
C GLN C 138 -42.65 -1.37 -36.83
N ARG C 139 -42.64 -2.34 -35.91
CA ARG C 139 -42.17 -2.08 -34.56
C ARG C 139 -40.68 -1.72 -34.54
N LEU C 140 -39.86 -2.42 -35.34
CA LEU C 140 -38.44 -2.12 -35.32
C LEU C 140 -38.11 -0.79 -35.97
N LYS C 141 -38.83 -0.44 -37.05
CA LYS C 141 -38.68 0.90 -37.62
C LYS C 141 -39.11 1.97 -36.63
N ALA C 142 -40.17 1.71 -35.86
CA ALA C 142 -40.60 2.66 -34.84
C ALA C 142 -39.53 2.81 -33.76
N LYS C 143 -38.94 1.69 -33.33
CA LYS C 143 -37.91 1.74 -32.29
C LYS C 143 -36.68 2.50 -32.78
N LEU C 144 -36.30 2.31 -34.04
CA LEU C 144 -35.23 3.12 -34.62
C LEU C 144 -35.63 4.60 -34.68
N GLN C 145 -36.90 4.88 -34.97
CA GLN C 145 -37.37 6.26 -35.05
C GLN C 145 -37.56 6.87 -33.67
N MET C 146 -38.06 6.09 -32.71
CA MET C 146 -38.44 6.64 -31.42
C MET C 146 -37.20 7.06 -30.63
N PRO C 147 -37.16 8.27 -30.09
CA PRO C 147 -36.03 8.68 -29.24
C PRO C 147 -36.03 7.91 -27.93
N PHE C 148 -34.82 7.69 -27.41
CA PHE C 148 -34.64 6.86 -26.21
C PHE C 148 -34.80 7.74 -24.97
N GLN C 149 -36.06 8.08 -24.68
CA GLN C 149 -36.39 8.98 -23.58
C GLN C 149 -37.13 8.28 -22.44
N SER C 150 -37.27 6.96 -22.50
CA SER C 150 -37.98 6.19 -21.48
C SER C 150 -37.00 5.35 -20.68
N GLY C 151 -37.05 5.49 -19.35
CA GLY C 151 -36.09 4.80 -18.50
C GLY C 151 -36.31 3.31 -18.45
N GLU C 152 -37.55 2.85 -18.65
CA GLU C 152 -37.82 1.42 -18.65
C GLU C 152 -37.16 0.73 -19.84
N PHE C 153 -37.04 1.44 -20.97
CA PHE C 153 -36.29 0.91 -22.10
C PHE C 153 -34.79 0.98 -21.84
N LYS C 154 -34.35 2.00 -21.10
CA LYS C 154 -32.93 2.10 -20.74
C LYS C 154 -32.53 1.01 -19.76
N ALA C 155 -33.49 0.47 -19.01
CA ALA C 155 -33.20 -0.66 -18.12
C ALA C 155 -32.76 -1.90 -18.90
N LEU C 156 -33.18 -2.01 -20.17
CA LEU C 156 -32.73 -3.09 -21.02
C LEU C 156 -31.54 -2.64 -21.87
N THR C 157 -30.66 -3.60 -22.16
CA THR C 157 -29.50 -3.32 -23.00
C THR C 157 -29.93 -3.02 -24.42
N ARG C 158 -29.51 -1.88 -24.95
CA ARG C 158 -29.97 -1.42 -26.26
C ARG C 158 -28.79 -1.02 -27.13
N ARG C 159 -29.10 -0.50 -28.31
CA ARG C 159 -28.12 -0.21 -29.35
C ARG C 159 -27.23 0.96 -28.97
N LEU C 160 -26.12 1.08 -29.68
CA LEU C 160 -25.27 2.25 -29.58
C LEU C 160 -25.96 3.45 -30.20
N GLN C 161 -25.77 4.62 -29.57
CA GLN C 161 -26.41 5.85 -29.99
C GLN C 161 -25.37 6.73 -30.69
N VAL C 162 -25.58 6.98 -31.98
CA VAL C 162 -24.67 7.82 -32.74
C VAL C 162 -25.12 9.28 -32.75
N GLU C 163 -26.39 9.53 -33.04
CA GLU C 163 -26.92 10.89 -33.08
C GLU C 163 -27.33 11.37 -31.70
N SER C 168 -31.62 21.75 -23.42
CA SER C 168 -32.73 22.33 -22.68
C SER C 168 -33.36 23.48 -23.47
N LYS C 169 -33.76 24.53 -22.76
CA LYS C 169 -34.32 25.70 -23.42
C LYS C 169 -33.29 26.40 -24.30
N GLN C 170 -32.06 26.51 -23.81
CA GLN C 170 -30.98 27.14 -24.57
C GLN C 170 -29.89 26.15 -24.98
N MET C 171 -29.64 25.11 -24.17
CA MET C 171 -28.65 24.10 -24.53
C MET C 171 -29.02 23.39 -25.82
N ALA C 172 -30.29 23.01 -25.98
CA ALA C 172 -30.75 22.28 -27.16
C ALA C 172 -31.17 23.19 -28.30
N GLY C 173 -30.86 24.49 -28.23
CA GLY C 173 -31.24 25.39 -29.29
C GLY C 173 -30.52 25.11 -30.60
N CYS C 174 -29.24 24.73 -30.51
CA CYS C 174 -28.48 24.45 -31.72
C CYS C 174 -28.86 23.11 -32.34
N LEU C 175 -29.08 22.09 -31.50
CA LEU C 175 -29.32 20.75 -32.02
C LEU C 175 -30.74 20.57 -32.54
N GLU C 176 -31.65 21.48 -32.21
CA GLU C 176 -33.07 21.24 -32.51
C GLU C 176 -33.38 21.40 -33.99
N ASP C 177 -32.59 22.18 -34.72
CA ASP C 177 -32.93 22.49 -36.11
C ASP C 177 -31.91 21.97 -37.11
N CYS C 178 -30.62 22.28 -36.92
CA CYS C 178 -29.63 21.96 -37.94
C CYS C 178 -29.41 20.45 -38.06
N THR C 179 -29.53 19.73 -36.95
CA THR C 179 -29.37 18.28 -37.01
C THR C 179 -30.55 17.61 -37.71
N ARG C 180 -31.74 18.18 -37.56
CA ARG C 180 -32.93 17.60 -38.19
C ARG C 180 -32.84 17.69 -39.71
N GLN C 181 -32.55 18.88 -40.23
CA GLN C 181 -32.25 19.04 -41.66
C GLN C 181 -30.76 18.74 -41.84
N ALA C 182 -30.46 17.45 -41.91
CA ALA C 182 -29.08 17.00 -41.96
C ALA C 182 -28.39 17.51 -43.24
N PRO C 183 -27.22 18.13 -43.13
CA PRO C 183 -26.58 18.72 -44.31
C PRO C 183 -26.18 17.66 -45.33
N GLU C 184 -26.37 18.00 -46.60
CA GLU C 184 -25.95 17.11 -47.68
C GLU C 184 -24.43 17.07 -47.81
N SER C 185 -23.79 18.20 -47.55
CA SER C 185 -22.32 18.29 -47.63
C SER C 185 -21.74 18.34 -46.23
N PRO C 186 -21.04 17.29 -45.78
CA PRO C 186 -20.48 17.30 -44.42
C PRO C 186 -19.37 18.30 -44.21
N TRP C 187 -18.74 18.80 -45.29
CA TRP C 187 -17.69 19.80 -45.13
C TRP C 187 -18.24 21.12 -44.62
N GLU C 188 -19.49 21.43 -44.94
CA GLU C 188 -20.14 22.60 -44.40
C GLU C 188 -20.52 22.33 -42.93
N GLU C 189 -20.65 23.42 -42.15
CA GLU C 189 -20.73 23.38 -40.69
C GLU C 189 -19.47 22.76 -40.10
N GLN C 190 -18.34 23.45 -40.30
CA GLN C 190 -17.06 23.04 -39.75
C GLN C 190 -16.49 24.15 -38.88
N LEU C 191 -16.28 23.84 -37.60
CA LEU C 191 -15.56 24.71 -36.65
C LEU C 191 -16.33 26.02 -36.49
N ALA C 192 -15.70 27.17 -36.70
CA ALA C 192 -16.37 28.44 -36.47
C ALA C 192 -17.44 28.73 -37.51
N ARG C 193 -17.41 28.02 -38.64
CA ARG C 193 -18.52 28.15 -39.59
C ARG C 193 -19.79 27.53 -39.02
N LEU C 194 -19.66 26.63 -38.04
CA LEU C 194 -20.82 25.89 -37.53
C LEU C 194 -21.70 26.77 -36.65
N LEU C 195 -21.18 27.93 -36.20
CA LEU C 195 -21.98 28.94 -35.49
C LEU C 195 -23.29 29.28 -36.20
N GLN C 218 -8.11 19.32 -8.91
CA GLN C 218 -9.20 20.28 -8.82
C GLN C 218 -10.52 19.66 -9.28
N LEU C 219 -10.44 18.53 -9.98
CA LEU C 219 -11.63 17.85 -10.45
C LEU C 219 -12.35 17.17 -9.29
N SER C 220 -13.59 16.77 -9.55
CA SER C 220 -14.46 16.28 -8.48
C SER C 220 -14.04 14.91 -7.98
N GLY C 221 -13.26 14.17 -8.75
CA GLY C 221 -12.88 12.83 -8.38
C GLY C 221 -13.62 11.81 -9.21
N GLN C 222 -14.90 12.07 -9.47
CA GLN C 222 -15.65 11.26 -10.41
C GLN C 222 -15.35 11.67 -11.85
N GLN C 223 -15.08 12.96 -12.08
CA GLN C 223 -14.82 13.45 -13.43
C GLN C 223 -13.52 12.90 -13.99
N GLN C 224 -12.47 12.84 -13.16
CA GLN C 224 -11.19 12.32 -13.61
C GLN C 224 -11.26 10.84 -13.97
N ARG C 225 -12.16 10.09 -13.32
CA ARG C 225 -12.41 8.71 -13.72
C ARG C 225 -13.00 8.64 -15.13
N LEU C 226 -13.93 9.54 -15.45
CA LEU C 226 -14.49 9.58 -16.81
C LEU C 226 -13.44 9.98 -17.83
N LEU C 227 -12.56 10.93 -17.48
CA LEU C 227 -11.48 11.32 -18.38
C LEU C 227 -10.53 10.16 -18.64
N ALA C 228 -10.21 9.38 -17.60
CA ALA C 228 -9.39 8.20 -17.79
C ALA C 228 -10.11 7.15 -18.64
N PHE C 229 -11.43 7.04 -18.49
CA PHE C 229 -12.22 6.14 -19.33
C PHE C 229 -12.08 6.49 -20.80
N PHE C 230 -12.26 7.76 -21.14
CA PHE C 230 -12.14 8.18 -22.54
C PHE C 230 -10.71 8.02 -23.06
N LYS C 231 -9.72 8.37 -22.24
CA LYS C 231 -8.33 8.25 -22.66
C LYS C 231 -7.93 6.79 -22.88
N CYS C 232 -8.51 5.86 -22.12
CA CYS C 232 -8.25 4.45 -22.35
C CYS C 232 -9.02 3.91 -23.54
N CYS C 233 -10.24 4.41 -23.79
CA CYS C 233 -10.97 3.99 -24.98
C CYS C 233 -10.29 4.47 -26.26
N LEU C 234 -9.50 5.53 -26.17
CA LEU C 234 -8.66 5.91 -27.31
C LEU C 234 -7.65 4.81 -27.64
N LEU C 235 -7.02 4.23 -26.62
CA LEU C 235 -5.99 3.22 -26.86
C LEU C 235 -6.60 1.87 -27.23
N THR C 236 -7.76 1.53 -26.65
CA THR C 236 -8.34 0.21 -26.79
C THR C 236 -9.12 0.04 -28.10
N ASP C 237 -9.20 1.09 -28.92
CA ASP C 237 -9.89 1.08 -30.21
C ASP C 237 -11.39 0.81 -30.06
N GLN C 238 -12.03 1.44 -29.07
CA GLN C 238 -13.46 1.28 -28.85
C GLN C 238 -14.14 2.65 -28.79
N LEU C 239 -13.88 3.47 -29.79
CA LEU C 239 -14.51 4.79 -29.89
C LEU C 239 -16.04 4.78 -29.86
N PRO C 240 -16.76 3.85 -30.51
CA PRO C 240 -18.22 3.85 -30.38
C PRO C 240 -18.73 3.72 -28.95
N LEU C 241 -18.03 2.97 -28.11
CA LEU C 241 -18.43 2.84 -26.71
C LEU C 241 -18.31 4.17 -25.98
N ALA C 242 -17.19 4.88 -26.18
CA ALA C 242 -17.01 6.19 -25.56
C ALA C 242 -18.03 7.20 -26.08
N HIS C 243 -18.34 7.13 -27.38
CA HIS C 243 -19.35 8.01 -27.95
C HIS C 243 -20.72 7.74 -27.33
N HIS C 244 -21.07 6.47 -27.15
CA HIS C 244 -22.34 6.12 -26.52
C HIS C 244 -22.41 6.67 -25.09
N LEU C 245 -21.35 6.48 -24.32
CA LEU C 245 -21.38 6.98 -22.94
C LEU C 245 -21.43 8.50 -22.91
N LEU C 246 -20.78 9.15 -23.87
CA LEU C 246 -20.80 10.60 -23.95
C LEU C 246 -22.20 11.14 -24.26
N VAL C 247 -22.90 10.51 -25.22
CA VAL C 247 -24.24 10.99 -25.52
C VAL C 247 -25.21 10.69 -24.38
N VAL C 248 -25.03 9.57 -23.66
CA VAL C 248 -25.92 9.29 -22.54
C VAL C 248 -25.69 10.31 -21.42
N HIS C 249 -24.43 10.63 -21.13
CA HIS C 249 -24.14 11.65 -20.13
C HIS C 249 -24.53 13.05 -20.59
N HIS C 250 -24.59 13.30 -21.90
CA HIS C 250 -25.02 14.60 -22.40
C HIS C 250 -26.53 14.77 -22.31
N GLY C 251 -27.28 13.67 -22.44
CA GLY C 251 -28.73 13.77 -22.39
C GLY C 251 -29.25 14.22 -21.03
N GLN C 252 -28.71 13.65 -19.96
CA GLN C 252 -29.23 13.91 -18.62
C GLN C 252 -28.74 15.27 -18.12
N ARG C 253 -29.59 15.95 -17.34
CA ARG C 253 -29.23 17.25 -16.79
C ARG C 253 -28.28 17.12 -15.61
N GLN C 254 -28.36 16.03 -14.84
CA GLN C 254 -27.45 15.83 -13.73
C GLN C 254 -26.06 15.39 -14.18
N LYS C 255 -25.97 14.69 -15.31
CA LYS C 255 -24.71 14.14 -15.77
C LYS C 255 -24.00 15.04 -16.76
N ARG C 256 -24.65 16.10 -17.24
CA ARG C 256 -24.02 17.00 -18.19
C ARG C 256 -23.03 17.95 -17.51
N LYS C 257 -23.27 18.24 -16.23
CA LYS C 257 -22.47 19.27 -15.54
C LYS C 257 -21.02 18.86 -15.37
N LEU C 258 -20.76 17.59 -15.07
CA LEU C 258 -19.39 17.17 -14.76
C LEU C 258 -18.56 16.87 -16.00
N LEU C 259 -19.13 16.99 -17.20
CA LEU C 259 -18.34 16.89 -18.42
C LEU C 259 -17.53 18.17 -18.64
N THR C 260 -16.31 18.01 -19.14
CA THR C 260 -15.43 19.13 -19.43
C THR C 260 -14.98 19.06 -20.89
N LEU C 261 -14.28 20.11 -21.32
CA LEU C 261 -13.90 20.23 -22.73
C LEU C 261 -12.90 19.14 -23.14
N ASP C 262 -12.05 18.70 -22.22
CA ASP C 262 -11.08 17.65 -22.54
C ASP C 262 -11.79 16.33 -22.86
N MET C 263 -12.92 16.06 -22.23
CA MET C 263 -13.64 14.83 -22.50
C MET C 263 -14.28 14.84 -23.89
N TYR C 264 -14.67 16.01 -24.38
CA TYR C 264 -15.09 16.10 -25.78
C TYR C 264 -13.91 16.04 -26.73
N ASN C 265 -12.78 16.64 -26.33
CA ASN C 265 -11.61 16.71 -27.19
C ASN C 265 -10.98 15.34 -27.41
N ALA C 266 -11.08 14.46 -26.40
CA ALA C 266 -10.58 13.10 -26.57
C ALA C 266 -11.34 12.35 -27.65
N VAL C 267 -12.67 12.45 -27.66
CA VAL C 267 -13.46 11.83 -28.73
C VAL C 267 -13.24 12.52 -30.07
N MET C 268 -13.08 13.84 -30.07
CA MET C 268 -12.78 14.55 -31.32
C MET C 268 -11.44 14.11 -31.90
N LEU C 269 -10.45 13.84 -31.05
CA LEU C 269 -9.19 13.30 -31.53
C LEU C 269 -9.33 11.85 -31.96
N GLY C 270 -10.20 11.10 -31.30
CA GLY C 270 -10.43 9.71 -31.69
C GLY C 270 -11.03 9.59 -33.08
N TRP C 271 -11.94 10.50 -33.42
CA TRP C 271 -12.44 10.55 -34.79
C TRP C 271 -11.69 11.52 -35.68
N ALA C 272 -10.63 12.17 -35.19
CA ALA C 272 -9.71 12.85 -36.10
C ALA C 272 -9.01 11.84 -36.99
N ARG C 273 -8.63 10.70 -36.41
CA ARG C 273 -8.18 9.57 -37.19
C ARG C 273 -9.36 8.92 -37.89
N GLN C 274 -9.06 8.03 -38.84
CA GLN C 274 -10.02 7.17 -39.54
C GLN C 274 -11.16 7.95 -40.22
N GLY C 275 -10.96 9.26 -40.43
CA GLY C 275 -11.94 10.06 -41.15
C GLY C 275 -13.21 10.35 -40.37
N ALA C 276 -14.35 9.95 -40.93
CA ALA C 276 -15.66 10.00 -40.27
C ALA C 276 -16.03 11.44 -39.88
N PHE C 277 -16.27 12.24 -40.92
CA PHE C 277 -16.69 13.63 -40.74
C PHE C 277 -17.99 13.74 -39.94
N LYS C 278 -18.89 12.78 -40.10
CA LYS C 278 -20.22 12.85 -39.50
C LYS C 278 -20.14 12.93 -37.97
N GLU C 279 -19.40 12.00 -37.36
CA GLU C 279 -19.31 11.97 -35.91
C GLU C 279 -18.55 13.17 -35.36
N LEU C 280 -17.54 13.65 -36.09
CA LEU C 280 -16.83 14.85 -35.66
C LEU C 280 -17.75 16.06 -35.66
N VAL C 281 -18.59 16.18 -36.68
CA VAL C 281 -19.57 17.27 -36.72
C VAL C 281 -20.57 17.13 -35.57
N TYR C 282 -20.98 15.90 -35.27
CA TYR C 282 -21.91 15.70 -34.15
C TYR C 282 -21.30 16.11 -32.82
N VAL C 283 -20.02 15.77 -32.60
CA VAL C 283 -19.36 16.16 -31.37
C VAL C 283 -19.20 17.69 -31.30
N LEU C 284 -18.96 18.33 -32.44
CA LEU C 284 -18.91 19.79 -32.45
C LEU C 284 -20.27 20.40 -32.07
N PHE C 285 -21.36 19.83 -32.58
CA PHE C 285 -22.70 20.23 -32.18
C PHE C 285 -22.88 20.10 -30.67
N MET C 286 -22.44 18.98 -30.11
CA MET C 286 -22.59 18.76 -28.68
C MET C 286 -21.77 19.76 -27.86
N VAL C 287 -20.56 20.07 -28.32
CA VAL C 287 -19.72 21.04 -27.62
C VAL C 287 -20.37 22.42 -27.62
N LYS C 288 -20.91 22.86 -28.76
CA LYS C 288 -21.56 24.16 -28.77
C LYS C 288 -22.87 24.15 -27.99
N ASP C 289 -23.53 23.00 -27.90
CA ASP C 289 -24.68 22.88 -27.00
C ASP C 289 -24.27 23.08 -25.55
N ALA C 290 -23.11 22.52 -25.17
CA ALA C 290 -22.62 22.76 -23.81
C ALA C 290 -22.20 24.21 -23.62
N GLY C 291 -21.64 24.84 -24.65
CA GLY C 291 -21.22 26.22 -24.56
C GLY C 291 -19.74 26.45 -24.37
N LEU C 292 -18.93 25.39 -24.35
CA LEU C 292 -17.49 25.55 -24.18
C LEU C 292 -16.86 25.98 -25.50
N THR C 293 -16.14 27.10 -25.48
CA THR C 293 -15.48 27.59 -26.68
C THR C 293 -14.32 26.68 -27.06
N PRO C 294 -14.18 26.33 -28.33
CA PRO C 294 -13.14 25.38 -28.75
C PRO C 294 -11.73 25.93 -28.59
N ASP C 295 -10.78 24.99 -28.50
CA ASP C 295 -9.36 25.31 -28.30
C ASP C 295 -8.48 24.79 -29.44
N LEU C 296 -7.17 24.86 -29.27
CA LEU C 296 -6.21 24.49 -30.31
C LEU C 296 -6.38 23.03 -30.73
N LEU C 297 -6.63 22.14 -29.77
CA LEU C 297 -6.67 20.71 -30.08
C LEU C 297 -7.84 20.35 -30.96
N SER C 298 -8.98 21.05 -30.83
CA SER C 298 -10.12 20.80 -31.72
C SER C 298 -9.79 21.18 -33.16
N TYR C 299 -9.15 22.33 -33.36
CA TYR C 299 -8.71 22.73 -34.68
C TYR C 299 -7.69 21.75 -35.25
N ALA C 300 -6.78 21.27 -34.40
CA ALA C 300 -5.81 20.26 -34.82
C ALA C 300 -6.50 18.97 -35.26
N ALA C 301 -7.53 18.56 -34.52
CA ALA C 301 -8.27 17.36 -34.89
C ALA C 301 -8.97 17.53 -36.23
N ALA C 302 -9.60 18.69 -36.45
CA ALA C 302 -10.25 18.94 -37.74
C ALA C 302 -9.25 18.94 -38.89
N LEU C 303 -8.09 19.58 -38.68
CA LEU C 303 -7.04 19.58 -39.69
C LEU C 303 -6.54 18.18 -39.99
N GLN C 304 -6.37 17.35 -38.96
CA GLN C 304 -5.96 15.97 -39.17
C GLN C 304 -7.01 15.21 -39.97
N CYS C 305 -8.28 15.44 -39.68
CA CYS C 305 -9.36 14.75 -40.40
C CYS C 305 -9.36 15.12 -41.88
N MET C 306 -9.29 16.42 -42.19
CA MET C 306 -9.32 16.80 -43.60
C MET C 306 -8.03 16.41 -44.31
N GLY C 307 -6.91 16.39 -43.60
CA GLY C 307 -5.67 15.90 -44.19
C GLY C 307 -5.73 14.42 -44.50
N ARG C 308 -6.34 13.64 -43.62
CA ARG C 308 -6.41 12.20 -43.83
C ARG C 308 -7.36 11.86 -44.97
N GLN C 309 -8.49 12.56 -45.05
CA GLN C 309 -9.43 12.30 -46.14
C GLN C 309 -9.09 13.07 -47.42
N ASP C 310 -8.14 14.00 -47.36
CA ASP C 310 -7.60 14.68 -48.54
C ASP C 310 -8.71 15.38 -49.35
N GLN C 311 -9.59 16.08 -48.64
CA GLN C 311 -10.71 16.75 -49.31
C GLN C 311 -10.23 18.08 -49.89
N ASP C 312 -11.20 18.92 -50.28
CA ASP C 312 -10.90 20.10 -51.09
C ASP C 312 -10.02 21.09 -50.35
N ALA C 313 -9.01 21.61 -51.06
CA ALA C 313 -8.04 22.52 -50.46
C ALA C 313 -8.65 23.90 -50.22
N GLY C 314 -9.65 24.29 -50.99
CA GLY C 314 -10.31 25.55 -50.75
C GLY C 314 -11.02 25.60 -49.41
N THR C 315 -11.59 24.47 -48.99
CA THR C 315 -12.20 24.39 -47.68
C THR C 315 -11.17 24.53 -46.57
N ILE C 316 -9.98 23.94 -46.75
CA ILE C 316 -8.93 24.08 -45.75
C ILE C 316 -8.42 25.51 -45.72
N GLU C 317 -8.36 26.17 -46.88
CA GLU C 317 -7.97 27.57 -46.92
C GLU C 317 -8.99 28.45 -46.23
N ARG C 318 -10.28 28.13 -46.38
CA ARG C 318 -11.33 28.82 -45.63
C ARG C 318 -11.20 28.57 -44.13
N CYS C 319 -10.82 27.35 -43.76
CA CYS C 319 -10.59 27.04 -42.35
C CYS C 319 -9.42 27.83 -41.79
N LEU C 320 -8.40 28.07 -42.60
CA LEU C 320 -7.22 28.80 -42.13
C LEU C 320 -7.30 30.30 -42.38
N GLU C 321 -8.34 30.80 -43.05
CA GLU C 321 -8.64 32.23 -42.97
C GLU C 321 -9.34 32.53 -41.65
N GLN C 322 -10.14 31.59 -41.14
CA GLN C 322 -10.49 31.55 -39.74
C GLN C 322 -9.24 31.13 -38.98
N MET C 323 -9.28 31.27 -37.65
CA MET C 323 -8.21 30.98 -36.70
C MET C 323 -7.10 32.03 -36.82
N SER C 324 -7.18 32.93 -37.79
CA SER C 324 -6.42 34.17 -37.83
C SER C 324 -7.41 35.27 -37.50
N GLN C 325 -6.90 36.38 -36.96
CA GLN C 325 -7.59 37.45 -36.20
C GLN C 325 -7.89 36.96 -34.77
N GLU C 326 -7.69 35.67 -34.49
CA GLU C 326 -7.68 35.14 -33.14
C GLU C 326 -6.25 34.72 -32.78
N GLY C 327 -6.03 34.50 -31.48
CA GLY C 327 -4.71 34.30 -30.93
C GLY C 327 -4.11 32.94 -31.14
N LEU C 328 -4.83 32.02 -31.78
CA LEU C 328 -4.32 30.67 -32.01
C LEU C 328 -3.22 30.70 -33.06
N LYS C 329 -1.96 30.66 -32.61
CA LYS C 329 -0.83 30.65 -33.53
C LYS C 329 -0.58 29.23 -34.03
N LEU C 330 -0.25 29.11 -35.32
CA LEU C 330 -0.18 27.80 -35.96
C LEU C 330 0.97 26.96 -35.41
N GLN C 331 2.13 27.57 -35.18
CA GLN C 331 3.28 26.82 -34.68
C GLN C 331 3.06 26.27 -33.29
N ALA C 332 2.02 26.75 -32.58
CA ALA C 332 1.71 26.21 -31.26
C ALA C 332 1.08 24.82 -31.36
N LEU C 333 0.57 24.44 -32.53
CA LEU C 333 0.06 23.08 -32.68
C LEU C 333 1.18 22.05 -32.63
N PHE C 334 2.33 22.39 -33.21
CA PHE C 334 3.35 21.38 -33.44
C PHE C 334 4.24 21.14 -32.23
N THR C 335 4.38 22.14 -31.35
CA THR C 335 5.19 22.01 -30.15
C THR C 335 4.35 22.38 -28.94
N ALA C 336 4.74 21.84 -27.78
CA ALA C 336 4.12 22.04 -26.47
C ALA C 336 2.69 21.51 -26.40
N VAL C 337 2.22 20.74 -27.38
CA VAL C 337 0.93 20.09 -27.36
C VAL C 337 1.15 18.59 -27.52
N LEU C 338 0.56 17.81 -26.62
CA LEU C 338 0.80 16.36 -26.56
C LEU C 338 -0.02 15.66 -27.64
N LEU C 339 0.55 15.58 -28.83
CA LEU C 339 -0.01 14.80 -29.93
C LEU C 339 1.11 14.02 -30.60
N SER C 340 0.75 12.95 -31.30
CA SER C 340 1.73 12.03 -31.85
C SER C 340 2.42 12.64 -33.08
N GLU C 341 3.41 11.90 -33.59
CA GLU C 341 4.14 12.34 -34.76
C GLU C 341 3.29 12.24 -36.02
N GLU C 342 2.45 11.21 -36.11
CA GLU C 342 1.54 11.08 -37.24
C GLU C 342 0.55 12.24 -37.30
N ASP C 343 0.13 12.73 -36.13
CA ASP C 343 -0.79 13.86 -36.06
C ASP C 343 -0.17 15.11 -36.66
N ARG C 344 1.06 15.44 -36.24
CA ARG C 344 1.71 16.63 -36.77
C ARG C 344 2.09 16.44 -38.23
N ALA C 345 2.36 15.20 -38.65
CA ALA C 345 2.61 14.94 -40.06
C ALA C 345 1.38 15.23 -40.91
N THR C 346 0.20 14.80 -40.44
CA THR C 346 -1.02 15.06 -41.20
C THR C 346 -1.38 16.54 -41.20
N VAL C 347 -1.17 17.23 -40.07
CA VAL C 347 -1.39 18.67 -40.03
C VAL C 347 -0.43 19.38 -40.99
N LEU C 348 0.81 18.91 -41.08
CA LEU C 348 1.76 19.43 -42.07
C LEU C 348 1.27 19.20 -43.48
N LYS C 349 0.70 18.02 -43.75
CA LYS C 349 0.14 17.75 -45.08
C LYS C 349 -0.96 18.72 -45.44
N ALA C 350 -1.79 19.07 -44.45
CA ALA C 350 -2.84 20.06 -44.71
C ALA C 350 -2.26 21.46 -44.97
N VAL C 351 -1.33 21.88 -44.11
CA VAL C 351 -0.79 23.24 -44.21
C VAL C 351 0.01 23.42 -45.50
N HIS C 352 0.73 22.37 -45.92
CA HIS C 352 1.52 22.46 -47.14
C HIS C 352 0.63 22.71 -48.36
N LYS C 353 -0.52 22.05 -48.42
CA LYS C 353 -1.49 22.36 -49.47
C LYS C 353 -2.04 23.77 -49.31
N VAL C 354 -2.24 24.23 -48.08
CA VAL C 354 -2.69 25.61 -47.90
C VAL C 354 -1.54 26.59 -48.12
N LYS C 355 -0.48 26.46 -47.33
CA LYS C 355 0.67 27.37 -47.39
C LYS C 355 1.93 26.55 -47.63
N PRO C 356 2.45 26.53 -48.86
CA PRO C 356 3.64 25.70 -49.16
C PRO C 356 4.94 26.24 -48.59
N THR C 357 4.94 27.45 -48.02
CA THR C 357 6.13 28.07 -47.47
C THR C 357 6.24 27.92 -45.96
N PHE C 358 5.44 27.05 -45.36
CA PHE C 358 5.42 26.88 -43.91
C PHE C 358 6.54 25.93 -43.50
N SER C 359 7.53 26.45 -42.78
CA SER C 359 8.65 25.67 -42.28
C SER C 359 8.83 25.94 -40.79
N LEU C 360 9.08 24.89 -40.02
CA LEU C 360 9.25 25.00 -38.58
C LEU C 360 10.68 25.41 -38.22
N PRO C 361 10.86 26.10 -37.10
CA PRO C 361 12.21 26.51 -36.68
C PRO C 361 13.03 25.34 -36.21
N PRO C 362 14.31 25.25 -36.61
CA PRO C 362 15.10 24.06 -36.29
C PRO C 362 15.61 23.97 -34.85
N GLN C 363 16.11 25.07 -34.29
CA GLN C 363 16.73 25.11 -32.95
C GLN C 363 17.86 24.08 -32.83
N LEU C 364 18.93 24.30 -33.61
CA LEU C 364 20.01 23.31 -33.68
C LEU C 364 20.86 23.24 -32.42
N PRO C 365 21.60 24.29 -32.03
CA PRO C 365 22.71 24.08 -31.08
C PRO C 365 22.21 23.99 -29.64
N PRO C 366 22.70 23.02 -28.88
CA PRO C 366 22.35 22.92 -27.46
C PRO C 366 23.25 23.79 -26.61
N PRO C 367 22.80 24.23 -25.44
CA PRO C 367 23.60 25.11 -24.61
C PRO C 367 24.60 24.35 -23.74
N VAL C 368 25.45 25.12 -23.06
CA VAL C 368 26.50 24.59 -22.18
C VAL C 368 26.29 25.18 -20.79
N ASN C 369 26.69 24.42 -19.76
CA ASN C 369 26.33 24.75 -18.38
C ASN C 369 26.97 26.06 -17.92
N THR C 370 28.25 26.27 -18.26
CA THR C 370 29.09 27.44 -17.98
C THR C 370 28.94 28.01 -16.56
N SER C 371 28.67 27.18 -15.56
CA SER C 371 28.71 27.64 -14.18
C SER C 371 30.15 27.64 -13.67
N LYS C 372 30.35 28.21 -12.48
CA LYS C 372 31.71 28.41 -11.97
C LYS C 372 32.35 27.06 -11.61
N LEU C 373 31.64 26.23 -10.85
CA LEU C 373 32.22 24.96 -10.42
C LEU C 373 32.25 23.93 -11.53
N LEU C 374 31.44 24.11 -12.57
CA LEU C 374 31.35 23.17 -13.68
C LEU C 374 31.85 23.73 -15.00
N ARG C 375 32.66 24.80 -14.94
CA ARG C 375 33.22 25.35 -16.17
C ARG C 375 34.27 24.43 -16.78
N ASP C 376 35.11 23.84 -15.93
CA ASP C 376 36.25 23.07 -16.43
C ASP C 376 35.81 21.75 -17.06
N VAL C 377 34.76 21.13 -16.53
CA VAL C 377 34.34 19.84 -17.05
C VAL C 377 33.65 19.96 -18.40
N TYR C 378 33.20 21.16 -18.76
CA TYR C 378 32.51 21.42 -20.02
C TYR C 378 33.28 22.41 -20.88
N ALA C 379 34.60 22.32 -20.87
CA ALA C 379 35.47 23.27 -21.54
C ALA C 379 36.14 22.59 -22.74
N LYS C 380 36.17 23.30 -23.86
CA LYS C 380 36.74 22.72 -25.08
C LYS C 380 38.26 22.68 -25.02
N ASP C 381 38.88 23.68 -24.39
CA ASP C 381 40.34 23.79 -24.37
C ASP C 381 40.88 22.97 -23.21
N GLY C 382 41.30 21.75 -23.50
CA GLY C 382 41.91 20.90 -22.50
C GLY C 382 42.40 19.61 -23.09
N ARG C 383 43.23 18.91 -22.32
CA ARG C 383 43.72 17.59 -22.66
C ARG C 383 42.94 16.56 -21.86
N VAL C 384 42.24 15.67 -22.56
CA VAL C 384 41.33 14.71 -21.94
C VAL C 384 41.57 13.33 -22.54
N SER C 385 41.50 12.30 -21.70
CA SER C 385 41.65 10.91 -22.12
C SER C 385 40.51 10.10 -21.50
N TYR C 386 39.39 10.00 -22.22
CA TYR C 386 38.22 9.31 -21.71
C TYR C 386 38.44 7.80 -21.73
N PRO C 387 37.88 7.08 -20.76
CA PRO C 387 38.04 5.63 -20.72
C PRO C 387 37.19 4.92 -21.76
N LYS C 388 37.58 3.69 -22.05
CA LYS C 388 36.86 2.83 -22.99
C LYS C 388 36.72 1.43 -22.42
N LEU C 389 35.58 0.81 -22.69
CA LEU C 389 35.33 -0.56 -22.24
C LEU C 389 36.20 -1.54 -23.03
N HIS C 390 36.51 -2.67 -22.40
CA HIS C 390 37.44 -3.61 -22.99
C HIS C 390 36.81 -4.51 -24.04
N LEU C 391 35.49 -4.72 -23.98
CA LEU C 391 34.84 -5.64 -24.90
C LEU C 391 34.69 -5.00 -26.29
N PRO C 392 34.66 -5.82 -27.34
CA PRO C 392 34.50 -5.28 -28.69
C PRO C 392 33.06 -4.88 -28.98
N LEU C 393 32.86 -4.31 -30.18
CA LEU C 393 31.56 -3.76 -30.54
C LEU C 393 30.52 -4.86 -30.76
N LYS C 394 30.93 -5.99 -31.32
CA LYS C 394 29.98 -7.05 -31.63
C LYS C 394 29.38 -7.66 -30.38
N THR C 395 30.19 -7.83 -29.33
CA THR C 395 29.67 -8.36 -28.07
C THR C 395 28.66 -7.40 -27.43
N LEU C 396 28.93 -6.10 -27.47
CA LEU C 396 27.97 -5.14 -26.95
C LEU C 396 26.72 -5.05 -27.83
N GLN C 397 26.85 -5.39 -29.12
CA GLN C 397 25.66 -5.49 -29.96
C GLN C 397 24.82 -6.69 -29.59
N CYS C 398 25.47 -7.82 -29.26
CA CYS C 398 24.73 -9.02 -28.89
C CYS C 398 24.11 -8.94 -27.49
N LEU C 399 24.73 -8.21 -26.56
CA LEU C 399 24.17 -8.11 -25.22
C LEU C 399 22.88 -7.30 -25.17
N PHE C 400 22.74 -6.34 -26.08
CA PHE C 400 21.52 -5.54 -26.17
C PHE C 400 20.31 -6.42 -26.50
N GLU C 401 20.49 -7.38 -27.41
CA GLU C 401 19.40 -8.29 -27.75
C GLU C 401 19.01 -9.18 -26.58
N LYS C 402 19.98 -9.65 -25.80
CA LYS C 402 19.66 -10.43 -24.61
C LYS C 402 18.89 -9.60 -23.60
N GLN C 403 19.29 -8.35 -23.40
CA GLN C 403 18.57 -7.49 -22.46
C GLN C 403 17.15 -7.20 -22.94
N LEU C 404 16.97 -6.98 -24.25
CA LEU C 404 15.64 -6.76 -24.80
C LEU C 404 14.75 -8.00 -24.64
N HIS C 405 15.30 -9.18 -24.89
CA HIS C 405 14.52 -10.40 -24.70
C HIS C 405 14.18 -10.62 -23.23
N MET C 406 15.07 -10.21 -22.33
CA MET C 406 14.79 -10.35 -20.91
C MET C 406 13.74 -9.35 -20.44
N GLU C 407 13.68 -8.16 -21.06
CA GLU C 407 12.74 -7.15 -20.61
C GLU C 407 11.39 -7.21 -21.32
N LEU C 408 11.32 -7.85 -22.49
CA LEU C 408 10.02 -7.99 -23.14
C LEU C 408 9.11 -8.95 -22.37
N ALA C 409 9.64 -10.11 -21.98
CA ALA C 409 9.03 -10.86 -20.90
C ALA C 409 9.27 -10.15 -19.58
N SER C 410 8.40 -10.38 -18.61
CA SER C 410 8.47 -9.67 -17.34
C SER C 410 9.01 -10.54 -16.19
N ARG C 411 9.58 -11.70 -16.50
CA ARG C 411 10.02 -12.63 -15.46
C ARG C 411 11.40 -13.17 -15.80
N VAL C 412 12.12 -13.58 -14.76
CA VAL C 412 13.39 -14.31 -14.87
C VAL C 412 13.35 -15.49 -13.92
N CYS C 413 13.69 -16.68 -14.42
CA CYS C 413 13.68 -17.90 -13.63
C CYS C 413 15.11 -18.32 -13.29
N VAL C 414 15.37 -18.54 -12.00
CA VAL C 414 16.71 -18.79 -11.48
C VAL C 414 16.71 -20.11 -10.72
N VAL C 415 17.71 -20.95 -10.99
CA VAL C 415 17.84 -22.22 -10.28
C VAL C 415 18.24 -21.96 -8.83
N SER C 416 17.66 -22.73 -7.92
CA SER C 416 17.89 -22.60 -6.49
C SER C 416 19.24 -23.20 -6.11
N VAL C 417 19.81 -22.68 -5.03
CA VAL C 417 21.07 -23.18 -4.49
C VAL C 417 20.85 -24.12 -3.32
N GLU C 418 19.60 -24.49 -3.05
CA GLU C 418 19.29 -25.42 -1.97
C GLU C 418 19.75 -26.82 -2.35
N LYS C 419 20.01 -27.65 -1.34
CA LYS C 419 20.49 -29.00 -1.58
C LYS C 419 19.43 -29.82 -2.33
N PRO C 420 19.84 -30.61 -3.32
CA PRO C 420 18.86 -31.36 -4.12
C PRO C 420 18.17 -32.43 -3.29
N THR C 421 16.96 -32.77 -3.71
CA THR C 421 16.15 -33.81 -3.10
C THR C 421 15.74 -34.83 -4.17
N LEU C 422 16.73 -35.26 -4.94
CA LEU C 422 16.50 -36.25 -5.99
C LEU C 422 15.93 -37.58 -5.48
N PRO C 423 16.32 -38.11 -4.32
CA PRO C 423 15.57 -39.24 -3.76
C PRO C 423 14.10 -38.88 -3.57
N SER C 424 13.23 -39.85 -3.80
CA SER C 424 11.79 -39.60 -3.93
C SER C 424 11.19 -39.01 -2.68
N LYS C 425 11.11 -39.80 -1.60
CA LYS C 425 10.55 -39.37 -0.31
C LYS C 425 9.15 -38.76 -0.46
N GLU C 426 8.43 -39.20 -1.49
CA GLU C 426 7.11 -38.70 -1.85
C GLU C 426 7.07 -37.18 -2.04
N VAL C 427 8.06 -36.64 -2.77
CA VAL C 427 7.94 -35.27 -3.24
C VAL C 427 7.27 -35.23 -4.60
N LYS C 428 7.26 -36.36 -5.32
CA LYS C 428 6.62 -36.40 -6.63
C LYS C 428 5.10 -36.36 -6.51
N HIS C 429 4.55 -36.93 -5.45
CA HIS C 429 3.11 -36.85 -5.21
C HIS C 429 2.68 -35.40 -4.98
N ALA C 430 3.42 -34.68 -4.15
CA ALA C 430 3.17 -33.26 -3.94
C ALA C 430 3.33 -32.48 -5.23
N ARG C 431 4.35 -32.82 -6.01
CA ARG C 431 4.63 -32.10 -7.26
C ARG C 431 3.53 -32.33 -8.29
N LYS C 432 2.93 -33.52 -8.29
CA LYS C 432 1.84 -33.80 -9.23
C LYS C 432 0.53 -33.13 -8.79
N THR C 433 0.26 -33.15 -7.48
CA THR C 433 -0.93 -32.47 -6.98
C THR C 433 -0.86 -30.98 -7.23
N LEU C 434 0.33 -30.39 -7.08
CA LEU C 434 0.50 -28.97 -7.38
C LEU C 434 0.17 -28.67 -8.83
N LYS C 435 0.60 -29.55 -9.75
CA LYS C 435 0.35 -29.32 -11.17
C LYS C 435 -1.14 -29.39 -11.50
N THR C 436 -1.83 -30.43 -11.00
CA THR C 436 -3.25 -30.55 -11.34
C THR C 436 -4.08 -29.42 -10.73
N LEU C 437 -3.77 -29.03 -9.47
CA LEU C 437 -4.47 -27.89 -8.88
C LEU C 437 -4.15 -26.60 -9.63
N ARG C 438 -2.91 -26.43 -10.07
CA ARG C 438 -2.52 -25.17 -10.70
C ARG C 438 -3.04 -25.07 -12.13
N ASP C 439 -3.48 -26.18 -12.73
CA ASP C 439 -4.20 -26.07 -14.00
C ASP C 439 -5.70 -25.81 -13.78
N GLN C 440 -6.27 -26.43 -12.74
CA GLN C 440 -7.68 -26.16 -12.41
C GLN C 440 -7.90 -24.69 -12.10
N TRP C 441 -6.99 -24.09 -11.32
CA TRP C 441 -7.11 -22.68 -10.97
C TRP C 441 -7.00 -21.79 -12.20
N GLU C 442 -6.16 -22.18 -13.17
CA GLU C 442 -6.01 -21.38 -14.39
C GLU C 442 -7.30 -21.37 -15.19
N LYS C 443 -7.93 -22.53 -15.35
CA LYS C 443 -9.21 -22.57 -16.07
C LYS C 443 -10.28 -21.76 -15.35
N ALA C 444 -10.33 -21.88 -14.01
CA ALA C 444 -11.31 -21.12 -13.23
C ALA C 444 -11.11 -19.62 -13.38
N LEU C 445 -9.85 -19.17 -13.36
CA LEU C 445 -9.56 -17.75 -13.48
C LEU C 445 -9.96 -17.23 -14.85
N CYS C 446 -9.71 -18.01 -15.91
CA CYS C 446 -10.14 -17.57 -17.24
C CYS C 446 -11.65 -17.42 -17.34
N ARG C 447 -12.39 -18.40 -16.80
CA ARG C 447 -13.85 -18.31 -16.83
C ARG C 447 -14.36 -17.10 -16.04
N ALA C 448 -13.78 -16.86 -14.86
CA ALA C 448 -14.19 -15.73 -14.05
C ALA C 448 -13.90 -14.40 -14.74
N LEU C 449 -12.74 -14.31 -15.40
CA LEU C 449 -12.41 -13.09 -16.13
C LEU C 449 -13.39 -12.81 -17.25
N ARG C 450 -13.77 -13.84 -18.02
CA ARG C 450 -14.73 -13.63 -19.09
C ARG C 450 -16.10 -13.21 -18.56
N GLU C 451 -16.55 -13.84 -17.47
CA GLU C 451 -17.85 -13.45 -16.91
C GLU C 451 -17.83 -12.02 -16.38
N THR C 452 -16.74 -11.63 -15.72
CA THR C 452 -16.61 -10.26 -15.22
C THR C 452 -16.62 -9.26 -16.36
N LYS C 453 -15.91 -9.56 -17.45
CA LYS C 453 -15.88 -8.64 -18.59
C LYS C 453 -17.25 -8.52 -19.25
N ASN C 454 -17.97 -9.63 -19.38
CA ASN C 454 -19.30 -9.56 -19.97
C ASN C 454 -20.32 -8.88 -19.06
N ARG C 455 -20.08 -8.85 -17.75
CA ARG C 455 -20.96 -8.06 -16.89
C ARG C 455 -20.62 -6.57 -16.95
N LEU C 456 -19.33 -6.25 -16.94
CA LEU C 456 -18.93 -4.84 -16.94
C LEU C 456 -19.20 -4.17 -18.28
N GLU C 457 -19.28 -4.93 -19.37
CA GLU C 457 -19.70 -4.33 -20.64
C GLU C 457 -21.16 -3.89 -20.59
N ARG C 458 -22.02 -4.72 -20.00
CA ARG C 458 -23.40 -4.31 -19.78
C ARG C 458 -23.49 -3.15 -18.81
N GLU C 459 -22.55 -3.06 -17.86
CA GLU C 459 -22.51 -1.91 -16.97
C GLU C 459 -22.07 -0.63 -17.70
N VAL C 460 -21.18 -0.76 -18.70
CA VAL C 460 -20.83 0.39 -19.53
C VAL C 460 -22.04 0.84 -20.34
N TYR C 461 -22.76 -0.11 -20.93
CA TYR C 461 -24.09 0.19 -21.42
C TYR C 461 -24.99 0.57 -20.24
N GLU C 462 -26.18 1.08 -20.55
CA GLU C 462 -27.12 1.66 -19.60
C GLU C 462 -26.56 2.91 -18.93
N GLY C 463 -25.49 3.49 -19.45
CA GLY C 463 -24.97 4.76 -18.98
C GLY C 463 -24.36 4.75 -17.60
N ARG C 464 -23.42 3.84 -17.34
CA ARG C 464 -22.67 3.82 -16.10
C ARG C 464 -21.18 3.64 -16.38
N PHE C 465 -20.35 4.25 -15.54
CA PHE C 465 -18.91 4.04 -15.60
C PHE C 465 -18.54 2.68 -15.04
N SER C 466 -17.55 2.03 -15.66
CA SER C 466 -16.99 0.80 -15.12
C SER C 466 -15.58 0.62 -15.68
N LEU C 467 -14.94 -0.47 -15.27
CA LEU C 467 -13.55 -0.74 -15.60
C LEU C 467 -13.39 -1.64 -16.82
N TYR C 468 -14.31 -1.58 -17.78
CA TYR C 468 -14.22 -2.43 -18.96
C TYR C 468 -12.99 -2.18 -19.82
N PRO C 469 -12.66 -0.94 -20.24
CA PRO C 469 -11.48 -0.78 -21.11
C PRO C 469 -10.16 -1.08 -20.43
N PHE C 470 -10.11 -1.08 -19.10
CA PHE C 470 -8.86 -1.36 -18.40
C PHE C 470 -8.53 -2.85 -18.42
N LEU C 471 -9.54 -3.71 -18.40
CA LEU C 471 -9.31 -5.14 -18.48
C LEU C 471 -9.09 -5.63 -19.91
N CYS C 472 -9.36 -4.80 -20.91
CA CYS C 472 -9.06 -5.12 -22.30
C CYS C 472 -7.72 -4.56 -22.75
N LEU C 473 -6.97 -3.93 -21.85
CA LEU C 473 -5.66 -3.38 -22.20
C LEU C 473 -4.61 -4.47 -22.38
N LEU C 474 -4.82 -5.63 -21.77
CA LEU C 474 -3.89 -6.75 -21.87
C LEU C 474 -4.67 -8.00 -22.26
N ASP C 475 -3.97 -8.98 -22.79
CA ASP C 475 -4.60 -10.26 -23.10
C ASP C 475 -4.96 -11.00 -21.81
N GLU C 476 -5.89 -11.94 -21.94
CA GLU C 476 -6.38 -12.67 -20.77
C GLU C 476 -5.28 -13.53 -20.16
N ARG C 477 -4.47 -14.18 -21.01
CA ARG C 477 -3.44 -15.08 -20.50
C ARG C 477 -2.40 -14.35 -19.66
N GLU C 478 -2.10 -13.09 -20.01
CA GLU C 478 -1.12 -12.34 -19.24
C GLU C 478 -1.66 -11.94 -17.88
N VAL C 479 -2.94 -11.56 -17.81
CA VAL C 479 -3.56 -11.22 -16.53
C VAL C 479 -3.62 -12.44 -15.63
N VAL C 480 -4.03 -13.59 -16.17
CA VAL C 480 -4.10 -14.81 -15.38
C VAL C 480 -2.71 -15.23 -14.92
N ARG C 481 -1.71 -15.09 -15.79
CA ARG C 481 -0.34 -15.44 -15.43
C ARG C 481 0.19 -14.55 -14.31
N MET C 482 -0.14 -13.26 -14.38
CA MET C 482 0.29 -12.35 -13.32
C MET C 482 -0.37 -12.70 -11.99
N LEU C 483 -1.67 -13.04 -12.02
CA LEU C 483 -2.35 -13.44 -10.79
C LEU C 483 -1.76 -14.70 -10.20
N LEU C 484 -1.42 -15.67 -11.05
CA LEU C 484 -0.80 -16.91 -10.56
C LEU C 484 0.58 -16.64 -9.96
N GLN C 485 1.36 -15.76 -10.60
CA GLN C 485 2.66 -15.38 -10.04
C GLN C 485 2.51 -14.72 -8.68
N VAL C 486 1.51 -13.86 -8.53
CA VAL C 486 1.29 -13.18 -7.25
C VAL C 486 0.83 -14.17 -6.19
N LEU C 487 0.00 -15.14 -6.54
CA LEU C 487 -0.40 -16.16 -5.57
C LEU C 487 0.79 -17.03 -5.16
N GLN C 488 1.73 -17.28 -6.08
CA GLN C 488 2.87 -18.12 -5.75
C GLN C 488 3.78 -17.45 -4.73
N ALA C 489 4.09 -16.17 -4.91
CA ALA C 489 4.99 -15.45 -4.01
C ALA C 489 4.24 -14.84 -2.84
N LEU C 490 3.60 -15.69 -2.05
CA LEU C 490 2.76 -15.28 -0.93
C LEU C 490 3.29 -15.87 0.36
N PRO C 491 3.59 -15.05 1.37
CA PRO C 491 4.11 -15.58 2.62
C PRO C 491 3.06 -16.38 3.38
N ALA C 492 3.54 -17.29 4.22
CA ALA C 492 2.64 -18.11 5.02
C ALA C 492 1.84 -17.26 6.01
N GLN C 493 2.44 -16.16 6.47
CA GLN C 493 1.73 -15.27 7.38
C GLN C 493 0.58 -14.55 6.69
N GLY C 494 0.81 -14.07 5.48
CA GLY C 494 -0.16 -13.31 4.74
C GLY C 494 0.17 -11.82 4.75
N GLU C 495 -0.39 -11.11 3.78
CA GLU C 495 -0.17 -9.68 3.64
C GLU C 495 -1.49 -8.94 3.74
N SER C 496 -1.40 -7.62 3.77
CA SER C 496 -2.58 -6.79 3.83
C SER C 496 -3.31 -6.76 2.49
N PHE C 497 -4.60 -6.45 2.54
CA PHE C 497 -5.42 -6.38 1.34
C PHE C 497 -4.99 -5.21 0.44
N THR C 498 -4.72 -4.06 1.05
CA THR C 498 -4.41 -2.85 0.28
C THR C 498 -3.06 -2.97 -0.42
N THR C 499 -2.11 -3.63 0.26
CA THR C 499 -0.76 -3.89 -0.29
C THR C 499 -0.93 -4.76 -1.55
N LEU C 500 -1.57 -5.93 -1.43
CA LEU C 500 -1.84 -6.80 -2.59
C LEU C 500 -2.50 -5.96 -3.68
N ALA C 501 -3.67 -5.39 -3.41
CA ALA C 501 -4.41 -4.56 -4.39
C ALA C 501 -3.43 -3.66 -5.15
N ARG C 502 -2.72 -2.77 -4.45
CA ARG C 502 -1.72 -1.88 -5.07
C ARG C 502 -0.78 -2.70 -5.96
N GLU C 503 -0.07 -3.68 -5.41
CA GLU C 503 0.85 -4.56 -6.16
C GLU C 503 0.22 -4.94 -7.51
N LEU C 504 -1.02 -5.43 -7.51
CA LEU C 504 -1.70 -5.91 -8.75
C LEU C 504 -1.89 -4.75 -9.73
N SER C 505 -2.16 -3.54 -9.25
CA SER C 505 -2.40 -2.35 -10.11
C SER C 505 -1.11 -1.87 -10.76
N ALA C 506 -0.01 -1.76 -10.00
CA ALA C 506 1.29 -1.32 -10.52
C ALA C 506 1.82 -2.27 -11.57
N ARG C 507 1.71 -3.58 -11.33
CA ARG C 507 2.18 -4.54 -12.31
C ARG C 507 1.41 -4.44 -13.62
N THR C 508 0.09 -4.28 -13.54
CA THR C 508 -0.72 -4.13 -14.75
C THR C 508 -0.29 -2.91 -15.57
N PHE C 509 -0.06 -1.78 -14.88
CA PHE C 509 0.37 -0.58 -15.59
C PHE C 509 1.73 -0.76 -16.25
N SER C 510 2.65 -1.42 -15.56
CA SER C 510 3.98 -1.65 -16.13
C SER C 510 3.92 -2.50 -17.39
N ARG C 511 3.15 -3.59 -17.36
CA ARG C 511 3.05 -4.43 -18.54
C ARG C 511 2.36 -3.71 -19.69
N HIS C 512 1.39 -2.86 -19.40
CA HIS C 512 0.77 -2.04 -20.44
C HIS C 512 1.79 -1.13 -21.12
N VAL C 513 2.63 -0.47 -20.31
CA VAL C 513 3.63 0.45 -20.86
C VAL C 513 4.62 -0.30 -21.73
N VAL C 514 5.04 -1.49 -21.30
CA VAL C 514 6.00 -2.26 -22.10
C VAL C 514 5.37 -2.75 -23.41
N GLN C 515 4.12 -3.22 -23.35
CA GLN C 515 3.47 -3.79 -24.54
C GLN C 515 3.17 -2.73 -25.59
N ARG C 516 2.85 -1.50 -25.17
CA ARG C 516 2.55 -0.45 -26.12
C ARG C 516 3.72 -0.16 -27.05
N GLN C 517 4.94 -0.20 -26.54
CA GLN C 517 6.10 0.03 -27.40
C GLN C 517 6.29 -1.09 -28.40
N ARG C 518 5.83 -2.30 -28.07
CA ARG C 518 5.86 -3.37 -29.06
C ARG C 518 4.86 -3.12 -30.18
N VAL C 519 3.64 -2.69 -29.84
CA VAL C 519 2.66 -2.51 -30.93
C VAL C 519 3.01 -1.32 -31.79
N SER C 520 3.75 -0.35 -31.27
CA SER C 520 4.27 0.74 -32.10
C SER C 520 5.68 0.37 -32.57
N GLY C 521 6.40 1.34 -33.13
CA GLY C 521 7.70 1.11 -33.71
C GLY C 521 8.89 1.68 -32.97
N GLN C 522 8.79 1.91 -31.66
CA GLN C 522 9.88 2.55 -30.93
C GLN C 522 11.01 1.58 -30.60
N VAL C 523 10.73 0.27 -30.59
CA VAL C 523 11.76 -0.72 -30.30
C VAL C 523 12.84 -0.72 -31.39
N GLN C 524 12.42 -0.68 -32.65
CA GLN C 524 13.38 -0.69 -33.75
C GLN C 524 14.24 0.58 -33.77
N ALA C 525 13.61 1.72 -33.51
CA ALA C 525 14.35 2.98 -33.44
C ALA C 525 15.36 2.95 -32.29
N LEU C 526 14.97 2.38 -31.15
CA LEU C 526 15.92 2.22 -30.05
C LEU C 526 17.08 1.32 -30.44
N GLN C 527 16.80 0.25 -31.20
CA GLN C 527 17.88 -0.63 -31.65
C GLN C 527 18.87 0.12 -32.53
N ASN C 528 18.35 0.91 -33.48
CA ASN C 528 19.23 1.65 -34.38
C ASN C 528 20.07 2.68 -33.62
N HIS C 529 19.43 3.45 -32.73
CA HIS C 529 20.18 4.45 -31.97
C HIS C 529 21.19 3.80 -31.03
N TYR C 530 20.84 2.66 -30.43
CA TYR C 530 21.80 2.00 -29.53
C TYR C 530 23.00 1.48 -30.30
N ARG C 531 22.78 0.89 -31.48
CA ARG C 531 23.92 0.40 -32.25
C ARG C 531 24.79 1.52 -32.77
N LYS C 532 24.21 2.70 -33.05
CA LYS C 532 25.04 3.84 -33.42
C LYS C 532 25.75 4.43 -32.21
N TYR C 533 25.13 4.34 -31.03
CA TYR C 533 25.69 4.93 -29.81
C TYR C 533 26.85 4.11 -29.27
N LEU C 534 26.82 2.79 -29.46
CA LEU C 534 27.81 1.93 -28.82
C LEU C 534 29.24 2.14 -29.31
N CYS C 535 29.45 2.96 -30.34
CA CYS C 535 30.80 3.18 -30.86
C CYS C 535 31.67 3.97 -29.89
N LEU C 536 31.07 4.85 -29.09
CA LEU C 536 31.85 5.67 -28.17
C LEU C 536 32.31 4.85 -26.96
N LEU C 537 31.49 3.90 -26.52
CA LEU C 537 31.74 3.17 -25.29
C LEU C 537 32.48 1.86 -25.51
N ALA C 538 32.97 1.60 -26.70
CA ALA C 538 33.58 0.32 -27.00
C ALA C 538 34.98 0.51 -27.56
N SER C 539 35.81 -0.53 -27.41
CA SER C 539 37.08 -0.58 -28.10
C SER C 539 36.84 -0.79 -29.60
N ASP C 540 37.96 -0.80 -30.34
CA ASP C 540 38.09 -0.91 -31.80
C ASP C 540 36.97 -0.19 -32.57
N ALA C 541 36.61 1.00 -32.09
CA ALA C 541 35.58 1.81 -32.73
C ALA C 541 35.81 3.26 -32.29
N GLU C 542 36.17 4.13 -33.22
CA GLU C 542 36.60 5.48 -32.91
C GLU C 542 35.55 6.50 -33.34
N VAL C 543 35.34 7.50 -32.50
CA VAL C 543 34.47 8.65 -32.78
C VAL C 543 35.38 9.77 -33.27
N PRO C 544 34.96 10.59 -34.24
CA PRO C 544 35.81 11.71 -34.68
C PRO C 544 36.18 12.70 -33.58
N GLU C 545 35.29 12.97 -32.64
CA GLU C 545 35.62 13.87 -31.54
C GLU C 545 35.23 13.24 -30.20
N PRO C 546 36.03 13.46 -29.16
CA PRO C 546 35.66 12.92 -27.84
C PRO C 546 34.58 13.76 -27.19
N CYS C 547 33.59 13.08 -26.60
CA CYS C 547 32.50 13.74 -25.90
C CYS C 547 31.87 12.77 -24.92
N LEU C 548 31.11 13.33 -23.98
CA LEU C 548 30.43 12.52 -22.98
C LEU C 548 29.29 11.72 -23.62
N PRO C 549 28.89 10.61 -22.99
CA PRO C 549 27.84 9.77 -23.59
C PRO C 549 26.51 10.47 -23.81
N ARG C 550 26.11 11.38 -22.91
CA ARG C 550 24.89 12.15 -23.11
C ARG C 550 24.99 13.06 -24.34
N GLN C 551 26.14 13.70 -24.53
CA GLN C 551 26.34 14.58 -25.67
C GLN C 551 26.29 13.80 -26.98
N TYR C 552 26.84 12.59 -26.99
CA TYR C 552 26.78 11.77 -28.20
C TYR C 552 25.38 11.23 -28.43
N TRP C 553 24.65 10.92 -27.34
CA TRP C 553 23.28 10.47 -27.46
C TRP C 553 22.39 11.55 -28.09
N GLU C 554 22.57 12.80 -27.68
CA GLU C 554 21.73 13.87 -28.21
C GLU C 554 22.25 14.45 -29.52
N GLU C 555 23.55 14.35 -29.80
CA GLU C 555 24.09 14.81 -31.07
C GLU C 555 23.53 13.98 -32.22
N LEU C 556 23.46 12.66 -32.03
CA LEU C 556 22.70 11.82 -32.92
C LEU C 556 21.23 12.15 -32.80
N GLY C 557 20.46 11.91 -33.85
CA GLY C 557 19.02 12.12 -33.79
C GLY C 557 18.38 11.17 -32.79
N ALA C 558 17.74 11.74 -31.78
CA ALA C 558 17.20 10.88 -30.74
C ALA C 558 15.69 10.75 -30.88
N PRO C 559 15.16 9.54 -30.69
CA PRO C 559 13.71 9.36 -30.68
C PRO C 559 13.11 10.08 -29.47
N GLU C 560 11.86 10.53 -29.63
CA GLU C 560 11.17 11.23 -28.57
C GLU C 560 10.90 10.31 -27.38
N ALA C 561 10.53 9.05 -27.67
CA ALA C 561 10.23 8.02 -26.67
C ALA C 561 9.17 8.50 -25.68
N LEU C 562 8.01 8.87 -26.23
CA LEU C 562 6.92 9.39 -25.41
C LEU C 562 6.36 8.33 -24.48
N ARG C 563 5.98 8.74 -23.28
CA ARG C 563 5.46 7.85 -22.24
C ARG C 563 4.13 8.37 -21.73
N GLU C 564 3.34 7.46 -21.15
CA GLU C 564 1.99 7.78 -20.71
C GLU C 564 2.00 8.42 -19.32
N GLN C 565 1.09 9.37 -19.12
CA GLN C 565 0.87 9.91 -17.78
C GLN C 565 0.25 8.82 -16.89
N PRO C 566 0.60 8.81 -15.61
CA PRO C 566 0.08 7.78 -14.71
C PRO C 566 -1.42 7.91 -14.48
N TRP C 567 -2.04 6.77 -14.16
CA TRP C 567 -3.46 6.75 -13.87
C TRP C 567 -3.76 7.50 -12.57
N PRO C 568 -4.96 8.03 -12.42
CA PRO C 568 -5.37 8.58 -11.13
C PRO C 568 -5.52 7.49 -10.09
N LEU C 569 -5.35 7.89 -8.83
CA LEU C 569 -5.31 6.94 -7.72
C LEU C 569 -6.59 6.10 -7.53
N PRO C 570 -7.82 6.66 -7.59
CA PRO C 570 -9.00 5.79 -7.40
C PRO C 570 -9.11 4.67 -8.41
N VAL C 571 -8.76 4.90 -9.67
CA VAL C 571 -8.83 3.84 -10.67
C VAL C 571 -7.86 2.71 -10.32
N GLN C 572 -6.65 3.06 -9.90
CA GLN C 572 -5.68 2.06 -9.47
C GLN C 572 -6.21 1.24 -8.30
N MET C 573 -6.78 1.92 -7.31
CA MET C 573 -7.28 1.21 -6.12
C MET C 573 -8.42 0.27 -6.46
N GLU C 574 -9.40 0.74 -7.26
CA GLU C 574 -10.52 -0.11 -7.62
C GLU C 574 -10.10 -1.29 -8.50
N LEU C 575 -9.17 -1.08 -9.44
CA LEU C 575 -8.71 -2.19 -10.26
C LEU C 575 -7.99 -3.25 -9.44
N GLY C 576 -7.12 -2.82 -8.51
CA GLY C 576 -6.45 -3.76 -7.64
C GLY C 576 -7.42 -4.53 -6.75
N LYS C 577 -8.41 -3.83 -6.22
CA LYS C 577 -9.42 -4.48 -5.38
C LYS C 577 -10.23 -5.50 -6.17
N LEU C 578 -10.61 -5.15 -7.41
CA LEU C 578 -11.37 -6.08 -8.25
C LEU C 578 -10.58 -7.33 -8.56
N LEU C 579 -9.29 -7.17 -8.89
CA LEU C 579 -8.48 -8.35 -9.19
C LEU C 579 -8.23 -9.20 -7.95
N ALA C 580 -8.08 -8.56 -6.78
CA ALA C 580 -7.94 -9.33 -5.54
C ALA C 580 -9.21 -10.12 -5.23
N GLU C 581 -10.38 -9.50 -5.41
CA GLU C 581 -11.64 -10.22 -5.22
C GLU C 581 -11.76 -11.40 -6.18
N MET C 582 -11.33 -11.21 -7.43
CA MET C 582 -11.34 -12.32 -8.38
C MET C 582 -10.44 -13.45 -7.92
N LEU C 583 -9.26 -13.12 -7.39
CA LEU C 583 -8.35 -14.15 -6.90
C LEU C 583 -8.94 -14.93 -5.73
N VAL C 584 -9.59 -14.23 -4.78
CA VAL C 584 -10.16 -14.96 -3.65
C VAL C 584 -11.37 -15.79 -4.06
N GLN C 585 -12.24 -15.26 -4.92
CA GLN C 585 -13.48 -15.95 -5.25
C GLN C 585 -13.35 -16.88 -6.45
N ALA C 586 -12.16 -17.05 -7.02
CA ALA C 586 -11.99 -17.99 -8.11
C ALA C 586 -11.23 -19.25 -7.72
N THR C 587 -10.27 -19.16 -6.82
CA THR C 587 -9.44 -20.31 -6.44
C THR C 587 -10.17 -21.15 -5.38
N GLN C 588 -10.19 -22.46 -5.58
CA GLN C 588 -10.90 -23.38 -4.71
C GLN C 588 -10.12 -24.69 -4.62
N MET C 589 -10.14 -25.31 -3.45
CA MET C 589 -9.17 -26.35 -3.10
C MET C 589 -9.88 -27.47 -2.34
N PRO C 590 -9.43 -28.72 -2.47
CA PRO C 590 -9.99 -29.78 -1.64
C PRO C 590 -9.68 -29.58 -0.16
N CYS C 591 -10.60 -30.02 0.68
CA CYS C 591 -10.44 -29.83 2.12
C CYS C 591 -9.40 -30.78 2.69
N SER C 592 -9.61 -32.09 2.54
CA SER C 592 -8.71 -33.11 3.07
C SER C 592 -7.83 -33.62 1.94
N LEU C 593 -6.52 -33.42 2.08
CA LEU C 593 -5.59 -33.79 1.03
C LEU C 593 -4.99 -35.17 1.22
N ASP C 594 -4.82 -35.62 2.47
CA ASP C 594 -4.22 -36.93 2.71
C ASP C 594 -5.14 -38.05 2.25
N LYS C 595 -6.46 -37.87 2.42
CA LYS C 595 -7.46 -38.84 1.98
C LYS C 595 -8.40 -38.13 1.00
N PRO C 596 -8.12 -38.18 -0.30
CA PRO C 596 -8.97 -37.44 -1.24
C PRO C 596 -10.33 -38.07 -1.46
N HIS C 597 -10.40 -39.41 -1.48
CA HIS C 597 -11.68 -40.07 -1.75
C HIS C 597 -12.62 -40.02 -0.56
N ARG C 598 -12.09 -39.77 0.64
CA ARG C 598 -12.93 -39.79 1.85
C ARG C 598 -13.87 -38.59 1.89
N SER C 599 -13.39 -37.41 1.51
CA SER C 599 -14.16 -36.19 1.61
C SER C 599 -14.34 -35.55 0.24
N SER C 600 -15.49 -34.91 0.03
CA SER C 600 -15.80 -34.21 -1.21
C SER C 600 -16.15 -32.76 -0.98
N ARG C 601 -15.65 -32.17 0.12
CA ARG C 601 -15.91 -30.78 0.43
C ARG C 601 -14.83 -29.90 -0.17
N LEU C 602 -15.24 -28.73 -0.66
CA LEU C 602 -14.35 -27.80 -1.34
C LEU C 602 -14.29 -26.50 -0.55
N VAL C 603 -13.08 -26.06 -0.22
CA VAL C 603 -12.84 -24.92 0.64
C VAL C 603 -12.01 -23.87 -0.09
N PRO C 604 -12.06 -22.59 0.31
CA PRO C 604 -11.20 -21.59 -0.33
C PRO C 604 -9.73 -21.79 -0.04
N VAL C 605 -8.89 -21.31 -0.95
CA VAL C 605 -7.45 -21.29 -0.72
C VAL C 605 -7.08 -20.15 0.22
N LEU C 606 -7.60 -18.96 -0.04
CA LEU C 606 -7.25 -17.76 0.69
C LEU C 606 -8.42 -17.32 1.56
N TYR C 607 -8.13 -16.95 2.81
CA TYR C 607 -9.14 -16.56 3.78
C TYR C 607 -8.95 -15.10 4.19
N HIS C 608 -10.05 -14.44 4.50
CA HIS C 608 -10.05 -13.04 4.90
C HIS C 608 -10.21 -12.97 6.41
N VAL C 609 -9.18 -12.49 7.10
CA VAL C 609 -9.17 -12.47 8.56
C VAL C 609 -8.75 -11.09 9.06
N TYR C 610 -9.01 -10.85 10.35
CA TYR C 610 -8.68 -9.59 10.99
C TYR C 610 -7.55 -9.78 12.00
N SER C 611 -6.56 -8.90 11.93
CA SER C 611 -5.50 -8.80 12.91
C SER C 611 -5.72 -7.55 13.73
N PHE C 612 -5.76 -7.69 15.05
CA PHE C 612 -6.18 -6.64 15.95
C PHE C 612 -4.96 -6.02 16.62
N ARG C 613 -4.82 -4.71 16.52
CA ARG C 613 -3.73 -3.97 17.14
C ARG C 613 -4.30 -2.69 17.73
N ASN C 614 -4.19 -2.54 19.05
CA ASN C 614 -4.77 -1.44 19.83
C ASN C 614 -6.27 -1.46 19.56
N VAL C 615 -6.91 -0.33 19.22
CA VAL C 615 -8.31 -0.32 18.83
C VAL C 615 -8.53 -0.87 17.43
N GLN C 616 -7.51 -0.85 16.58
CA GLN C 616 -7.65 -0.96 15.14
C GLN C 616 -7.61 -2.41 14.68
N GLN C 617 -8.20 -2.64 13.50
CA GLN C 617 -8.21 -3.94 12.85
C GLN C 617 -7.64 -3.80 11.45
N ILE C 618 -6.84 -4.79 11.03
CA ILE C 618 -6.27 -4.84 9.70
C ILE C 618 -6.77 -6.11 9.03
N GLY C 619 -7.36 -5.97 7.85
CA GLY C 619 -7.84 -7.12 7.10
C GLY C 619 -6.73 -7.70 6.26
N ILE C 620 -6.37 -8.94 6.54
CA ILE C 620 -5.31 -9.64 5.84
C ILE C 620 -5.86 -10.90 5.19
N LEU C 621 -5.08 -11.43 4.26
CA LEU C 621 -5.42 -12.64 3.52
C LEU C 621 -4.43 -13.73 3.91
N LYS C 622 -4.95 -14.86 4.37
CA LYS C 622 -4.13 -15.92 4.92
C LYS C 622 -4.36 -17.22 4.14
N PRO C 623 -3.30 -17.91 3.73
CA PRO C 623 -3.49 -19.19 3.04
C PRO C 623 -3.95 -20.29 4.00
N HIS C 624 -4.59 -21.30 3.42
CA HIS C 624 -4.89 -22.51 4.15
C HIS C 624 -3.59 -23.20 4.57
N PRO C 625 -3.46 -23.64 5.82
CA PRO C 625 -2.19 -24.23 6.26
C PRO C 625 -1.79 -25.49 5.51
N ALA C 626 -2.76 -26.25 4.99
CA ALA C 626 -2.43 -27.44 4.20
C ALA C 626 -1.70 -27.06 2.92
N TYR C 627 -2.07 -25.93 2.31
CA TYR C 627 -1.36 -25.44 1.13
C TYR C 627 0.09 -25.10 1.46
N VAL C 628 0.31 -24.46 2.62
CA VAL C 628 1.68 -24.14 3.05
C VAL C 628 2.47 -25.43 3.28
N GLN C 629 1.87 -26.41 3.95
CA GLN C 629 2.56 -27.68 4.21
C GLN C 629 2.89 -28.40 2.91
N LEU C 630 1.96 -28.38 1.95
CA LEU C 630 2.21 -28.97 0.64
C LEU C 630 3.35 -28.25 -0.08
N LEU C 631 3.39 -26.92 0.01
CA LEU C 631 4.43 -26.15 -0.65
C LEU C 631 5.80 -26.46 -0.06
N GLU C 632 5.89 -26.57 1.26
CA GLU C 632 7.19 -26.87 1.87
C GLU C 632 7.59 -28.33 1.67
N LYS C 633 6.60 -29.24 1.60
CA LYS C 633 6.91 -30.65 1.42
C LYS C 633 7.55 -30.90 0.05
N ALA C 634 6.98 -30.33 -1.00
CA ALA C 634 7.64 -30.36 -2.30
C ALA C 634 8.81 -29.39 -2.31
N ALA C 635 9.78 -29.67 -3.17
CA ALA C 635 10.95 -28.82 -3.33
C ALA C 635 10.87 -28.15 -4.70
N GLU C 636 10.75 -26.82 -4.70
CA GLU C 636 10.77 -26.09 -5.96
C GLU C 636 12.21 -25.85 -6.39
N PRO C 637 12.61 -26.31 -7.57
CA PRO C 637 13.95 -26.03 -8.07
C PRO C 637 14.11 -24.69 -8.78
N THR C 638 13.13 -23.80 -8.69
CA THR C 638 13.16 -22.56 -9.44
C THR C 638 12.54 -21.43 -8.64
N LEU C 639 13.22 -20.29 -8.61
CA LEU C 639 12.69 -19.05 -8.07
C LEU C 639 12.47 -18.09 -9.22
N THR C 640 11.60 -17.10 -9.01
CA THR C 640 11.24 -16.17 -10.06
C THR C 640 11.40 -14.74 -9.58
N PHE C 641 12.09 -13.92 -10.38
CA PHE C 641 12.28 -12.49 -10.13
C PHE C 641 11.65 -11.67 -11.25
N GLU C 642 11.44 -10.39 -10.97
CA GLU C 642 11.08 -9.44 -12.00
C GLU C 642 12.32 -8.99 -12.77
N ALA C 643 12.09 -8.36 -13.91
CA ALA C 643 13.20 -7.88 -14.74
C ALA C 643 13.88 -6.67 -14.11
N VAL C 644 13.11 -5.83 -13.41
CA VAL C 644 13.68 -4.65 -12.78
C VAL C 644 14.58 -5.00 -11.61
N ASP C 645 14.33 -6.13 -10.94
CA ASP C 645 15.06 -6.51 -9.75
C ASP C 645 16.35 -7.27 -10.06
N VAL C 646 16.69 -7.41 -11.34
CA VAL C 646 17.85 -8.18 -11.78
C VAL C 646 18.82 -7.21 -12.45
N PRO C 647 20.14 -7.36 -12.25
CA PRO C 647 21.09 -6.46 -12.91
C PRO C 647 21.03 -6.56 -14.43
N MET C 648 21.32 -5.44 -15.07
CA MET C 648 21.29 -5.35 -16.53
C MET C 648 22.45 -6.13 -17.14
N LEU C 649 22.27 -6.55 -18.39
CA LEU C 649 23.30 -7.28 -19.13
C LEU C 649 23.93 -6.43 -20.23
N CYS C 650 23.54 -5.17 -20.35
CA CYS C 650 24.07 -4.25 -21.33
C CYS C 650 24.38 -2.94 -20.60
N PRO C 651 25.19 -2.07 -21.19
CA PRO C 651 25.37 -0.72 -20.64
C PRO C 651 24.03 -0.01 -20.51
N PRO C 652 23.72 0.55 -19.36
CA PRO C 652 22.41 1.19 -19.17
C PRO C 652 22.28 2.46 -20.01
N LEU C 653 21.03 2.79 -20.29
CA LEU C 653 20.73 3.92 -21.13
C LEU C 653 21.09 5.22 -20.41
N PRO C 654 21.60 6.22 -21.13
CA PRO C 654 22.04 7.47 -20.47
C PRO C 654 20.88 8.24 -19.88
N TRP C 655 21.21 9.08 -18.88
CA TRP C 655 20.24 9.95 -18.22
C TRP C 655 20.19 11.26 -18.99
N THR C 656 19.10 11.48 -19.73
CA THR C 656 18.93 12.71 -20.49
C THR C 656 17.81 13.59 -19.95
N SER C 657 16.98 13.10 -19.05
CA SER C 657 15.84 13.84 -18.52
C SER C 657 15.43 13.16 -17.22
N PRO C 658 14.69 13.88 -16.35
CA PRO C 658 14.20 13.23 -15.12
C PRO C 658 13.24 12.07 -15.36
N HIS C 659 12.71 11.89 -16.57
CA HIS C 659 11.85 10.75 -16.87
C HIS C 659 12.53 9.67 -17.69
N SER C 660 13.27 10.04 -18.73
CA SER C 660 14.01 9.07 -19.53
C SER C 660 15.31 8.68 -18.85
N GLY C 661 15.61 7.39 -18.85
CA GLY C 661 16.74 6.93 -18.06
C GLY C 661 17.16 5.48 -18.17
N ALA C 662 17.37 4.85 -17.02
CA ALA C 662 18.28 3.71 -16.90
C ALA C 662 17.82 2.49 -17.69
N PHE C 663 16.59 2.04 -17.45
CA PHE C 663 16.09 0.82 -18.07
C PHE C 663 15.64 1.08 -19.50
N LEU C 664 15.76 0.07 -20.34
CA LEU C 664 15.50 0.23 -21.77
C LEU C 664 14.03 0.54 -22.04
N LEU C 665 13.12 -0.27 -21.49
CA LEU C 665 11.70 -0.13 -21.76
C LEU C 665 10.90 0.23 -20.51
N SER C 666 11.28 -0.31 -19.36
CA SER C 666 10.57 -0.01 -18.12
C SER C 666 10.80 1.43 -17.70
N PRO C 667 9.82 2.08 -17.08
CA PRO C 667 9.98 3.48 -16.68
C PRO C 667 10.58 3.62 -15.28
N THR C 668 11.52 4.55 -15.17
CA THR C 668 12.24 4.80 -13.93
C THR C 668 12.38 6.30 -13.74
N LYS C 669 12.17 6.76 -12.51
CA LYS C 669 12.25 8.17 -12.16
C LYS C 669 13.54 8.45 -11.39
N LEU C 670 14.00 9.70 -11.50
CA LEU C 670 15.23 10.10 -10.82
C LEU C 670 15.12 9.99 -9.31
N MET C 671 14.01 10.46 -8.75
CA MET C 671 13.86 10.58 -7.30
C MET C 671 12.92 9.51 -6.78
N ARG C 672 13.44 8.67 -5.88
CA ARG C 672 12.71 7.51 -5.39
C ARG C 672 12.02 7.82 -4.06
N THR C 673 11.17 8.82 -4.07
CA THR C 673 10.48 9.26 -2.86
C THR C 673 8.98 9.04 -3.02
N VAL C 674 8.41 8.29 -2.08
CA VAL C 674 6.96 8.10 -2.06
C VAL C 674 6.28 9.34 -1.48
N GLU C 675 6.83 9.90 -0.41
CA GLU C 675 6.26 11.08 0.21
C GLU C 675 6.54 12.32 -0.63
N GLY C 676 5.48 13.08 -0.92
CA GLY C 676 5.58 14.27 -1.73
C GLY C 676 6.13 14.00 -3.12
N ALA C 677 5.62 12.94 -3.76
CA ALA C 677 6.22 12.46 -5.00
C ALA C 677 6.11 13.46 -6.14
N THR C 678 5.01 14.22 -6.19
CA THR C 678 4.78 15.12 -7.31
C THR C 678 5.62 16.40 -7.23
N GLN C 679 5.87 16.90 -6.03
CA GLN C 679 6.52 18.20 -5.89
C GLN C 679 7.99 18.15 -6.29
N HIS C 680 8.70 17.06 -5.93
CA HIS C 680 10.09 16.91 -6.35
C HIS C 680 10.20 16.88 -7.86
N GLN C 681 9.31 16.13 -8.52
CA GLN C 681 9.33 16.03 -9.97
C GLN C 681 8.99 17.37 -10.62
N GLU C 682 8.04 18.10 -10.04
CA GLU C 682 7.69 19.42 -10.59
C GLU C 682 8.85 20.40 -10.47
N LEU C 683 9.56 20.37 -9.33
CA LEU C 683 10.74 21.22 -9.18
C LEU C 683 11.84 20.80 -10.15
N LEU C 684 11.99 19.50 -10.40
CA LEU C 684 13.03 19.03 -11.31
C LEU C 684 12.73 19.42 -12.75
N GLU C 685 11.46 19.35 -13.17
CA GLU C 685 11.12 19.71 -14.54
C GLU C 685 10.99 21.23 -14.71
N THR C 686 10.85 21.97 -13.61
CA THR C 686 10.70 23.42 -13.69
C THR C 686 12.04 24.13 -13.95
N CYS C 687 13.15 23.55 -13.48
CA CYS C 687 14.43 24.24 -13.44
C CYS C 687 14.96 24.52 -14.86
N PRO C 688 15.91 25.45 -15.00
CA PRO C 688 16.51 25.67 -16.30
C PRO C 688 17.18 24.41 -16.81
N PRO C 689 17.22 24.22 -18.14
CA PRO C 689 17.72 22.95 -18.69
C PRO C 689 19.16 22.65 -18.36
N THR C 690 20.00 23.66 -18.20
CA THR C 690 21.42 23.45 -17.95
C THR C 690 21.76 23.25 -16.49
N ALA C 691 20.77 23.20 -15.60
CA ALA C 691 21.06 23.12 -14.17
C ALA C 691 21.53 21.73 -13.76
N LEU C 692 20.95 20.68 -14.35
CA LEU C 692 21.11 19.33 -13.83
C LEU C 692 22.10 18.48 -14.61
N HIS C 693 22.95 19.08 -15.45
CA HIS C 693 23.88 18.26 -16.24
C HIS C 693 24.89 17.54 -15.36
N GLY C 694 25.34 18.17 -14.27
CA GLY C 694 26.33 17.53 -13.41
C GLY C 694 25.81 16.26 -12.75
N ALA C 695 24.60 16.32 -12.20
CA ALA C 695 24.04 15.14 -11.53
C ALA C 695 23.72 14.04 -12.52
N LEU C 696 23.14 14.38 -13.67
CA LEU C 696 22.83 13.39 -14.69
C LEU C 696 24.10 12.73 -15.24
N ASP C 697 25.14 13.52 -15.49
CA ASP C 697 26.40 12.95 -15.97
C ASP C 697 27.07 12.08 -14.93
N ALA C 698 27.03 12.47 -13.66
CA ALA C 698 27.62 11.65 -12.60
C ALA C 698 26.87 10.33 -12.45
N LEU C 699 25.53 10.38 -12.52
CA LEU C 699 24.76 9.15 -12.44
C LEU C 699 25.00 8.24 -13.64
N THR C 700 25.15 8.81 -14.83
CA THR C 700 25.50 8.01 -16.01
C THR C 700 26.86 7.36 -15.85
N GLN C 701 27.84 8.11 -15.32
CA GLN C 701 29.17 7.57 -15.09
C GLN C 701 29.14 6.43 -14.08
N LEU C 702 28.36 6.60 -13.00
CA LEU C 702 28.23 5.53 -12.02
C LEU C 702 27.52 4.32 -12.62
N GLY C 703 26.60 4.54 -13.55
CA GLY C 703 25.93 3.42 -14.20
C GLY C 703 26.79 2.68 -15.20
N ASN C 704 27.79 3.35 -15.78
CA ASN C 704 28.60 2.73 -16.81
C ASN C 704 29.63 1.74 -16.28
N CYS C 705 29.78 1.59 -14.96
CA CYS C 705 30.81 0.73 -14.41
C CYS C 705 30.50 -0.74 -14.67
N ALA C 706 31.52 -1.49 -15.06
CA ALA C 706 31.37 -2.91 -15.37
C ALA C 706 31.78 -3.75 -14.16
N TRP C 707 30.99 -4.78 -13.88
CA TRP C 707 31.15 -5.60 -12.69
C TRP C 707 31.24 -7.07 -13.07
N ARG C 708 31.95 -7.85 -12.24
CA ARG C 708 31.98 -9.30 -12.36
C ARG C 708 31.96 -9.94 -10.97
N VAL C 709 31.78 -11.27 -10.94
CA VAL C 709 31.55 -12.00 -9.71
C VAL C 709 32.82 -12.75 -9.32
N ASN C 710 33.20 -12.63 -8.05
CA ASN C 710 34.33 -13.36 -7.47
C ASN C 710 33.83 -14.74 -7.07
N GLY C 711 34.07 -15.74 -7.92
CA GLY C 711 33.52 -17.06 -7.68
C GLY C 711 34.25 -17.83 -6.60
N ARG C 712 35.51 -17.48 -6.33
CA ARG C 712 36.28 -18.20 -5.32
C ARG C 712 35.70 -17.96 -3.92
N VAL C 713 35.28 -16.73 -3.64
CA VAL C 713 34.57 -16.44 -2.39
C VAL C 713 33.20 -17.11 -2.39
N LEU C 714 32.54 -17.12 -3.56
CA LEU C 714 31.21 -17.70 -3.69
C LEU C 714 31.20 -19.18 -3.33
N ASP C 715 32.22 -19.92 -3.76
CA ASP C 715 32.30 -21.35 -3.47
C ASP C 715 32.34 -21.60 -1.96
N LEU C 716 33.15 -20.83 -1.24
CA LEU C 716 33.23 -20.97 0.21
C LEU C 716 31.90 -20.61 0.88
N VAL C 717 31.26 -19.54 0.41
CA VAL C 717 30.01 -19.12 1.04
C VAL C 717 28.92 -20.17 0.84
N LEU C 718 28.81 -20.76 -0.36
CA LEU C 718 27.78 -21.78 -0.53
C LEU C 718 28.17 -23.10 0.12
N GLN C 719 29.47 -23.36 0.29
CA GLN C 719 29.89 -24.50 1.09
C GLN C 719 29.38 -24.39 2.51
N LEU C 720 29.49 -23.20 3.10
CA LEU C 720 28.90 -23.01 4.43
C LEU C 720 27.38 -23.03 4.38
N PHE C 721 26.78 -22.48 3.32
CA PHE C 721 25.33 -22.35 3.24
C PHE C 721 24.64 -23.71 3.18
N GLN C 722 25.13 -24.61 2.34
CA GLN C 722 24.46 -25.91 2.17
C GLN C 722 24.60 -26.78 3.41
N ALA C 723 25.68 -26.62 4.17
CA ALA C 723 25.83 -27.29 5.45
C ALA C 723 25.04 -26.51 6.51
N LYS C 724 25.29 -26.82 7.79
CA LYS C 724 24.64 -26.08 8.87
C LYS C 724 25.08 -24.62 8.88
N GLY C 725 26.34 -24.36 8.58
CA GLY C 725 26.82 -23.01 8.42
C GLY C 725 27.37 -22.41 9.70
N CYS C 726 27.97 -21.24 9.55
CA CYS C 726 28.58 -20.51 10.65
C CYS C 726 27.90 -19.16 10.79
N PRO C 727 27.21 -18.88 11.90
CA PRO C 727 26.44 -17.65 12.00
C PRO C 727 27.22 -16.40 12.41
N GLN C 728 28.44 -16.55 12.93
CA GLN C 728 29.18 -15.36 13.35
C GLN C 728 29.84 -14.67 12.16
N LEU C 729 30.19 -15.41 11.12
CA LEU C 729 30.78 -14.80 9.94
C LEU C 729 29.73 -14.10 9.08
N GLY C 730 28.52 -14.66 9.02
CA GLY C 730 27.45 -14.01 8.30
C GLY C 730 26.49 -14.94 7.58
N VAL C 731 26.89 -16.20 7.39
CA VAL C 731 26.06 -17.16 6.68
C VAL C 731 25.01 -17.69 7.64
N PRO C 732 23.71 -17.53 7.33
CA PRO C 732 22.66 -17.91 8.28
C PRO C 732 22.48 -19.43 8.37
N ALA C 733 22.19 -19.91 9.57
CA ALA C 733 21.91 -21.31 9.80
C ALA C 733 20.46 -21.64 9.42
N PRO C 734 20.17 -22.90 9.08
CA PRO C 734 18.80 -23.26 8.75
C PRO C 734 17.90 -23.18 9.96
N PRO C 735 16.61 -22.88 9.78
CA PRO C 735 15.69 -22.86 10.93
C PRO C 735 15.48 -24.23 11.55
N SER C 736 15.68 -25.31 10.78
CA SER C 736 15.44 -26.65 11.30
C SER C 736 16.47 -27.03 12.37
N GLU C 737 17.68 -26.50 12.26
CA GLU C 737 18.71 -26.81 13.25
C GLU C 737 18.37 -26.18 14.60
N ALA C 738 17.81 -24.98 14.60
CA ALA C 738 17.49 -24.29 15.83
C ALA C 738 16.33 -24.98 16.56
N PRO C 739 16.29 -24.87 17.90
CA PRO C 739 15.15 -25.41 18.66
C PRO C 739 13.88 -24.60 18.43
N GLU C 761 8.01 -21.21 27.43
CA GLU C 761 9.13 -21.75 26.66
C GLU C 761 8.73 -21.99 25.21
N LEU C 762 7.42 -22.12 24.98
CA LEU C 762 6.93 -22.39 23.63
C LEU C 762 7.03 -21.14 22.75
N ALA C 763 6.67 -19.98 23.28
CA ALA C 763 6.71 -18.75 22.49
C ALA C 763 8.14 -18.40 22.08
N HIS C 764 9.10 -18.66 22.97
CA HIS C 764 10.50 -18.40 22.65
C HIS C 764 10.96 -19.24 21.47
N CYS C 765 10.65 -20.54 21.49
CA CYS C 765 11.08 -21.43 20.42
C CYS C 765 10.31 -21.15 19.13
N GLN C 766 9.10 -20.60 19.25
CA GLN C 766 8.38 -20.18 18.05
C GLN C 766 9.01 -18.94 17.43
N LYS C 767 9.45 -17.99 18.26
CA LYS C 767 9.99 -16.73 17.73
C LYS C 767 11.40 -16.89 17.17
N VAL C 768 12.24 -17.71 17.81
CA VAL C 768 13.63 -17.82 17.38
C VAL C 768 13.68 -18.49 16.00
N ALA C 769 12.80 -19.45 15.75
CA ALA C 769 12.74 -20.06 14.42
C ALA C 769 12.21 -19.06 13.39
N ARG C 770 11.27 -18.21 13.80
CA ARG C 770 10.68 -17.22 12.89
C ARG C 770 11.73 -16.26 12.35
N GLU C 771 12.61 -15.76 13.23
CA GLU C 771 13.57 -14.76 12.76
C GLU C 771 14.60 -15.34 11.78
N MET C 772 15.11 -16.54 12.04
CA MET C 772 16.06 -17.12 11.10
C MET C 772 15.38 -17.59 9.83
N HIS C 773 14.11 -18.01 9.90
CA HIS C 773 13.38 -18.29 8.68
C HIS C 773 13.13 -17.03 7.87
N SER C 774 13.06 -15.87 8.52
CA SER C 774 13.00 -14.60 7.78
C SER C 774 14.33 -14.31 7.08
N LEU C 775 15.46 -14.50 7.79
CA LEU C 775 16.74 -14.11 7.22
C LEU C 775 17.20 -15.07 6.11
N ARG C 776 16.94 -16.36 6.27
CA ARG C 776 17.51 -17.33 5.35
C ARG C 776 16.91 -17.23 3.95
N ALA C 777 15.66 -16.76 3.85
CA ALA C 777 15.06 -16.56 2.52
C ALA C 777 15.81 -15.49 1.74
N GLU C 778 16.15 -14.38 2.40
CA GLU C 778 16.93 -13.32 1.74
C GLU C 778 18.32 -13.82 1.37
N ALA C 779 18.94 -14.59 2.27
CA ALA C 779 20.26 -15.15 1.96
C ALA C 779 20.18 -16.07 0.73
N LEU C 780 19.14 -16.92 0.67
CA LEU C 780 18.96 -17.82 -0.45
C LEU C 780 18.74 -17.06 -1.75
N TYR C 781 17.94 -16.00 -1.72
CA TYR C 781 17.68 -15.22 -2.92
C TYR C 781 18.97 -14.58 -3.45
N ARG C 782 19.76 -13.97 -2.56
CA ARG C 782 20.99 -13.33 -3.01
C ARG C 782 21.98 -14.35 -3.55
N LEU C 783 22.12 -15.50 -2.87
CA LEU C 783 23.07 -16.52 -3.35
C LEU C 783 22.64 -17.09 -4.70
N SER C 784 21.34 -17.32 -4.89
CA SER C 784 20.87 -17.86 -6.16
C SER C 784 21.06 -16.85 -7.30
N LEU C 785 20.80 -15.57 -7.04
CA LEU C 785 21.05 -14.55 -8.06
C LEU C 785 22.53 -14.42 -8.37
N ALA C 786 23.39 -14.55 -7.34
CA ALA C 786 24.83 -14.49 -7.58
C ALA C 786 25.30 -15.67 -8.42
N GLN C 787 24.79 -16.86 -8.15
CA GLN C 787 25.15 -18.02 -8.97
C GLN C 787 24.64 -17.89 -10.39
N HIS C 788 23.49 -17.22 -10.58
CA HIS C 788 22.97 -17.03 -11.93
C HIS C 788 23.91 -16.16 -12.76
N LEU C 789 24.48 -15.11 -12.17
CA LEU C 789 25.40 -14.22 -12.85
C LEU C 789 26.86 -14.59 -12.63
N ARG C 790 27.16 -15.88 -12.43
CA ARG C 790 28.50 -16.30 -12.04
C ARG C 790 29.53 -16.03 -13.13
N ASP C 791 29.16 -16.28 -14.39
CA ASP C 791 30.08 -16.04 -15.51
C ASP C 791 29.36 -15.17 -16.54
N ARG C 792 29.36 -13.86 -16.30
CA ARG C 792 28.77 -12.83 -17.13
C ARG C 792 29.26 -11.47 -16.65
N VAL C 793 29.14 -10.47 -17.52
CA VAL C 793 29.42 -9.08 -17.17
C VAL C 793 28.10 -8.35 -17.04
N PHE C 794 27.98 -7.49 -16.02
CA PHE C 794 26.71 -6.85 -15.75
C PHE C 794 26.93 -5.43 -15.24
N TRP C 795 25.88 -4.61 -15.34
CA TRP C 795 25.89 -3.21 -14.98
C TRP C 795 24.76 -2.93 -13.99
N LEU C 796 25.01 -2.02 -13.05
CA LEU C 796 24.02 -1.63 -12.07
C LEU C 796 23.63 -0.18 -12.26
N PRO C 797 22.38 0.13 -12.59
CA PRO C 797 21.95 1.53 -12.67
C PRO C 797 21.89 2.18 -11.30
N HIS C 798 21.78 3.50 -11.30
CA HIS C 798 21.71 4.29 -10.08
C HIS C 798 20.64 5.35 -10.19
N ASN C 799 20.15 5.80 -9.04
CA ASN C 799 19.32 7.00 -8.95
C ASN C 799 19.59 7.64 -7.59
N MET C 800 18.87 8.71 -7.28
CA MET C 800 19.10 9.43 -6.04
C MET C 800 17.79 9.81 -5.36
N ASP C 801 17.82 9.88 -4.04
CA ASP C 801 16.67 10.35 -3.27
C ASP C 801 16.68 11.87 -3.20
N PHE C 802 15.79 12.43 -2.37
CA PHE C 802 15.60 13.88 -2.36
C PHE C 802 16.78 14.63 -1.76
N ARG C 803 17.59 13.97 -0.94
CA ARG C 803 18.77 14.59 -0.34
C ARG C 803 19.99 14.56 -1.25
N GLY C 804 19.95 13.78 -2.33
CA GLY C 804 21.07 13.64 -3.22
C GLY C 804 21.89 12.38 -3.05
N ARG C 805 21.53 11.50 -2.11
CA ARG C 805 22.28 10.27 -1.90
C ARG C 805 21.98 9.27 -3.01
N THR C 806 23.04 8.69 -3.58
CA THR C 806 22.93 7.83 -4.75
C THR C 806 22.82 6.38 -4.32
N TYR C 807 21.75 5.71 -4.75
CA TYR C 807 21.44 4.33 -4.45
C TYR C 807 21.22 3.54 -5.74
N PRO C 808 21.62 2.28 -5.79
CA PRO C 808 21.31 1.45 -6.95
C PRO C 808 19.83 1.11 -7.02
N CYS C 809 19.38 0.79 -8.24
CA CYS C 809 17.98 0.50 -8.52
C CYS C 809 17.52 -0.91 -8.13
N PRO C 810 18.29 -1.99 -8.37
CA PRO C 810 17.86 -3.31 -7.88
C PRO C 810 17.75 -3.34 -6.37
N PRO C 811 16.76 -4.07 -5.83
CA PRO C 811 16.50 -3.98 -4.39
C PRO C 811 17.51 -4.71 -3.52
N HIS C 812 17.91 -5.92 -3.89
CA HIS C 812 18.70 -6.75 -3.00
C HIS C 812 20.10 -7.09 -3.50
N PHE C 813 20.31 -7.20 -4.80
CA PHE C 813 21.64 -7.51 -5.32
C PHE C 813 22.47 -6.27 -5.63
N ASN C 814 22.16 -5.14 -4.99
CA ASN C 814 23.03 -3.99 -5.07
C ASN C 814 24.36 -4.29 -4.37
N HIS C 815 25.41 -3.60 -4.81
CA HIS C 815 26.75 -3.82 -4.25
C HIS C 815 26.87 -3.32 -2.81
N LEU C 816 25.93 -2.52 -2.34
CA LEU C 816 25.90 -2.15 -0.93
C LEU C 816 25.35 -3.30 -0.10
N GLY C 817 25.66 -3.29 1.18
CA GLY C 817 25.13 -4.28 2.09
C GLY C 817 26.17 -4.67 3.14
N SER C 818 26.33 -5.98 3.31
CA SER C 818 27.24 -6.52 4.30
C SER C 818 28.57 -6.90 3.66
N ASP C 819 29.42 -7.59 4.44
CA ASP C 819 30.72 -8.00 3.93
C ASP C 819 30.60 -9.06 2.85
N VAL C 820 29.66 -9.99 3.00
CA VAL C 820 29.50 -11.08 2.04
C VAL C 820 29.00 -10.56 0.69
N ALA C 821 28.26 -9.44 0.69
CA ALA C 821 27.82 -8.85 -0.58
C ALA C 821 28.99 -8.22 -1.33
N ARG C 822 29.84 -7.47 -0.60
CA ARG C 822 30.95 -6.79 -1.26
C ARG C 822 32.09 -7.74 -1.59
N ALA C 823 32.15 -8.90 -0.92
CA ALA C 823 33.23 -9.84 -1.17
C ALA C 823 33.10 -10.50 -2.55
N LEU C 824 31.87 -10.65 -3.05
CA LEU C 824 31.63 -11.39 -4.28
C LEU C 824 31.82 -10.56 -5.54
N LEU C 825 31.93 -9.23 -5.42
CA LEU C 825 31.88 -8.34 -6.57
C LEU C 825 33.25 -7.70 -6.79
N GLU C 826 33.70 -7.66 -8.03
CA GLU C 826 34.94 -6.98 -8.37
C GLU C 826 34.82 -6.36 -9.76
N PHE C 827 35.83 -5.59 -10.15
CA PHE C 827 35.82 -4.94 -11.45
C PHE C 827 36.05 -5.95 -12.56
N ALA C 828 35.61 -5.58 -13.77
CA ALA C 828 35.80 -6.42 -14.94
C ALA C 828 36.96 -5.98 -15.82
N GLN C 829 37.37 -4.72 -15.74
CA GLN C 829 38.50 -4.20 -16.49
C GLN C 829 39.67 -4.04 -15.54
N GLY C 830 40.86 -4.46 -15.97
CA GLY C 830 42.04 -4.49 -15.13
C GLY C 830 43.06 -3.45 -15.54
N ARG C 831 43.71 -2.86 -14.54
CA ARG C 831 44.81 -1.96 -14.79
C ARG C 831 46.06 -2.44 -14.07
N PRO C 832 47.25 -2.29 -14.68
CA PRO C 832 48.47 -2.76 -14.05
C PRO C 832 48.75 -2.04 -12.74
N LEU C 833 49.41 -2.76 -11.82
CA LEU C 833 49.61 -2.26 -10.47
C LEU C 833 50.54 -1.04 -10.44
N GLY C 834 51.49 -0.98 -11.36
CA GLY C 834 52.43 0.12 -11.37
C GLY C 834 53.48 -0.02 -10.30
N PRO C 835 54.33 1.00 -10.14
CA PRO C 835 55.35 0.94 -9.10
C PRO C 835 54.81 0.90 -7.67
N HIS C 836 53.65 1.49 -7.42
CA HIS C 836 53.20 1.75 -6.06
C HIS C 836 51.87 1.08 -5.71
N GLY C 837 51.30 0.27 -6.59
CA GLY C 837 50.00 -0.32 -6.32
C GLY C 837 50.00 -1.34 -5.20
N LEU C 838 51.05 -2.15 -5.13
CA LEU C 838 51.08 -3.26 -4.17
C LEU C 838 51.21 -2.76 -2.74
N ASP C 839 51.90 -1.63 -2.54
CA ASP C 839 51.92 -0.99 -1.24
C ASP C 839 50.51 -0.58 -0.81
N TRP C 840 49.73 -0.05 -1.75
CA TRP C 840 48.36 0.32 -1.45
C TRP C 840 47.49 -0.90 -1.15
N LEU C 841 47.74 -2.02 -1.83
CA LEU C 841 47.03 -3.24 -1.49
C LEU C 841 47.34 -3.71 -0.07
N LYS C 842 48.61 -3.65 0.34
CA LYS C 842 48.96 -4.01 1.70
C LYS C 842 48.32 -3.07 2.73
N ILE C 843 48.33 -1.76 2.46
CA ILE C 843 47.71 -0.82 3.39
C ILE C 843 46.21 -1.05 3.47
N HIS C 844 45.57 -1.40 2.35
CA HIS C 844 44.14 -1.72 2.36
C HIS C 844 43.87 -2.97 3.19
N LEU C 845 44.74 -3.98 3.09
CA LEU C 845 44.57 -5.18 3.91
C LEU C 845 44.68 -4.86 5.40
N VAL C 846 45.67 -4.05 5.77
CA VAL C 846 45.81 -3.65 7.18
C VAL C 846 44.62 -2.81 7.64
N ASN C 847 44.08 -1.97 6.77
CA ASN C 847 42.89 -1.19 7.11
C ASN C 847 41.68 -2.09 7.35
N LEU C 848 41.49 -3.11 6.53
CA LEU C 848 40.37 -4.02 6.75
C LEU C 848 40.60 -4.98 7.90
N THR C 849 41.85 -5.14 8.34
CA THR C 849 42.12 -6.00 9.50
C THR C 849 41.45 -5.47 10.76
N GLY C 850 41.44 -4.15 10.94
CA GLY C 850 40.87 -3.53 12.10
C GLY C 850 41.86 -3.12 13.15
N LEU C 851 43.11 -3.56 13.02
CA LEU C 851 44.19 -3.18 13.91
C LEU C 851 44.96 -2.01 13.30
N LYS C 852 45.85 -1.44 14.10
CA LYS C 852 46.78 -0.39 13.65
C LYS C 852 46.04 0.84 13.10
N LYS C 853 44.93 1.20 13.74
CA LYS C 853 44.13 2.33 13.30
C LYS C 853 44.68 3.67 13.76
N ARG C 854 45.67 3.68 14.65
CA ARG C 854 46.24 4.90 15.20
C ARG C 854 47.67 5.10 14.76
N GLU C 855 48.04 4.57 13.60
CA GLU C 855 49.43 4.53 13.18
C GLU C 855 49.61 5.19 11.83
N PRO C 856 50.80 5.70 11.54
CA PRO C 856 51.09 6.22 10.20
C PRO C 856 51.09 5.11 9.15
N LEU C 857 51.26 5.53 7.90
CA LEU C 857 51.16 4.59 6.78
C LEU C 857 52.33 3.62 6.75
N ARG C 858 53.53 4.09 7.10
CA ARG C 858 54.71 3.24 7.05
C ARG C 858 54.65 2.14 8.12
N LYS C 859 54.08 2.44 9.28
CA LYS C 859 53.87 1.41 10.29
C LYS C 859 52.90 0.35 9.81
N ARG C 860 51.83 0.77 9.11
CA ARG C 860 50.88 -0.19 8.55
C ARG C 860 51.56 -1.10 7.52
N LEU C 861 52.40 -0.51 6.66
CA LEU C 861 53.10 -1.31 5.65
C LEU C 861 54.10 -2.27 6.29
N ALA C 862 54.80 -1.83 7.35
CA ALA C 862 55.72 -2.71 8.05
C ALA C 862 54.99 -3.87 8.73
N PHE C 863 53.82 -3.59 9.31
CA PHE C 863 53.01 -4.65 9.90
C PHE C 863 52.56 -5.65 8.82
N ALA C 864 52.18 -5.14 7.65
CA ALA C 864 51.81 -6.02 6.55
C ALA C 864 52.97 -6.89 6.11
N GLU C 865 54.19 -6.33 6.11
CA GLU C 865 55.37 -7.13 5.80
C GLU C 865 55.64 -8.17 6.88
N GLU C 866 55.33 -7.86 8.14
CA GLU C 866 55.52 -8.83 9.22
C GLU C 866 54.48 -9.95 9.21
N VAL C 867 53.30 -9.73 8.62
CA VAL C 867 52.28 -10.76 8.64
C VAL C 867 52.14 -11.44 7.27
N MET C 868 53.24 -11.45 6.50
CA MET C 868 53.21 -12.00 5.15
C MET C 868 52.86 -13.48 5.14
N ASP C 869 53.49 -14.26 6.01
CA ASP C 869 53.24 -15.70 6.05
C ASP C 869 51.81 -15.99 6.49
N ASP C 870 51.29 -15.19 7.42
CA ASP C 870 49.92 -15.37 7.87
C ASP C 870 48.92 -15.12 6.74
N ILE C 871 49.14 -14.06 5.94
CA ILE C 871 48.19 -13.82 4.86
C ILE C 871 48.36 -14.86 3.74
N LEU C 872 49.58 -15.37 3.52
CA LEU C 872 49.73 -16.42 2.52
C LEU C 872 49.03 -17.71 2.96
N ASP C 873 49.11 -18.05 4.24
CA ASP C 873 48.41 -19.23 4.75
C ASP C 873 46.90 -19.02 4.67
N SER C 874 46.43 -17.80 4.97
CA SER C 874 45.01 -17.51 4.86
C SER C 874 44.52 -17.52 3.42
N ALA C 875 45.40 -17.27 2.45
CA ALA C 875 45.01 -17.31 1.05
C ALA C 875 45.01 -18.73 0.48
N ASP C 876 46.07 -19.50 0.76
CA ASP C 876 46.18 -20.84 0.17
C ASP C 876 45.18 -21.81 0.80
N GLN C 877 45.00 -21.77 2.11
CA GLN C 877 44.11 -22.67 2.84
C GLN C 877 43.17 -21.83 3.68
N PRO C 878 42.02 -21.44 3.12
CA PRO C 878 41.13 -20.52 3.85
C PRO C 878 40.47 -21.15 5.06
N LEU C 879 40.00 -22.39 4.96
CA LEU C 879 39.25 -23.03 6.03
C LEU C 879 40.04 -24.09 6.79
N THR C 880 40.98 -24.77 6.14
CA THR C 880 41.75 -25.80 6.81
C THR C 880 42.93 -25.24 7.59
N GLY C 881 43.28 -23.99 7.37
CA GLY C 881 44.48 -23.40 7.95
C GLY C 881 44.29 -22.88 9.36
N ARG C 882 45.15 -21.94 9.73
CA ARG C 882 45.13 -21.35 11.07
C ARG C 882 43.98 -20.39 11.29
N LYS C 883 43.25 -20.04 10.23
CA LYS C 883 42.03 -19.21 10.32
C LYS C 883 42.34 -17.83 10.91
N TRP C 884 43.34 -17.17 10.34
CA TRP C 884 43.67 -15.81 10.76
C TRP C 884 42.60 -14.82 10.33
N TRP C 885 42.01 -15.03 9.14
CA TRP C 885 41.10 -14.06 8.55
C TRP C 885 39.78 -13.96 9.28
N MET C 886 39.43 -14.93 10.13
CA MET C 886 38.20 -14.83 10.90
C MET C 886 38.31 -13.80 12.01
N GLY C 887 39.53 -13.58 12.53
CA GLY C 887 39.70 -12.66 13.63
C GLY C 887 39.60 -11.21 13.23
N ALA C 888 39.65 -10.92 11.92
CA ALA C 888 39.54 -9.56 11.44
C ALA C 888 38.12 -9.03 11.68
N GLU C 889 38.00 -7.70 11.63
CA GLU C 889 36.69 -7.08 11.83
C GLU C 889 35.73 -7.44 10.70
N GLU C 890 36.22 -7.44 9.46
CA GLU C 890 35.42 -7.82 8.30
C GLU C 890 36.13 -8.97 7.57
N PRO C 891 35.75 -10.21 7.83
CA PRO C 891 36.57 -11.36 7.42
C PRO C 891 36.65 -11.62 5.91
N TRP C 892 35.52 -11.57 5.21
CA TRP C 892 35.50 -11.97 3.80
C TRP C 892 36.30 -11.03 2.93
N GLN C 893 36.19 -9.72 3.19
CA GLN C 893 36.97 -8.75 2.43
C GLN C 893 38.46 -8.92 2.68
N THR C 894 38.82 -9.25 3.93
CA THR C 894 40.21 -9.55 4.25
C THR C 894 40.69 -10.78 3.50
N LEU C 895 39.84 -11.80 3.37
CA LEU C 895 40.21 -12.99 2.61
C LEU C 895 40.43 -12.67 1.14
N ALA C 896 39.56 -11.83 0.55
CA ALA C 896 39.72 -11.44 -0.84
C ALA C 896 41.01 -10.66 -1.06
N CYS C 897 41.32 -9.72 -0.15
CA CYS C 897 42.58 -8.99 -0.25
C CYS C 897 43.78 -9.92 -0.06
N CYS C 898 43.62 -10.93 0.79
CA CYS C 898 44.69 -11.91 0.99
C CYS C 898 44.99 -12.65 -0.30
N MET C 899 43.93 -13.10 -1.00
CA MET C 899 44.14 -13.79 -2.27
C MET C 899 44.78 -12.89 -3.31
N GLU C 900 44.33 -11.62 -3.39
CA GLU C 900 44.91 -10.71 -4.37
C GLU C 900 46.38 -10.40 -4.09
N VAL C 901 46.72 -10.13 -2.82
CA VAL C 901 48.11 -9.84 -2.47
C VAL C 901 48.99 -11.08 -2.67
N ALA C 902 48.48 -12.28 -2.36
CA ALA C 902 49.25 -13.49 -2.62
C ALA C 902 49.53 -13.68 -4.10
N ASN C 903 48.52 -13.47 -4.95
CA ASN C 903 48.74 -13.59 -6.39
C ASN C 903 49.68 -12.52 -6.90
N ALA C 904 49.68 -11.34 -6.27
CA ALA C 904 50.59 -10.27 -6.69
C ALA C 904 52.02 -10.58 -6.32
N VAL C 905 52.25 -11.12 -5.11
CA VAL C 905 53.63 -11.35 -4.66
C VAL C 905 54.21 -12.59 -5.32
N ARG C 906 53.38 -13.59 -5.61
CA ARG C 906 53.92 -14.81 -6.23
C ARG C 906 54.15 -14.67 -7.73
N ALA C 907 53.78 -13.54 -8.32
CA ALA C 907 54.05 -13.33 -9.74
C ALA C 907 55.54 -13.08 -9.96
N SER C 908 55.96 -13.21 -11.22
CA SER C 908 57.35 -12.97 -11.57
C SER C 908 57.70 -11.49 -11.42
N ASP C 909 56.98 -10.62 -12.13
CA ASP C 909 57.14 -9.18 -11.98
C ASP C 909 56.05 -8.66 -11.07
N PRO C 910 56.37 -8.06 -9.93
CA PRO C 910 55.31 -7.46 -9.09
C PRO C 910 54.54 -6.36 -9.80
N ALA C 911 55.19 -5.56 -10.62
CA ALA C 911 54.49 -4.64 -11.50
C ALA C 911 54.02 -5.38 -12.74
N ALA C 912 53.25 -4.68 -13.57
CA ALA C 912 52.60 -5.22 -14.77
C ALA C 912 51.69 -6.40 -14.47
N TYR C 913 51.15 -6.48 -13.27
CA TYR C 913 50.13 -7.47 -12.91
C TYR C 913 48.78 -6.78 -12.86
N VAL C 914 47.81 -7.31 -13.61
CA VAL C 914 46.50 -6.68 -13.71
C VAL C 914 45.67 -7.06 -12.49
N SER C 915 45.17 -6.05 -11.77
CA SER C 915 44.38 -6.24 -10.58
C SER C 915 42.97 -5.69 -10.79
N HIS C 916 41.98 -6.47 -10.38
CA HIS C 916 40.57 -6.11 -10.55
C HIS C 916 39.91 -5.83 -9.21
N LEU C 917 40.70 -5.44 -8.21
CA LEU C 917 40.22 -5.33 -6.85
C LEU C 917 40.04 -3.86 -6.47
N PRO C 918 38.86 -3.47 -5.98
CA PRO C 918 38.67 -2.09 -5.55
C PRO C 918 39.47 -1.76 -4.30
N VAL C 919 39.80 -0.48 -4.16
CA VAL C 919 40.49 0.06 -2.99
C VAL C 919 39.66 1.24 -2.48
N HIS C 920 39.50 1.30 -1.15
CA HIS C 920 38.56 2.18 -0.49
C HIS C 920 39.28 3.35 0.17
N GLN C 921 38.68 4.53 0.07
CA GLN C 921 39.11 5.71 0.82
C GLN C 921 37.87 6.33 1.46
N ASP C 922 37.97 6.67 2.74
CA ASP C 922 36.85 7.29 3.44
C ASP C 922 37.33 8.14 4.61
N GLY C 923 36.62 9.22 4.87
CA GLY C 923 36.87 10.00 6.05
C GLY C 923 36.25 9.38 7.28
N SER C 924 36.63 9.90 8.45
CA SER C 924 36.08 9.40 9.69
C SER C 924 34.60 9.75 9.81
N CYS C 925 34.29 11.04 9.85
CA CYS C 925 32.92 11.51 9.87
C CYS C 925 32.86 12.76 8.99
N ASN C 926 32.35 12.61 7.77
CA ASN C 926 32.31 13.72 6.83
C ASN C 926 31.40 14.85 7.27
N GLY C 927 30.41 14.56 8.14
CA GLY C 927 29.60 15.63 8.68
C GLY C 927 30.42 16.59 9.53
N LEU C 928 31.26 16.06 10.40
CA LEU C 928 32.12 16.90 11.22
C LEU C 928 33.15 17.63 10.37
N GLN C 929 33.63 16.97 9.31
CA GLN C 929 34.55 17.62 8.38
C GLN C 929 33.89 18.81 7.70
N HIS C 930 32.64 18.66 7.30
CA HIS C 930 31.93 19.76 6.62
C HIS C 930 31.59 20.89 7.59
N TYR C 931 31.24 20.56 8.83
CA TYR C 931 31.03 21.62 9.82
C TYR C 931 32.33 22.39 10.10
N ALA C 932 33.45 21.66 10.21
CA ALA C 932 34.73 22.31 10.44
C ALA C 932 35.14 23.17 9.26
N ALA C 933 34.84 22.72 8.03
CA ALA C 933 35.14 23.51 6.86
C ALA C 933 34.26 24.76 6.77
N LEU C 934 32.98 24.63 7.15
CA LEU C 934 32.07 25.77 7.05
C LEU C 934 32.40 26.83 8.09
N GLY C 935 32.61 26.41 9.34
CA GLY C 935 32.90 27.37 10.39
C GLY C 935 34.34 27.83 10.49
N ARG C 936 35.24 27.20 9.74
CA ARG C 936 36.68 27.48 9.78
C ARG C 936 37.23 27.34 11.20
N ASP C 937 36.74 26.33 11.92
CA ASP C 937 37.13 26.10 13.31
C ASP C 937 38.47 25.39 13.34
N SER C 938 39.43 25.96 14.06
CA SER C 938 40.77 25.38 14.10
C SER C 938 40.81 24.09 14.89
N VAL C 939 40.14 24.06 16.05
CA VAL C 939 40.13 22.86 16.89
C VAL C 939 39.42 21.71 16.18
N GLY C 940 38.29 22.00 15.54
CA GLY C 940 37.60 20.97 14.79
C GLY C 940 38.39 20.48 13.60
N ALA C 941 39.00 21.41 12.86
CA ALA C 941 39.83 21.03 11.70
C ALA C 941 41.13 20.35 12.10
N ALA C 942 41.49 20.40 13.38
CA ALA C 942 42.59 19.57 13.86
C ALA C 942 42.07 18.20 14.30
N SER C 943 40.89 18.17 14.91
CA SER C 943 40.34 16.92 15.45
C SER C 943 40.02 15.93 14.34
N VAL C 944 39.32 16.39 13.30
CA VAL C 944 39.24 15.65 12.04
C VAL C 944 40.40 16.11 11.17
N ASN C 945 40.87 15.23 10.29
CA ASN C 945 42.18 15.41 9.66
C ASN C 945 42.08 16.41 8.51
N LEU C 946 42.09 17.68 8.85
CA LEU C 946 42.21 18.76 7.88
C LEU C 946 43.51 19.54 8.03
N GLU C 947 44.25 19.31 9.12
CA GLU C 947 45.55 19.91 9.34
C GLU C 947 46.63 18.86 9.15
N PRO C 948 47.68 19.17 8.40
CA PRO C 948 48.72 18.16 8.13
C PRO C 948 49.43 17.72 9.40
N SER C 949 49.50 16.40 9.60
CA SER C 949 50.19 15.83 10.73
C SER C 949 50.78 14.49 10.32
N ASP C 950 51.75 14.02 11.09
CA ASP C 950 52.41 12.76 10.84
C ASP C 950 51.70 11.57 11.48
N VAL C 951 50.77 11.83 12.40
CA VAL C 951 50.03 10.77 13.09
C VAL C 951 48.55 11.05 12.87
N PRO C 952 47.74 10.03 12.59
CA PRO C 952 46.30 10.26 12.41
C PRO C 952 45.61 10.66 13.70
N GLN C 953 44.49 11.35 13.54
CA GLN C 953 43.64 11.76 14.66
C GLN C 953 42.32 11.00 14.58
N ASP C 954 41.79 10.63 15.75
CA ASP C 954 40.57 9.83 15.84
C ASP C 954 39.58 10.55 16.75
N VAL C 955 38.40 10.87 16.22
CA VAL C 955 37.39 11.57 16.99
C VAL C 955 36.74 10.67 18.03
N TYR C 956 36.57 9.38 17.70
CA TYR C 956 35.80 8.49 18.54
C TYR C 956 36.47 8.25 19.88
N SER C 957 37.81 8.24 19.92
CA SER C 957 38.52 8.10 21.17
C SER C 957 38.25 9.29 22.09
N GLY C 958 38.29 10.50 21.54
CA GLY C 958 38.00 11.67 22.36
C GLY C 958 36.57 11.71 22.85
N VAL C 959 35.62 11.35 21.98
CA VAL C 959 34.22 11.32 22.40
C VAL C 959 34.01 10.27 23.49
N ALA C 960 34.63 9.10 23.35
CA ALA C 960 34.52 8.06 24.36
C ALA C 960 35.12 8.51 25.69
N ALA C 961 36.26 9.21 25.63
CA ALA C 961 36.86 9.71 26.86
C ALA C 961 35.96 10.72 27.56
N GLN C 962 35.38 11.65 26.81
CA GLN C 962 34.49 12.64 27.42
C GLN C 962 33.24 12.01 28.00
N VAL C 963 32.66 11.03 27.29
CA VAL C 963 31.47 10.34 27.79
C VAL C 963 31.81 9.53 29.04
N GLU C 964 33.02 8.93 29.08
CA GLU C 964 33.45 8.21 30.28
C GLU C 964 33.60 9.16 31.47
N VAL C 965 34.13 10.36 31.23
CA VAL C 965 34.26 11.34 32.32
C VAL C 965 32.89 11.74 32.85
N PHE C 966 31.95 12.03 31.94
CA PHE C 966 30.61 12.43 32.38
C PHE C 966 29.90 11.30 33.10
N ARG C 967 30.04 10.06 32.62
CA ARG C 967 29.43 8.92 33.29
C ARG C 967 30.03 8.68 34.67
N ARG C 968 31.35 8.83 34.79
CA ARG C 968 32.00 8.63 36.08
C ARG C 968 31.55 9.68 37.09
N GLN C 969 31.42 10.94 36.65
CA GLN C 969 30.96 11.96 37.60
C GLN C 969 29.47 11.82 37.90
N ASP C 970 28.69 11.23 36.98
CA ASP C 970 27.29 10.97 37.27
C ASP C 970 27.09 9.77 38.19
N ALA C 971 28.04 8.82 38.16
CA ALA C 971 27.87 7.59 38.94
C ALA C 971 27.92 7.84 40.44
N GLN C 972 28.65 8.88 40.87
CA GLN C 972 28.75 9.15 42.30
C GLN C 972 27.43 9.62 42.89
N ARG C 973 26.55 10.19 42.06
CA ARG C 973 25.22 10.57 42.51
C ARG C 973 24.35 9.36 42.85
N GLY C 974 24.69 8.19 42.30
CA GLY C 974 23.91 6.99 42.56
C GLY C 974 22.90 6.65 41.49
N MET C 975 22.96 7.30 40.33
CA MET C 975 22.06 6.96 39.24
C MET C 975 22.37 5.55 38.74
N ARG C 976 21.32 4.76 38.53
CA ARG C 976 21.51 3.35 38.18
C ARG C 976 22.11 3.18 36.79
N VAL C 977 21.67 4.00 35.83
CA VAL C 977 22.13 3.83 34.44
C VAL C 977 23.62 4.16 34.33
N ALA C 978 24.13 5.03 35.19
CA ALA C 978 25.55 5.36 35.16
C ALA C 978 26.39 4.21 35.69
N GLN C 979 25.97 3.60 36.80
CA GLN C 979 26.79 2.59 37.46
C GLN C 979 26.61 1.20 36.87
N VAL C 980 25.51 0.93 36.16
CA VAL C 980 25.38 -0.35 35.48
C VAL C 980 26.37 -0.44 34.32
N LEU C 981 26.56 0.65 33.58
CA LEU C 981 27.49 0.71 32.46
C LEU C 981 28.88 0.94 33.00
N GLU C 982 29.63 -0.13 33.24
CA GLU C 982 31.02 -0.03 33.65
C GLU C 982 31.84 -1.08 32.91
N GLY C 983 32.89 -0.65 32.24
CA GLY C 983 33.64 -1.52 31.37
C GLY C 983 32.93 -1.87 30.08
N PHE C 984 31.84 -1.16 29.76
CA PHE C 984 31.03 -1.47 28.60
C PHE C 984 31.09 -0.42 27.51
N ILE C 985 31.59 0.79 27.82
CA ILE C 985 31.68 1.84 26.82
C ILE C 985 32.87 1.51 25.92
N THR C 986 32.60 1.28 24.64
CA THR C 986 33.61 0.85 23.68
C THR C 986 33.58 1.78 22.48
N ARG C 987 34.50 1.53 21.54
CA ARG C 987 34.57 2.35 20.34
C ARG C 987 33.36 2.15 19.44
N LYS C 988 32.87 0.91 19.35
CA LYS C 988 31.79 0.61 18.40
C LYS C 988 30.49 1.32 18.76
N VAL C 989 30.13 1.31 20.05
CA VAL C 989 28.90 1.96 20.48
C VAL C 989 29.01 3.48 20.36
N VAL C 990 30.20 4.03 20.61
CA VAL C 990 30.40 5.47 20.44
C VAL C 990 30.31 5.84 18.96
N LYS C 991 30.84 4.99 18.09
CA LYS C 991 30.73 5.18 16.65
C LYS C 991 29.27 5.23 16.22
N GLN C 992 28.48 4.26 16.68
CA GLN C 992 27.07 4.21 16.30
C GLN C 992 26.30 5.41 16.86
N THR C 993 26.60 5.81 18.09
CA THR C 993 25.92 6.97 18.67
C THR C 993 26.24 8.25 17.91
N VAL C 994 27.51 8.43 17.54
CA VAL C 994 27.90 9.63 16.82
C VAL C 994 27.28 9.64 15.42
N MET C 995 27.26 8.48 14.76
CA MET C 995 26.63 8.41 13.45
C MET C 995 25.14 8.70 13.53
N THR C 996 24.48 8.28 14.62
CA THR C 996 23.07 8.62 14.81
C THR C 996 22.88 10.11 15.06
N VAL C 997 23.77 10.71 15.87
CA VAL C 997 23.59 12.11 16.26
C VAL C 997 23.83 13.04 15.07
N VAL C 998 24.90 12.82 14.32
CA VAL C 998 25.22 13.72 13.20
C VAL C 998 24.33 13.45 12.00
N TYR C 999 24.31 12.20 11.51
CA TYR C 999 23.54 11.84 10.34
C TYR C 999 22.25 11.14 10.75
N GLY C 1000 21.18 11.45 10.04
CA GLY C 1000 19.91 10.79 10.33
C GLY C 1000 19.39 11.04 11.72
N VAL C 1001 19.67 12.21 12.28
CA VAL C 1001 19.13 12.61 13.57
C VAL C 1001 17.63 12.83 13.51
N THR C 1002 17.06 12.89 12.30
CA THR C 1002 15.63 13.03 12.11
C THR C 1002 14.92 11.81 12.66
N ARG C 1003 14.11 11.99 13.70
CA ARG C 1003 13.26 10.93 14.24
C ARG C 1003 14.09 9.73 14.66
N TYR C 1004 14.86 9.90 15.75
CA TYR C 1004 16.01 9.07 16.10
C TYR C 1004 15.75 7.57 15.93
N GLY C 1005 16.41 6.97 14.95
CA GLY C 1005 16.06 5.63 14.51
C GLY C 1005 17.23 4.67 14.57
N GLY C 1006 18.44 5.21 14.71
CA GLY C 1006 19.60 4.37 14.97
C GLY C 1006 19.63 3.81 16.37
N ARG C 1007 18.71 4.25 17.24
CA ARG C 1007 18.66 3.77 18.62
C ARG C 1007 18.48 2.26 18.66
N LEU C 1008 17.65 1.72 17.76
CA LEU C 1008 17.49 0.29 17.60
C LEU C 1008 18.84 -0.36 17.38
N GLN C 1009 19.60 0.16 16.42
CA GLN C 1009 20.97 -0.31 16.20
C GLN C 1009 21.82 -0.08 17.43
N ILE C 1010 21.64 1.07 18.09
CA ILE C 1010 22.33 1.39 19.33
C ILE C 1010 21.98 0.37 20.39
N GLU C 1011 20.74 -0.12 20.37
CA GLU C 1011 20.34 -1.20 21.26
C GLU C 1011 21.10 -2.48 20.95
N LYS C 1012 21.26 -2.80 19.65
CA LYS C 1012 21.72 -4.12 19.23
C LYS C 1012 23.09 -4.47 19.80
N ARG C 1013 24.05 -3.55 19.68
CA ARG C 1013 25.37 -3.77 20.24
C ARG C 1013 25.30 -4.00 21.74
N LEU C 1014 24.51 -3.18 22.43
CA LEU C 1014 24.35 -3.33 23.88
C LEU C 1014 23.68 -4.65 24.21
N ARG C 1015 22.88 -5.18 23.29
CA ARG C 1015 22.29 -6.49 23.52
C ARG C 1015 23.27 -7.61 23.16
N GLU C 1016 24.18 -7.34 22.23
CA GLU C 1016 24.99 -8.43 21.67
C GLU C 1016 26.03 -8.94 22.67
N LEU C 1017 26.72 -8.04 23.35
CA LEU C 1017 27.69 -8.46 24.35
C LEU C 1017 27.00 -9.08 25.56
N SER C 1018 27.56 -10.17 26.07
CA SER C 1018 26.86 -11.04 27.00
C SER C 1018 26.92 -10.58 28.45
N ASP C 1019 27.97 -9.84 28.83
CA ASP C 1019 28.13 -9.46 30.23
C ASP C 1019 27.06 -8.48 30.70
N PHE C 1020 26.48 -7.72 29.77
CA PHE C 1020 25.48 -6.73 30.14
C PHE C 1020 24.17 -7.42 30.53
N PRO C 1021 23.48 -6.91 31.54
CA PRO C 1021 22.10 -7.37 31.82
C PRO C 1021 21.17 -6.87 30.73
N GLN C 1022 20.43 -7.80 30.12
CA GLN C 1022 19.67 -7.48 28.91
C GLN C 1022 18.50 -6.55 29.19
N GLU C 1023 17.80 -6.74 30.32
CA GLU C 1023 16.58 -5.98 30.60
C GLU C 1023 16.85 -4.49 30.77
N PHE C 1024 18.10 -4.10 30.96
CA PHE C 1024 18.48 -2.71 31.13
C PHE C 1024 18.85 -2.03 29.82
N VAL C 1025 18.63 -2.69 28.68
CA VAL C 1025 19.08 -2.11 27.41
C VAL C 1025 18.27 -0.86 27.07
N TRP C 1026 16.96 -0.87 27.33
CA TRP C 1026 16.07 0.17 26.83
C TRP C 1026 16.38 1.52 27.47
N GLU C 1027 16.64 1.54 28.78
CA GLU C 1027 17.02 2.78 29.42
C GLU C 1027 18.46 3.18 29.07
N ALA C 1028 19.30 2.20 28.72
CA ALA C 1028 20.71 2.51 28.49
C ALA C 1028 20.89 3.36 27.24
N SER C 1029 20.26 2.95 26.13
CA SER C 1029 20.45 3.62 24.85
C SER C 1029 20.03 5.09 24.93
N HIS C 1030 18.85 5.35 25.49
CA HIS C 1030 18.35 6.71 25.64
C HIS C 1030 19.31 7.57 26.46
N TYR C 1031 20.04 6.95 27.38
CA TYR C 1031 21.04 7.70 28.12
C TYR C 1031 22.21 8.07 27.22
N LEU C 1032 22.74 7.08 26.48
CA LEU C 1032 24.01 7.25 25.78
C LEU C 1032 23.97 8.41 24.80
N VAL C 1033 22.88 8.49 24.03
CA VAL C 1033 22.72 9.52 23.01
C VAL C 1033 22.89 10.89 23.64
N ARG C 1034 22.22 11.13 24.78
CA ARG C 1034 22.31 12.45 25.41
C ARG C 1034 23.77 12.80 25.69
N GLN C 1035 24.52 11.85 26.25
CA GLN C 1035 25.90 12.11 26.60
C GLN C 1035 26.71 12.49 25.38
N VAL C 1036 26.59 11.71 24.28
CA VAL C 1036 27.46 12.00 23.15
C VAL C 1036 27.08 13.34 22.54
N PHE C 1037 25.78 13.67 22.61
CA PHE C 1037 25.33 14.97 22.11
C PHE C 1037 26.05 16.07 22.87
N LYS C 1038 26.06 15.96 24.20
CA LYS C 1038 26.74 16.95 25.02
C LYS C 1038 28.23 16.98 24.71
N SER C 1039 28.82 15.80 24.48
CA SER C 1039 30.23 15.73 24.15
C SER C 1039 30.50 16.48 22.85
N LEU C 1040 29.63 16.29 21.85
CA LEU C 1040 29.85 16.98 20.58
C LEU C 1040 29.65 18.47 20.72
N GLN C 1041 28.91 18.90 21.75
CA GLN C 1041 28.78 20.33 21.99
C GLN C 1041 30.04 20.88 22.66
N GLU C 1042 30.71 20.05 23.46
CA GLU C 1042 31.85 20.56 24.22
C GLU C 1042 33.09 20.69 23.34
N MET C 1043 33.34 19.70 22.49
CA MET C 1043 34.58 19.66 21.72
C MET C 1043 34.55 20.67 20.57
N PHE C 1044 33.44 20.74 19.85
CA PHE C 1044 33.37 21.47 18.60
C PHE C 1044 32.71 22.82 18.80
N SER C 1045 33.23 23.85 18.13
CA SER C 1045 32.73 25.21 18.34
C SER C 1045 31.72 25.62 17.28
N GLY C 1046 32.11 25.55 16.00
CA GLY C 1046 31.24 26.04 14.94
C GLY C 1046 30.00 25.19 14.73
N THR C 1047 30.06 23.92 15.11
CA THR C 1047 28.91 23.03 14.98
C THR C 1047 27.73 23.54 15.78
N ARG C 1048 27.99 24.05 16.99
CA ARG C 1048 26.92 24.58 17.84
C ARG C 1048 26.21 25.74 17.18
N ALA C 1049 26.98 26.74 16.72
CA ALA C 1049 26.38 27.92 16.10
C ALA C 1049 25.63 27.56 14.83
N ILE C 1050 26.22 26.70 13.99
CA ILE C 1050 25.59 26.35 12.73
C ILE C 1050 24.30 25.57 12.96
N GLN C 1051 24.33 24.58 13.86
CA GLN C 1051 23.11 23.81 14.13
C GLN C 1051 22.03 24.69 14.73
N HIS C 1052 22.40 25.61 15.63
CA HIS C 1052 21.42 26.52 16.21
C HIS C 1052 20.77 27.40 15.15
N TRP C 1053 21.57 27.94 14.23
CA TRP C 1053 21.02 28.83 13.20
C TRP C 1053 20.12 28.08 12.23
N LEU C 1054 20.55 26.90 11.77
CA LEU C 1054 19.71 26.09 10.89
C LEU C 1054 18.41 25.68 11.56
N THR C 1055 18.48 25.27 12.84
CA THR C 1055 17.28 24.87 13.55
C THR C 1055 16.31 26.03 13.72
N GLU C 1056 16.82 27.22 14.07
CA GLU C 1056 15.95 28.38 14.24
C GLU C 1056 15.30 28.79 12.92
N SER C 1057 16.07 28.76 11.82
CA SER C 1057 15.50 29.12 10.52
C SER C 1057 14.43 28.11 10.10
N ALA C 1058 14.67 26.83 10.34
CA ALA C 1058 13.67 25.82 10.02
C ALA C 1058 12.39 26.01 10.84
N ARG C 1059 12.54 26.32 12.13
CA ARG C 1059 11.39 26.61 12.98
C ARG C 1059 10.58 27.78 12.45
N LEU C 1060 11.24 28.89 12.15
CA LEU C 1060 10.50 30.10 11.78
C LEU C 1060 9.91 29.97 10.37
N ILE C 1061 10.55 29.17 9.51
CA ILE C 1061 9.95 28.91 8.20
C ILE C 1061 8.72 28.02 8.33
N SER C 1062 8.81 26.97 9.16
CA SER C 1062 7.70 26.03 9.28
C SER C 1062 6.51 26.66 9.98
N HIS C 1063 6.75 27.62 10.88
CA HIS C 1063 5.63 28.29 11.54
C HIS C 1063 4.81 29.13 10.57
N MET C 1064 5.42 29.57 9.48
CA MET C 1064 4.71 30.37 8.47
C MET C 1064 3.92 29.52 7.50
N GLY C 1065 3.94 28.20 7.64
CA GLY C 1065 3.17 27.33 6.76
C GLY C 1065 3.87 26.90 5.50
N SER C 1066 5.19 27.00 5.43
CA SER C 1066 5.95 26.66 4.23
C SER C 1066 6.98 25.58 4.57
N VAL C 1067 7.07 24.57 3.72
CA VAL C 1067 8.11 23.56 3.86
C VAL C 1067 9.45 24.15 3.45
N VAL C 1068 10.52 23.56 3.98
CA VAL C 1068 11.87 24.10 3.77
C VAL C 1068 12.39 23.67 2.41
N GLU C 1069 12.92 24.63 1.65
CA GLU C 1069 13.40 24.42 0.30
C GLU C 1069 14.72 25.15 0.09
N TRP C 1070 15.65 24.54 -0.63
CA TRP C 1070 16.88 25.22 -0.99
C TRP C 1070 17.43 24.65 -2.29
N VAL C 1071 18.60 25.15 -2.69
CA VAL C 1071 19.26 24.79 -3.93
C VAL C 1071 20.72 24.47 -3.63
N THR C 1072 21.18 23.31 -4.12
CA THR C 1072 22.56 22.89 -3.91
C THR C 1072 23.51 23.75 -4.73
N PRO C 1073 24.81 23.75 -4.40
CA PRO C 1073 25.77 24.47 -5.25
C PRO C 1073 25.87 23.93 -6.67
N LEU C 1074 25.46 22.69 -6.92
CA LEU C 1074 25.48 22.13 -8.26
C LEU C 1074 24.18 22.37 -9.02
N GLY C 1075 23.22 23.08 -8.44
CA GLY C 1075 22.01 23.46 -9.13
C GLY C 1075 20.81 22.56 -8.90
N VAL C 1076 20.95 21.52 -8.09
CA VAL C 1076 19.84 20.60 -7.87
C VAL C 1076 18.94 21.15 -6.76
N PRO C 1077 17.64 21.32 -7.01
CA PRO C 1077 16.74 21.83 -5.96
C PRO C 1077 16.32 20.72 -5.00
N VAL C 1078 16.22 21.06 -3.71
CA VAL C 1078 15.85 20.11 -2.67
C VAL C 1078 14.71 20.70 -1.86
N ILE C 1079 13.68 19.88 -1.61
CA ILE C 1079 12.56 20.24 -0.75
C ILE C 1079 12.26 19.03 0.15
N GLN C 1080 11.70 19.30 1.37
CA GLN C 1080 11.57 18.28 2.41
C GLN C 1080 10.18 17.68 2.43
N PRO C 1081 10.06 16.35 2.44
CA PRO C 1081 8.72 15.72 2.46
C PRO C 1081 8.22 15.39 3.85
N TYR C 1082 7.82 16.40 4.63
CA TYR C 1082 7.20 16.18 5.93
C TYR C 1082 5.93 17.03 6.01
N ARG C 1083 4.79 16.37 6.20
CA ARG C 1083 3.51 17.05 6.29
C ARG C 1083 2.60 16.24 7.20
N LEU C 1084 1.57 16.90 7.72
CA LEU C 1084 0.65 16.26 8.65
C LEU C 1084 -0.27 15.29 7.90
N ASP C 1085 -1.12 14.60 8.67
CA ASP C 1085 -1.96 13.55 8.12
C ASP C 1085 -2.98 14.13 7.15
N SER C 1086 -3.14 13.47 6.01
CA SER C 1086 -4.06 13.87 4.97
C SER C 1086 -5.40 13.19 5.14
N LYS C 1087 -6.40 13.68 4.42
CA LYS C 1087 -7.71 13.06 4.45
C LYS C 1087 -7.66 11.69 3.77
N VAL C 1088 -8.05 10.66 4.51
CA VAL C 1088 -8.06 9.29 4.03
C VAL C 1088 -9.43 9.00 3.45
N LYS C 1089 -9.46 8.39 2.28
CA LYS C 1089 -10.72 8.09 1.61
C LYS C 1089 -10.90 6.57 1.49
N GLN C 1090 -12.17 6.17 1.40
CA GLN C 1090 -12.56 4.78 1.49
C GLN C 1090 -13.26 4.34 0.22
N ILE C 1091 -13.14 3.05 -0.08
CA ILE C 1091 -13.83 2.40 -1.18
C ILE C 1091 -14.60 1.21 -0.63
N GLY C 1092 -15.90 1.18 -0.91
CA GLY C 1092 -16.74 0.08 -0.49
C GLY C 1092 -16.80 -1.04 -1.53
N GLY C 1093 -17.38 -2.15 -1.12
CA GLY C 1093 -17.43 -3.31 -1.97
C GLY C 1093 -17.93 -4.52 -1.21
N GLY C 1094 -17.72 -5.68 -1.81
CA GLY C 1094 -18.20 -6.92 -1.25
C GLY C 1094 -17.40 -7.42 -0.06
N ILE C 1095 -16.11 -7.68 -0.26
CA ILE C 1095 -15.32 -8.34 0.77
C ILE C 1095 -14.99 -7.38 1.92
N GLN C 1096 -14.72 -6.12 1.60
CA GLN C 1096 -14.12 -5.22 2.58
C GLN C 1096 -14.14 -3.80 2.02
N SER C 1097 -14.20 -2.82 2.92
CA SER C 1097 -14.00 -1.42 2.57
C SER C 1097 -12.55 -1.05 2.86
N ILE C 1098 -11.87 -0.50 1.85
CA ILE C 1098 -10.45 -0.18 1.95
C ILE C 1098 -10.30 1.31 2.18
N THR C 1099 -9.22 1.70 2.84
CA THR C 1099 -8.91 3.10 3.13
C THR C 1099 -7.52 3.43 2.61
N TYR C 1100 -7.35 4.63 2.08
CA TYR C 1100 -6.06 5.04 1.52
C TYR C 1100 -5.83 6.53 1.78
N THR C 1101 -4.58 6.88 2.02
CA THR C 1101 -4.18 8.28 2.02
C THR C 1101 -4.15 8.80 0.58
N HIS C 1102 -4.67 10.00 0.38
CA HIS C 1102 -4.74 10.61 -0.94
C HIS C 1102 -3.57 11.58 -1.07
N ASN C 1103 -2.62 11.25 -1.94
CA ASN C 1103 -1.43 12.07 -2.12
C ASN C 1103 -1.76 13.39 -2.80
N GLY C 1104 -0.97 14.42 -2.50
CA GLY C 1104 -1.14 15.71 -3.13
C GLY C 1104 -2.35 16.49 -2.63
N ASP C 1105 -2.70 16.34 -1.35
CA ASP C 1105 -3.81 17.09 -0.78
C ASP C 1105 -3.35 18.48 -0.38
N ILE C 1106 -4.13 19.50 -0.76
CA ILE C 1106 -3.76 20.88 -0.49
C ILE C 1106 -3.82 21.18 1.01
N SER C 1107 -4.76 20.54 1.72
CA SER C 1107 -4.99 20.87 3.12
C SER C 1107 -3.85 20.39 4.02
N ARG C 1108 -2.93 19.58 3.47
CA ARG C 1108 -1.75 19.17 4.22
C ARG C 1108 -0.87 20.37 4.57
N LYS C 1109 -0.40 20.41 5.80
CA LYS C 1109 0.37 21.51 6.35
C LYS C 1109 1.68 20.99 6.93
N PRO C 1110 2.71 21.84 7.05
CA PRO C 1110 4.02 21.37 7.56
C PRO C 1110 3.99 20.79 8.96
N ASN C 1111 4.84 19.80 9.21
CA ASN C 1111 4.98 19.15 10.51
C ASN C 1111 6.26 19.73 11.09
N THR C 1112 6.10 20.63 12.07
CA THR C 1112 7.21 21.42 12.59
C THR C 1112 8.25 20.56 13.29
N ARG C 1113 7.81 19.50 13.96
CA ARG C 1113 8.73 18.60 14.64
C ARG C 1113 9.67 17.91 13.66
N LYS C 1114 9.17 17.50 12.51
CA LYS C 1114 10.00 16.81 11.53
C LYS C 1114 10.75 17.78 10.62
N GLN C 1115 10.21 18.99 10.42
CA GLN C 1115 10.86 19.99 9.59
C GLN C 1115 11.87 20.82 10.35
N LYS C 1116 12.06 20.54 11.64
CA LYS C 1116 13.06 21.24 12.45
C LYS C 1116 14.29 20.36 12.64
N ASN C 1117 14.07 19.13 13.09
CA ASN C 1117 15.13 18.16 13.33
C ASN C 1117 15.64 17.53 12.04
N GLY C 1118 15.19 17.97 10.87
CA GLY C 1118 15.63 17.39 9.63
C GLY C 1118 16.57 18.27 8.83
N PHE C 1119 16.48 19.57 9.02
CA PHE C 1119 17.26 20.51 8.22
C PHE C 1119 18.78 20.39 8.40
N PRO C 1120 19.35 20.27 9.61
CA PRO C 1120 20.81 20.21 9.73
C PRO C 1120 21.44 18.97 9.10
N PRO C 1121 20.89 17.75 9.24
CA PRO C 1121 21.53 16.62 8.56
C PRO C 1121 21.34 16.61 7.05
N ASN C 1122 20.19 17.09 6.55
CA ASN C 1122 19.92 17.04 5.12
C ASN C 1122 20.87 17.95 4.34
N PHE C 1123 21.20 19.12 4.91
CA PHE C 1123 22.15 20.02 4.26
C PHE C 1123 23.53 19.38 4.14
N ILE C 1124 23.96 18.67 5.19
CA ILE C 1124 25.24 17.98 5.15
C ILE C 1124 25.22 16.84 4.14
N HIS C 1125 24.07 16.15 4.04
CA HIS C 1125 23.92 15.11 3.03
C HIS C 1125 24.07 15.67 1.62
N SER C 1126 23.46 16.83 1.37
CA SER C 1126 23.58 17.47 0.06
C SER C 1126 25.03 17.89 -0.22
N LEU C 1127 25.73 18.39 0.79
CA LEU C 1127 27.15 18.72 0.62
C LEU C 1127 27.99 17.48 0.30
N ASP C 1128 27.71 16.36 0.96
CA ASP C 1128 28.38 15.09 0.65
C ASP C 1128 28.17 14.70 -0.80
N SER C 1129 26.91 14.77 -1.26
CA SER C 1129 26.60 14.41 -2.64
C SER C 1129 27.31 15.33 -3.63
N SER C 1130 27.36 16.62 -3.32
CA SER C 1130 28.04 17.58 -4.20
C SER C 1130 29.52 17.27 -4.31
N HIS C 1131 30.17 16.98 -3.18
CA HIS C 1131 31.61 16.67 -3.20
C HIS C 1131 31.88 15.40 -3.98
N MET C 1132 31.05 14.36 -3.80
CA MET C 1132 31.23 13.13 -4.55
C MET C 1132 31.04 13.34 -6.04
N MET C 1133 30.05 14.14 -6.42
CA MET C 1133 29.79 14.39 -7.84
C MET C 1133 30.94 15.14 -8.48
N LEU C 1134 31.48 16.16 -7.78
CA LEU C 1134 32.63 16.89 -8.31
C LEU C 1134 33.83 15.98 -8.48
N THR C 1135 34.09 15.12 -7.49
CA THR C 1135 35.23 14.22 -7.57
C THR C 1135 35.09 13.24 -8.73
N ALA C 1136 33.89 12.69 -8.93
CA ALA C 1136 33.65 11.78 -10.04
C ALA C 1136 33.86 12.46 -11.39
N LEU C 1137 33.27 13.65 -11.55
CA LEU C 1137 33.37 14.36 -12.83
C LEU C 1137 34.80 14.78 -13.14
N HIS C 1138 35.60 15.11 -12.12
CA HIS C 1138 37.00 15.45 -12.40
C HIS C 1138 37.95 14.26 -12.40
N CYS C 1139 37.50 13.08 -11.97
CA CYS C 1139 38.31 11.88 -12.20
C CYS C 1139 37.99 11.21 -13.53
N TYR C 1140 36.85 11.54 -14.16
CA TYR C 1140 36.56 10.98 -15.47
C TYR C 1140 37.54 11.45 -16.54
N ARG C 1141 37.96 12.71 -16.47
CA ARG C 1141 38.79 13.28 -17.53
C ARG C 1141 40.20 12.69 -17.54
N LYS C 1142 40.65 12.13 -16.42
CA LYS C 1142 41.97 11.53 -16.33
C LYS C 1142 41.97 10.04 -16.63
N GLY C 1143 40.81 9.45 -16.89
CA GLY C 1143 40.75 8.04 -17.27
C GLY C 1143 40.77 7.11 -16.08
N LEU C 1144 39.94 7.37 -15.08
CA LEU C 1144 39.87 6.56 -13.88
C LEU C 1144 38.47 6.02 -13.68
N THR C 1145 38.38 4.80 -13.15
CA THR C 1145 37.12 4.20 -12.77
C THR C 1145 36.81 4.59 -11.33
N PHE C 1146 35.62 5.14 -11.10
CA PHE C 1146 35.24 5.68 -9.81
C PHE C 1146 33.91 5.08 -9.39
N VAL C 1147 33.84 4.55 -8.16
CA VAL C 1147 32.59 4.07 -7.60
C VAL C 1147 32.40 4.72 -6.23
N SER C 1148 31.15 4.93 -5.85
CA SER C 1148 30.81 5.52 -4.55
C SER C 1148 29.88 4.56 -3.82
N VAL C 1149 30.36 3.99 -2.72
CA VAL C 1149 29.60 3.02 -1.93
C VAL C 1149 29.50 3.53 -0.51
N HIS C 1150 28.29 3.89 -0.09
CA HIS C 1150 28.00 4.46 1.23
C HIS C 1150 28.87 5.70 1.40
N ASP C 1151 29.75 5.78 2.40
CA ASP C 1151 30.62 6.91 2.64
C ASP C 1151 32.01 6.71 2.06
N CYS C 1152 32.19 5.66 1.26
CA CYS C 1152 33.50 5.23 0.79
C CYS C 1152 33.62 5.45 -0.72
N TYR C 1153 34.84 5.75 -1.15
CA TYR C 1153 35.17 5.94 -2.56
C TYR C 1153 36.07 4.79 -3.00
N TRP C 1154 35.67 4.10 -4.08
CA TRP C 1154 36.37 2.92 -4.56
C TRP C 1154 37.04 3.22 -5.90
N THR C 1155 38.32 2.86 -5.99
CA THR C 1155 39.11 3.07 -7.20
C THR C 1155 40.15 1.95 -7.29
N HIS C 1156 40.60 1.66 -8.51
CA HIS C 1156 41.69 0.71 -8.74
C HIS C 1156 42.94 1.14 -7.97
N ALA C 1157 43.74 0.14 -7.59
CA ALA C 1157 44.88 0.37 -6.70
C ALA C 1157 45.96 1.22 -7.34
N ALA C 1158 46.02 1.26 -8.67
CA ALA C 1158 47.07 2.03 -9.34
C ALA C 1158 46.84 3.53 -9.20
N ASP C 1159 45.59 3.96 -9.18
CA ASP C 1159 45.27 5.38 -9.28
C ASP C 1159 44.89 6.02 -7.96
N VAL C 1160 44.92 5.27 -6.85
CA VAL C 1160 44.47 5.82 -5.56
C VAL C 1160 45.34 6.98 -5.10
N SER C 1161 46.52 7.14 -5.70
CA SER C 1161 47.30 8.35 -5.47
C SER C 1161 46.65 9.55 -6.13
N VAL C 1162 46.45 9.48 -7.46
CA VAL C 1162 46.01 10.67 -8.20
C VAL C 1162 44.58 11.06 -7.82
N MET C 1163 43.70 10.08 -7.58
CA MET C 1163 42.38 10.36 -7.05
C MET C 1163 42.48 11.11 -5.73
N ASN C 1164 43.40 10.69 -4.86
CA ASN C 1164 43.57 11.36 -3.57
C ASN C 1164 43.98 12.81 -3.74
N GLN C 1165 44.60 13.17 -4.86
CA GLN C 1165 44.86 14.57 -5.13
C GLN C 1165 43.55 15.30 -5.44
N VAL C 1166 42.77 14.74 -6.37
CA VAL C 1166 41.57 15.42 -6.85
C VAL C 1166 40.57 15.60 -5.71
N CYS C 1167 40.39 14.56 -4.91
CA CYS C 1167 39.46 14.60 -3.78
C CYS C 1167 39.79 15.72 -2.81
N ARG C 1168 41.06 16.13 -2.77
CA ARG C 1168 41.40 17.27 -1.92
C ARG C 1168 41.08 18.58 -2.61
N GLU C 1169 41.47 18.72 -3.89
CA GLU C 1169 41.36 20.02 -4.55
C GLU C 1169 39.91 20.46 -4.67
N GLN C 1170 39.02 19.54 -5.03
CA GLN C 1170 37.60 19.88 -5.11
C GLN C 1170 37.05 20.31 -3.76
N PHE C 1171 37.54 19.70 -2.66
CA PHE C 1171 37.11 20.13 -1.33
C PHE C 1171 37.56 21.56 -1.05
N VAL C 1172 38.67 21.99 -1.66
CA VAL C 1172 39.09 23.37 -1.52
C VAL C 1172 38.30 24.28 -2.44
N ARG C 1173 37.75 23.75 -3.54
CA ARG C 1173 37.02 24.57 -4.50
C ARG C 1173 35.52 24.65 -4.20
N LEU C 1174 34.97 23.64 -3.53
CA LEU C 1174 33.58 23.73 -3.10
C LEU C 1174 33.44 24.69 -1.93
N HIS C 1175 34.40 24.68 -1.01
CA HIS C 1175 34.34 25.48 0.20
C HIS C 1175 35.03 26.83 0.06
N SER C 1176 35.49 27.18 -1.15
CA SER C 1176 35.97 28.52 -1.43
C SER C 1176 34.87 29.43 -1.95
N GLU C 1177 33.62 28.95 -1.94
CA GLU C 1177 32.46 29.71 -2.34
C GLU C 1177 31.58 29.99 -1.12
N PRO C 1178 30.85 31.11 -1.11
CA PRO C 1178 30.00 31.42 0.05
C PRO C 1178 28.79 30.51 0.14
N ILE C 1179 28.97 29.30 0.68
CA ILE C 1179 27.87 28.34 0.77
C ILE C 1179 26.79 28.87 1.70
N LEU C 1180 27.18 29.38 2.86
CA LEU C 1180 26.21 29.89 3.83
C LEU C 1180 25.64 31.23 3.38
N GLN C 1181 26.47 32.09 2.79
CA GLN C 1181 26.01 33.42 2.45
C GLN C 1181 25.12 33.40 1.21
N ASP C 1182 25.31 32.43 0.31
CA ASP C 1182 24.37 32.27 -0.79
C ASP C 1182 23.01 31.79 -0.30
N LEU C 1183 22.97 30.93 0.73
CA LEU C 1183 21.70 30.67 1.40
C LEU C 1183 21.11 31.94 1.98
N SER C 1184 21.95 32.77 2.59
CA SER C 1184 21.46 34.01 3.20
C SER C 1184 20.82 34.93 2.16
N ARG C 1185 21.38 35.00 0.95
CA ARG C 1185 20.76 35.82 -0.10
C ARG C 1185 19.67 35.11 -0.89
N PHE C 1186 19.59 33.78 -0.86
CA PHE C 1186 18.57 33.09 -1.64
C PHE C 1186 17.29 32.90 -0.83
N LEU C 1187 17.43 32.60 0.46
CA LEU C 1187 16.27 32.35 1.29
C LEU C 1187 15.46 33.62 1.51
N VAL C 1188 16.11 34.78 1.52
CA VAL C 1188 15.38 36.03 1.67
C VAL C 1188 14.57 36.34 0.41
N LYS C 1189 15.06 35.98 -0.77
CA LYS C 1189 14.29 36.20 -1.99
C LYS C 1189 13.15 35.20 -2.10
N ARG C 1190 13.39 33.95 -1.73
CA ARG C 1190 12.34 32.93 -1.85
C ARG C 1190 11.24 33.16 -0.82
N PHE C 1191 11.61 33.44 0.43
CA PHE C 1191 10.67 33.39 1.54
C PHE C 1191 10.37 34.74 2.16
N CYS C 1192 11.36 35.64 2.23
CA CYS C 1192 11.22 36.88 2.98
C CYS C 1192 11.06 38.10 2.08
N SER C 1193 10.63 37.91 0.83
CA SER C 1193 10.40 38.99 -0.11
C SER C 1193 8.92 39.06 -0.49
N GLU C 1194 8.04 38.81 0.47
CA GLU C 1194 6.61 38.83 0.23
C GLU C 1194 5.94 39.91 1.07
N PRO C 1195 5.04 40.71 0.49
CA PRO C 1195 4.38 41.77 1.26
C PRO C 1195 3.05 41.38 1.88
N GLN C 1196 2.60 40.13 1.70
CA GLN C 1196 1.28 39.75 2.21
C GLN C 1196 1.22 39.77 3.73
N LYS C 1197 2.25 39.26 4.41
CA LYS C 1197 2.33 39.31 5.87
C LYS C 1197 3.76 39.65 6.29
N ILE C 1198 3.99 40.95 6.51
CA ILE C 1198 5.31 41.43 6.92
C ILE C 1198 5.58 41.22 8.40
N LEU C 1199 4.56 40.82 9.18
CA LEU C 1199 4.70 40.76 10.64
C LEU C 1199 5.75 39.74 11.07
N GLU C 1200 5.74 38.57 10.45
CA GLU C 1200 6.75 37.55 10.74
C GLU C 1200 7.92 37.60 9.77
N ALA C 1201 7.74 38.22 8.60
CA ALA C 1201 8.87 38.42 7.70
C ALA C 1201 9.91 39.34 8.33
N SER C 1202 9.46 40.36 9.07
CA SER C 1202 10.39 41.26 9.75
C SER C 1202 11.20 40.51 10.80
N GLN C 1203 10.59 39.56 11.51
CA GLN C 1203 11.32 38.78 12.50
C GLN C 1203 12.27 37.79 11.84
N LEU C 1204 11.82 37.12 10.79
CA LEU C 1204 12.62 36.10 10.13
C LEU C 1204 13.76 36.68 9.29
N LYS C 1205 13.69 37.96 8.93
CA LYS C 1205 14.72 38.55 8.08
C LYS C 1205 16.07 38.64 8.79
N GLU C 1206 16.09 38.95 10.09
CA GLU C 1206 17.36 39.05 10.80
C GLU C 1206 18.03 37.70 10.95
N THR C 1207 17.27 36.66 11.33
CA THR C 1207 17.86 35.35 11.49
C THR C 1207 18.19 34.72 10.14
N LEU C 1208 17.53 35.16 9.06
CA LEU C 1208 17.95 34.71 7.75
C LEU C 1208 19.22 35.42 7.28
N GLN C 1209 19.51 36.59 7.86
CA GLN C 1209 20.72 37.33 7.56
C GLN C 1209 21.78 37.19 8.65
N ALA C 1210 21.61 36.26 9.58
CA ALA C 1210 22.57 36.01 10.65
C ALA C 1210 23.34 34.75 10.29
N VAL C 1211 24.53 34.93 9.72
CA VAL C 1211 25.42 33.85 9.34
C VAL C 1211 26.62 33.86 10.26
N PRO C 1212 26.98 32.73 10.88
CA PRO C 1212 28.09 32.73 11.83
C PRO C 1212 29.41 33.14 11.19
N LYS C 1213 30.22 33.86 11.95
CA LYS C 1213 31.49 34.35 11.44
C LYS C 1213 32.48 33.20 11.30
N PRO C 1214 33.33 33.24 10.27
CA PRO C 1214 34.36 32.21 10.14
C PRO C 1214 35.47 32.41 11.16
N GLY C 1215 36.20 31.33 11.41
CA GLY C 1215 37.31 31.32 12.33
C GLY C 1215 38.63 31.64 11.66
N ALA C 1216 39.70 31.04 12.18
CA ALA C 1216 41.05 31.26 11.67
C ALA C 1216 41.67 29.90 11.33
N PHE C 1217 41.42 29.44 10.12
CA PHE C 1217 41.98 28.19 9.63
C PHE C 1217 42.19 28.32 8.13
N ASP C 1218 43.39 27.98 7.66
CA ASP C 1218 43.72 28.11 6.25
C ASP C 1218 43.25 26.87 5.51
N LEU C 1219 42.36 27.06 4.54
CA LEU C 1219 41.75 25.93 3.85
C LEU C 1219 42.73 25.25 2.90
N GLU C 1220 43.65 26.03 2.30
CA GLU C 1220 44.60 25.49 1.32
C GLU C 1220 45.50 24.42 1.92
N GLN C 1221 45.70 24.43 3.24
CA GLN C 1221 46.50 23.40 3.90
C GLN C 1221 45.92 22.00 3.71
N VAL C 1222 44.62 21.90 3.43
CA VAL C 1222 44.00 20.60 3.18
C VAL C 1222 44.64 19.94 1.96
N LYS C 1223 45.16 20.74 1.03
CA LYS C 1223 45.86 20.18 -0.13
C LYS C 1223 47.07 19.36 0.27
N ARG C 1224 47.70 19.69 1.39
CA ARG C 1224 48.90 18.97 1.83
C ARG C 1224 48.61 17.94 2.91
N SER C 1225 47.35 17.80 3.33
CA SER C 1225 47.01 16.81 4.35
C SER C 1225 47.09 15.40 3.77
N THR C 1226 47.79 14.51 4.46
CA THR C 1226 48.01 13.15 3.99
C THR C 1226 47.21 12.11 4.75
N TYR C 1227 46.32 12.53 5.65
CA TYR C 1227 45.36 11.61 6.27
C TYR C 1227 43.94 12.16 6.20
N PHE C 1228 43.68 13.09 5.27
CA PHE C 1228 42.34 13.67 5.14
C PHE C 1228 41.32 12.59 4.77
N PHE C 1229 41.60 11.86 3.69
CA PHE C 1229 40.91 10.61 3.38
C PHE C 1229 41.92 9.49 3.44
N SER C 1230 41.66 8.49 4.28
CA SER C 1230 42.58 7.38 4.47
C SER C 1230 41.84 6.07 4.59
#